data_4NCB
#
_entry.id   4NCB
#
_cell.length_a   84.736
_cell.length_b   105.363
_cell.length_c   92.058
_cell.angle_alpha   90.00
_cell.angle_beta   94.25
_cell.angle_gamma   90.00
#
_symmetry.space_group_name_H-M   'P 1 21 1'
#
loop_
_entity.id
_entity.type
_entity.pdbx_description
1 polymer Argonaute
2 polymer "5'-D(P*TP*GP*AP*GP*GP*TP*AP*GP*TP*AP*GP*GP*TP*TP*GP*TP*AP*TP*AP*GP*T)-3'"
3 polymer "5'-D(*TP*AP*TP*AP*CP*AP*AP*CP*C)-3'"
4 polymer "5'-D(*TP*AP*TP*AP*CP*AP*AP*CP*CP*TP*AP*CP*TP*AP*CP*CP*TP*CP*G)-3'"
5 polymer "5'-D(P*TP*AP*CP*TP*AP*CP*CP*TP*CP*G)-3'"
6 non-polymer "THYMIDINE-5'-PHOSPHATE"
7 non-polymer 'MAGNESIUM ION'
8 water water
#
loop_
_entity_poly.entity_id
_entity_poly.type
_entity_poly.pdbx_seq_one_letter_code
_entity_poly.pdbx_strand_id
1 'polypeptide(L)'
;MNHLGKTEVFLNRFALRPLNPEELRPWRLEVVLDPPPGREEVYPLLAQVARRAGGVTVRMGDGLASWSPPEVLVLEGTLA
RMGQTYAYRLYPKGRRPLDPKDPGERSVLSALARRLLQERLRRLEGVWVEGLAVYRREHARGPGWRVLGGAVLDLWVSDS
GAFLLEVDPAYRILCEMSLEAWLAQGHPLPKRVRNAYDRRTWELLRLGEEDPKELPLPGGLSLLDYHASKGRLQGREGGR
VAWVADPKDPRKPIPHLTGLLVPVLTLEDLHEEEGSLALSLPWEERRRRTREIASWIGRRLGLGTPEAVRAQAYRLSIPK
LMGRRAVSKPADALRVGFYRAQETALALLRLDGAQGWPEFLRRALLRAFGASGASLRLHTLHAHPSQGLAFREALRKAKE
EGVQAVLVLTPPMAWEDRNRLKALLLREGLPSQILNVPLREEERHRWENALLGLLAKAGLQVVALSGAYPAELAVGFDAG
GRESFRFGGAACAVGGDGGHLLWTLPEAQAGERIPQEVVWDLLEETLWAFRRKAGRLPSRVLLLRDGRVPQDEFALALEA
LAREGIAYDLVSVRKSGGGRVYPVQGRLADGLYVPLEDKTFLLLTVHRDFRGTPRPLKLVHEAGDTPLEALAHQIFHLTR
LYPASGFAFPRLPAPLHLADRLVKEVGRLGIRHLKEVDREKLFFV
;
A,B
2 'polydeoxyribonucleotide'
;(DT)(DG)(DA)(DG)(DG)(DT)(DA)(DG)(DT)(DA)(DG)(DG)(DT)(DT)(DG)(DT)(DA)(DT)(DA)(DG)
(DT)
;
C,E
3 'polydeoxyribonucleotide' (DT)(DA)(DT)(DA)(DC)(DA)(DA)(DC)(DC) P,H
4 'polydeoxyribonucleotide' (DT)(DA)(DT)(DA)(DC)(DA)(DA)(DC)(DC)(DT)(DA)(DC)(DT)(DA)(DC)(DC)(DT)(DC)(DG) D
5 'polydeoxyribonucleotide' (DT)(DA)(DC)(DT)(DA)(DC)(DC)(DT)(DC)(DG) F
#
# COMPACT_ATOMS: atom_id res chain seq x y z
N GLY A 5 -17.32 -8.13 -43.85
CA GLY A 5 -17.70 -9.41 -44.39
C GLY A 5 -18.34 -10.32 -43.35
N LYS A 6 -19.58 -10.71 -43.60
CA LYS A 6 -20.30 -11.58 -42.67
C LYS A 6 -19.65 -12.95 -42.61
N THR A 7 -19.81 -13.62 -41.48
CA THR A 7 -19.38 -15.01 -41.34
C THR A 7 -20.04 -15.60 -40.09
N GLU A 8 -19.77 -16.86 -39.79
CA GLU A 8 -20.38 -17.47 -38.62
C GLU A 8 -19.35 -18.30 -37.86
N VAL A 9 -19.52 -18.38 -36.54
CA VAL A 9 -18.60 -19.18 -35.74
C VAL A 9 -19.32 -20.11 -34.77
N PHE A 10 -18.61 -21.15 -34.34
CA PHE A 10 -18.98 -21.96 -33.20
C PHE A 10 -18.33 -21.35 -31.97
N LEU A 11 -19.06 -21.34 -30.87
CA LEU A 11 -18.45 -21.07 -29.58
C LEU A 11 -18.16 -22.42 -28.96
N ASN A 12 -17.34 -22.44 -27.93
CA ASN A 12 -17.10 -23.67 -27.17
C ASN A 12 -18.21 -23.87 -26.13
N ARG A 13 -19.45 -23.69 -26.59
CA ARG A 13 -20.62 -23.92 -25.76
C ARG A 13 -21.52 -24.88 -26.48
N PHE A 14 -22.30 -25.61 -25.70
CA PHE A 14 -23.12 -26.67 -26.25
C PHE A 14 -24.47 -26.66 -25.56
N ALA A 15 -25.53 -26.57 -26.36
CA ALA A 15 -26.88 -26.65 -25.82
C ALA A 15 -27.24 -28.10 -25.49
N LEU A 16 -27.69 -28.33 -24.26
CA LEU A 16 -28.10 -29.67 -23.84
C LEU A 16 -29.60 -29.70 -23.54
N ARG A 17 -30.01 -30.63 -22.69
CA ARG A 17 -31.43 -30.88 -22.47
C ARG A 17 -32.16 -29.73 -21.78
N PRO A 18 -33.46 -29.59 -22.08
CA PRO A 18 -34.30 -28.66 -21.32
C PRO A 18 -34.33 -29.06 -19.85
N LEU A 19 -34.45 -28.07 -18.97
CA LEU A 19 -34.64 -28.35 -17.56
C LEU A 19 -35.98 -29.07 -17.39
N ASN A 20 -35.99 -30.16 -16.66
CA ASN A 20 -37.23 -30.87 -16.39
C ASN A 20 -38.12 -30.03 -15.46
N PRO A 21 -39.43 -30.34 -15.37
CA PRO A 21 -40.33 -29.51 -14.55
C PRO A 21 -40.03 -29.49 -13.04
N GLU A 22 -39.17 -30.38 -12.56
CA GLU A 22 -38.76 -30.34 -11.15
C GLU A 22 -37.73 -29.24 -10.94
N GLU A 23 -36.80 -29.12 -11.90
CA GLU A 23 -35.71 -28.16 -11.80
C GLU A 23 -36.18 -26.72 -12.04
N LEU A 24 -37.35 -26.59 -12.66
CA LEU A 24 -37.94 -25.27 -12.91
C LEU A 24 -38.69 -24.75 -11.68
N ARG A 25 -38.94 -25.64 -10.73
CA ARG A 25 -39.60 -25.27 -9.48
C ARG A 25 -38.71 -25.64 -8.29
N PRO A 26 -37.66 -24.85 -8.04
CA PRO A 26 -36.81 -25.22 -6.92
C PRO A 26 -37.43 -24.89 -5.55
N TRP A 27 -36.93 -25.59 -4.54
CA TRP A 27 -37.35 -25.37 -3.16
C TRP A 27 -36.68 -24.11 -2.64
N ARG A 28 -37.41 -23.31 -1.88
CA ARG A 28 -36.84 -22.14 -1.25
C ARG A 28 -36.68 -22.40 0.24
N LEU A 29 -35.63 -21.84 0.83
CA LEU A 29 -35.40 -21.97 2.26
C LEU A 29 -34.98 -20.65 2.87
N GLU A 30 -35.52 -20.37 4.05
CA GLU A 30 -35.13 -19.21 4.86
C GLU A 30 -34.03 -19.64 5.81
N VAL A 31 -33.06 -18.78 6.03
CA VAL A 31 -31.92 -19.07 6.87
C VAL A 31 -32.04 -18.35 8.20
N VAL A 32 -31.94 -19.06 9.31
CA VAL A 32 -31.85 -18.40 10.60
C VAL A 32 -30.53 -18.75 11.27
N LEU A 33 -29.67 -17.75 11.41
CA LEU A 33 -28.36 -17.90 12.01
C LEU A 33 -28.40 -17.41 13.46
N ASP A 34 -27.70 -18.12 14.33
CA ASP A 34 -27.62 -17.77 15.75
C ASP A 34 -26.18 -17.89 16.21
N PRO A 35 -25.55 -16.76 16.57
CA PRO A 35 -26.12 -15.41 16.59
C PRO A 35 -26.27 -14.84 15.18
N PRO A 36 -27.06 -13.77 15.02
CA PRO A 36 -27.14 -13.13 13.71
C PRO A 36 -25.78 -12.57 13.29
N PRO A 37 -25.40 -12.76 12.02
CA PRO A 37 -24.09 -12.31 11.54
C PRO A 37 -24.06 -10.80 11.32
N GLY A 38 -22.87 -10.20 11.29
CA GLY A 38 -22.73 -8.77 11.07
C GLY A 38 -22.84 -8.39 9.61
N ARG A 39 -22.76 -7.09 9.31
CA ARG A 39 -22.94 -6.59 7.96
C ARG A 39 -21.88 -7.12 7.00
N GLU A 40 -20.66 -7.30 7.50
CA GLU A 40 -19.54 -7.77 6.69
C GLU A 40 -19.53 -9.29 6.54
N GLU A 41 -20.11 -10.01 7.50
CA GLU A 41 -20.08 -11.46 7.49
C GLU A 41 -21.33 -12.09 6.88
N VAL A 42 -22.39 -11.32 6.70
CA VAL A 42 -23.68 -11.89 6.28
C VAL A 42 -23.65 -12.59 4.90
N TYR A 43 -23.25 -11.88 3.86
CA TYR A 43 -23.25 -12.48 2.52
C TYR A 43 -22.34 -13.71 2.36
N PRO A 44 -21.09 -13.65 2.87
CA PRO A 44 -20.27 -14.87 2.78
C PRO A 44 -20.74 -16.01 3.70
N LEU A 45 -21.46 -15.68 4.78
CA LEU A 45 -21.95 -16.72 5.69
C LEU A 45 -23.13 -17.46 5.04
N LEU A 46 -23.93 -16.72 4.28
CA LEU A 46 -25.02 -17.30 3.52
C LEU A 46 -24.48 -18.24 2.45
N ALA A 47 -23.37 -17.86 1.84
CA ALA A 47 -22.74 -18.70 0.82
C ALA A 47 -22.25 -19.99 1.46
N GLN A 48 -21.71 -19.88 2.67
CA GLN A 48 -21.21 -21.03 3.40
C GLN A 48 -22.34 -21.98 3.78
N VAL A 49 -23.46 -21.42 4.23
CA VAL A 49 -24.64 -22.22 4.53
C VAL A 49 -25.15 -22.96 3.29
N ALA A 50 -25.01 -22.33 2.12
CA ALA A 50 -25.44 -22.96 0.86
C ALA A 50 -24.67 -24.25 0.62
N ARG A 51 -23.35 -24.20 0.80
CA ARG A 51 -22.51 -25.39 0.67
C ARG A 51 -22.81 -26.40 1.76
N ARG A 52 -22.88 -25.94 3.00
CA ARG A 52 -23.11 -26.83 4.14
C ARG A 52 -24.46 -27.54 4.12
N ALA A 53 -25.47 -26.94 3.48
CA ALA A 53 -26.78 -27.58 3.36
C ALA A 53 -26.75 -28.89 2.58
N GLY A 54 -25.74 -29.05 1.71
CA GLY A 54 -25.63 -30.26 0.93
C GLY A 54 -26.53 -30.20 -0.29
N GLY A 55 -26.81 -31.36 -0.88
CA GLY A 55 -27.58 -31.43 -2.11
C GLY A 55 -27.04 -30.47 -3.16
N VAL A 56 -27.96 -29.81 -3.87
CA VAL A 56 -27.62 -28.80 -4.87
C VAL A 56 -28.35 -27.51 -4.54
N THR A 57 -27.70 -26.66 -3.75
CA THR A 57 -28.35 -25.48 -3.19
C THR A 57 -27.45 -24.28 -3.34
N VAL A 58 -28.06 -23.12 -3.56
CA VAL A 58 -27.32 -21.88 -3.81
C VAL A 58 -28.04 -20.76 -3.08
N ARG A 59 -27.36 -19.63 -2.92
CA ARG A 59 -27.99 -18.49 -2.30
C ARG A 59 -29.01 -17.91 -3.27
N MET A 60 -30.16 -17.50 -2.74
CA MET A 60 -31.12 -16.73 -3.51
C MET A 60 -31.80 -15.69 -2.60
N GLY A 61 -31.56 -14.42 -2.90
CA GLY A 61 -32.06 -13.35 -2.05
C GLY A 61 -31.37 -13.41 -0.70
N ASP A 62 -32.16 -13.32 0.36
CA ASP A 62 -31.63 -13.48 1.71
C ASP A 62 -31.76 -14.93 2.16
N GLY A 63 -31.97 -15.84 1.21
CA GLY A 63 -32.21 -17.23 1.53
C GLY A 63 -31.52 -18.21 0.59
N LEU A 64 -32.17 -19.34 0.36
CA LEU A 64 -31.58 -20.44 -0.42
C LEU A 64 -32.56 -20.94 -1.47
N ALA A 65 -32.03 -21.40 -2.59
CA ALA A 65 -32.79 -22.16 -3.58
C ALA A 65 -32.11 -23.51 -3.73
N SER A 66 -32.89 -24.59 -3.77
CA SER A 66 -32.34 -25.93 -3.83
C SER A 66 -33.05 -26.78 -4.89
N TRP A 67 -32.28 -27.66 -5.53
CA TRP A 67 -32.87 -28.71 -6.35
C TRP A 67 -32.96 -30.02 -5.58
N SER A 68 -32.76 -29.97 -4.27
CA SER A 68 -33.05 -31.12 -3.41
C SER A 68 -34.18 -30.72 -2.48
N PRO A 69 -35.11 -31.65 -2.20
CA PRO A 69 -36.11 -31.36 -1.17
C PRO A 69 -35.45 -31.22 0.20
N PRO A 70 -36.02 -30.39 1.08
CA PRO A 70 -35.44 -30.11 2.40
C PRO A 70 -35.12 -31.35 3.22
N GLU A 71 -35.91 -32.41 3.07
CA GLU A 71 -35.71 -33.62 3.85
C GLU A 71 -34.36 -34.30 3.63
N VAL A 72 -33.74 -34.06 2.47
CA VAL A 72 -32.39 -34.57 2.23
C VAL A 72 -31.37 -33.44 2.23
N LEU A 73 -31.65 -32.39 2.98
CA LEU A 73 -30.67 -31.34 3.23
C LEU A 73 -30.23 -31.40 4.68
N VAL A 74 -29.04 -30.89 4.97
CA VAL A 74 -28.62 -30.69 6.35
C VAL A 74 -29.21 -29.39 6.85
N LEU A 75 -30.45 -29.46 7.36
CA LEU A 75 -31.19 -28.25 7.74
C LEU A 75 -30.73 -27.58 9.05
N GLU A 76 -30.24 -28.37 10.00
CA GLU A 76 -29.70 -27.81 11.22
C GLU A 76 -28.21 -28.15 11.28
N GLY A 77 -27.37 -27.18 11.64
CA GLY A 77 -25.94 -27.46 11.70
C GLY A 77 -25.09 -26.35 12.28
N THR A 78 -23.78 -26.50 12.19
CA THR A 78 -22.84 -25.50 12.70
C THR A 78 -21.95 -24.95 11.60
N LEU A 79 -21.32 -23.81 11.88
CA LEU A 79 -20.59 -23.06 10.88
C LEU A 79 -19.43 -22.33 11.53
N ALA A 80 -18.20 -22.70 11.17
CA ALA A 80 -17.02 -21.99 11.67
C ALA A 80 -16.56 -20.96 10.63
N ARG A 81 -16.46 -19.70 11.06
CA ARG A 81 -16.06 -18.63 10.17
C ARG A 81 -15.21 -17.60 10.93
N MET A 82 -13.93 -17.52 10.55
CA MET A 82 -12.95 -16.65 11.20
C MET A 82 -12.98 -16.76 12.73
N GLY A 83 -12.93 -17.98 13.24
CA GLY A 83 -12.92 -18.22 14.67
C GLY A 83 -14.19 -17.79 15.38
N GLN A 84 -15.34 -18.22 14.86
CA GLN A 84 -16.62 -18.01 15.51
C GLN A 84 -17.57 -19.12 15.10
N THR A 85 -18.31 -19.67 16.06
CA THR A 85 -19.23 -20.76 15.78
C THR A 85 -20.67 -20.26 15.69
N TYR A 86 -21.25 -20.38 14.50
CA TYR A 86 -22.64 -20.02 14.29
C TYR A 86 -23.46 -21.30 14.20
N ALA A 87 -24.65 -21.27 14.78
CA ALA A 87 -25.59 -22.36 14.60
C ALA A 87 -26.59 -21.93 13.54
N TYR A 88 -26.80 -22.75 12.54
CA TYR A 88 -27.80 -22.41 11.52
C TYR A 88 -28.98 -23.37 11.55
N ARG A 89 -30.15 -22.82 11.27
CA ARG A 89 -31.31 -23.63 10.94
C ARG A 89 -31.98 -23.16 9.66
N LEU A 90 -32.28 -24.11 8.79
CA LEU A 90 -32.98 -23.81 7.56
C LEU A 90 -34.46 -24.10 7.72
N TYR A 91 -35.30 -23.16 7.30
CA TYR A 91 -36.74 -23.34 7.33
C TYR A 91 -37.26 -23.40 5.91
N PRO A 92 -37.84 -24.54 5.51
CA PRO A 92 -38.36 -24.70 4.15
C PRO A 92 -39.58 -23.80 3.91
N LYS A 93 -39.58 -23.10 2.78
CA LYS A 93 -40.67 -22.18 2.43
C LYS A 93 -41.25 -22.51 1.06
N GLY A 94 -41.59 -23.78 0.86
CA GLY A 94 -42.21 -24.24 -0.37
C GLY A 94 -41.37 -24.13 -1.62
N ARG A 95 -41.90 -24.66 -2.71
CA ARG A 95 -41.24 -24.59 -4.01
C ARG A 95 -41.85 -23.42 -4.74
N ARG A 96 -41.12 -22.87 -5.70
CA ARG A 96 -41.77 -21.92 -6.60
C ARG A 96 -41.11 -21.86 -7.97
N PRO A 97 -41.94 -21.77 -9.02
CA PRO A 97 -41.43 -21.82 -10.39
C PRO A 97 -40.55 -20.62 -10.68
N LEU A 98 -39.43 -20.87 -11.35
CA LEU A 98 -38.58 -19.78 -11.83
C LEU A 98 -38.70 -19.71 -13.34
N ASP A 99 -38.60 -18.51 -13.90
CA ASP A 99 -38.74 -18.29 -15.33
C ASP A 99 -37.42 -17.89 -15.96
N PRO A 100 -36.91 -18.73 -16.88
CA PRO A 100 -35.64 -18.51 -17.59
C PRO A 100 -35.60 -17.19 -18.37
N LYS A 101 -36.75 -16.57 -18.61
CA LYS A 101 -36.76 -15.30 -19.33
C LYS A 101 -36.45 -14.09 -18.45
N ASP A 102 -36.87 -14.14 -17.19
CA ASP A 102 -36.47 -13.11 -16.22
C ASP A 102 -35.02 -13.35 -15.81
N PRO A 103 -34.12 -12.44 -16.21
CA PRO A 103 -32.68 -12.62 -16.01
C PRO A 103 -32.24 -12.91 -14.57
N GLY A 104 -32.99 -12.42 -13.58
CA GLY A 104 -32.67 -12.70 -12.19
C GLY A 104 -32.96 -14.15 -11.82
N GLU A 105 -34.17 -14.59 -12.14
CA GLU A 105 -34.58 -15.97 -11.93
C GLU A 105 -33.71 -16.94 -12.76
N ARG A 106 -33.35 -16.50 -13.96
CA ARG A 106 -32.46 -17.27 -14.82
C ARG A 106 -31.10 -17.36 -14.17
N SER A 107 -30.68 -16.30 -13.50
CA SER A 107 -29.41 -16.28 -12.80
C SER A 107 -29.37 -17.29 -11.63
N VAL A 108 -30.49 -17.39 -10.91
CA VAL A 108 -30.58 -18.42 -9.87
C VAL A 108 -30.52 -19.82 -10.49
N LEU A 109 -31.20 -20.00 -11.61
CA LEU A 109 -31.15 -21.28 -12.33
C LEU A 109 -29.74 -21.66 -12.79
N SER A 110 -28.98 -20.69 -13.31
CA SER A 110 -27.61 -20.92 -13.74
C SER A 110 -26.68 -21.24 -12.57
N ALA A 111 -26.88 -20.56 -11.44
CA ALA A 111 -26.11 -20.86 -10.24
C ALA A 111 -26.35 -22.30 -9.81
N LEU A 112 -27.62 -22.67 -9.80
CA LEU A 112 -27.98 -24.07 -9.53
C LEU A 112 -27.36 -25.03 -10.55
N ALA A 113 -27.24 -24.61 -11.81
CA ALA A 113 -26.65 -25.47 -12.84
C ALA A 113 -25.17 -25.72 -12.57
N ARG A 114 -24.44 -24.66 -12.23
CA ARG A 114 -23.02 -24.77 -11.88
C ARG A 114 -22.82 -25.71 -10.67
N ARG A 115 -23.67 -25.55 -9.66
CA ARG A 115 -23.65 -26.48 -8.52
C ARG A 115 -23.92 -27.95 -8.92
N LEU A 116 -24.94 -28.14 -9.77
CA LEU A 116 -25.28 -29.46 -10.34
C LEU A 116 -24.03 -30.07 -10.96
N LEU A 117 -23.35 -29.28 -11.79
CA LEU A 117 -22.14 -29.73 -12.47
C LEU A 117 -21.07 -30.18 -11.50
N GLN A 118 -20.72 -29.35 -10.52
CA GLN A 118 -19.67 -29.74 -9.56
C GLN A 118 -20.01 -31.04 -8.82
N GLU A 119 -21.23 -31.08 -8.29
CA GLU A 119 -21.65 -32.26 -7.54
C GLU A 119 -21.68 -33.53 -8.39
N ARG A 120 -22.16 -33.43 -9.62
CA ARG A 120 -22.24 -34.63 -10.47
C ARG A 120 -20.85 -35.07 -10.95
N LEU A 121 -19.96 -34.12 -11.18
CA LEU A 121 -18.58 -34.46 -11.52
C LEU A 121 -17.95 -35.23 -10.38
N ARG A 122 -18.30 -34.90 -9.13
CA ARG A 122 -17.76 -35.65 -8.00
C ARG A 122 -17.98 -37.16 -8.06
N ARG A 123 -18.98 -37.60 -8.82
CA ARG A 123 -19.32 -39.02 -8.86
C ARG A 123 -18.81 -39.69 -10.14
N LEU A 124 -17.84 -39.06 -10.77
CA LEU A 124 -17.18 -39.67 -11.92
C LEU A 124 -15.97 -40.49 -11.48
N GLU A 125 -15.72 -41.60 -12.17
CA GLU A 125 -14.56 -42.42 -11.90
C GLU A 125 -14.25 -43.27 -13.13
N GLY A 126 -12.97 -43.59 -13.35
CA GLY A 126 -11.88 -43.13 -12.51
C GLY A 126 -11.15 -41.98 -13.20
N VAL A 127 -11.59 -40.77 -12.90
CA VAL A 127 -10.96 -39.58 -13.44
C VAL A 127 -10.59 -38.63 -12.30
N TRP A 128 -9.75 -37.66 -12.59
CA TRP A 128 -9.23 -36.73 -11.58
C TRP A 128 -10.00 -35.41 -11.61
N VAL A 129 -10.90 -35.23 -10.64
CA VAL A 129 -11.75 -34.04 -10.58
C VAL A 129 -11.22 -32.98 -9.61
N GLU A 130 -11.11 -31.74 -10.08
CA GLU A 130 -10.73 -30.64 -9.22
C GLU A 130 -11.69 -29.47 -9.39
N GLY A 131 -12.77 -29.48 -8.62
CA GLY A 131 -13.81 -28.49 -8.75
C GLY A 131 -14.53 -28.63 -10.08
N LEU A 132 -14.36 -27.64 -10.96
CA LEU A 132 -15.01 -27.65 -12.27
C LEU A 132 -14.09 -28.16 -13.38
N ALA A 133 -12.91 -28.63 -13.00
CA ALA A 133 -11.99 -29.22 -13.96
C ALA A 133 -11.97 -30.74 -13.79
N VAL A 134 -11.92 -31.44 -14.92
CA VAL A 134 -11.85 -32.89 -14.91
C VAL A 134 -10.66 -33.29 -15.75
N TYR A 135 -9.93 -34.32 -15.32
CA TYR A 135 -8.83 -34.85 -16.11
C TYR A 135 -9.03 -36.33 -16.37
N ARG A 136 -9.05 -36.69 -17.65
CA ARG A 136 -9.47 -38.01 -18.10
C ARG A 136 -8.31 -38.95 -18.42
N ARG A 137 -7.28 -38.44 -19.11
CA ARG A 137 -6.16 -39.29 -19.50
C ARG A 137 -4.78 -38.74 -19.18
N GLU A 138 -3.78 -39.60 -19.28
CA GLU A 138 -2.40 -39.20 -19.04
C GLU A 138 -1.71 -38.84 -20.36
N HIS A 139 -1.12 -37.65 -20.40
CA HIS A 139 -0.60 -37.09 -21.63
C HIS A 139 0.89 -37.33 -21.76
N ALA A 140 1.61 -37.15 -20.67
CA ALA A 140 3.05 -37.41 -20.61
C ALA A 140 3.42 -37.79 -19.19
N ARG A 141 4.68 -38.18 -18.98
CA ARG A 141 5.12 -38.66 -17.68
C ARG A 141 6.64 -38.76 -17.62
N GLY A 142 7.16 -38.74 -16.40
CA GLY A 142 8.59 -38.88 -16.19
C GLY A 142 8.89 -39.29 -14.76
N PRO A 143 10.18 -39.47 -14.45
CA PRO A 143 10.60 -39.89 -13.11
C PRO A 143 10.04 -39.00 -12.01
N GLY A 144 8.86 -39.36 -11.51
CA GLY A 144 8.26 -38.67 -10.37
C GLY A 144 7.22 -37.62 -10.72
N TRP A 145 6.87 -37.52 -12.00
CA TRP A 145 5.90 -36.51 -12.41
C TRP A 145 5.01 -37.00 -13.53
N ARG A 146 3.86 -36.35 -13.71
CA ARG A 146 2.99 -36.67 -14.84
C ARG A 146 2.05 -35.53 -15.24
N VAL A 147 1.70 -35.49 -16.51
CA VAL A 147 0.79 -34.47 -17.03
C VAL A 147 -0.51 -35.10 -17.51
N LEU A 148 -1.60 -34.79 -16.82
CA LEU A 148 -2.92 -35.26 -17.20
C LEU A 148 -3.55 -34.31 -18.21
N GLY A 149 -4.52 -34.81 -18.97
CA GLY A 149 -5.26 -33.99 -19.90
C GLY A 149 -6.74 -34.11 -19.62
N GLY A 150 -7.46 -33.00 -19.73
CA GLY A 150 -8.89 -32.99 -19.47
C GLY A 150 -9.52 -31.71 -19.97
N ALA A 151 -10.50 -31.20 -19.23
CA ALA A 151 -11.14 -29.95 -19.58
C ALA A 151 -11.61 -29.18 -18.35
N VAL A 152 -11.67 -27.86 -18.48
CA VAL A 152 -12.38 -27.00 -17.55
C VAL A 152 -13.78 -26.82 -18.09
N LEU A 153 -14.79 -26.94 -17.22
CA LEU A 153 -16.18 -26.93 -17.63
C LEU A 153 -17.01 -25.88 -16.89
N ASP A 154 -18.09 -25.43 -17.52
CA ASP A 154 -19.08 -24.60 -16.84
C ASP A 154 -20.47 -25.03 -17.30
N LEU A 155 -21.49 -24.78 -16.47
CA LEU A 155 -22.87 -25.11 -16.81
C LEU A 155 -23.75 -23.96 -16.42
N TRP A 156 -24.61 -23.52 -17.34
CA TRP A 156 -25.63 -22.56 -16.95
C TRP A 156 -26.95 -22.80 -17.69
N VAL A 157 -27.91 -21.89 -17.54
CA VAL A 157 -29.23 -22.05 -18.14
C VAL A 157 -29.50 -20.95 -19.18
N SER A 158 -30.00 -21.36 -20.35
CA SER A 158 -30.36 -20.41 -21.41
C SER A 158 -31.70 -19.75 -21.12
N ASP A 159 -32.02 -18.71 -21.89
CA ASP A 159 -33.29 -17.99 -21.73
C ASP A 159 -34.47 -18.86 -22.15
N SER A 160 -34.17 -19.92 -22.89
CA SER A 160 -35.19 -20.86 -23.34
C SER A 160 -35.26 -22.04 -22.37
N GLY A 161 -34.54 -21.95 -21.27
CA GLY A 161 -34.62 -22.94 -20.21
C GLY A 161 -34.04 -24.29 -20.57
N ALA A 162 -32.87 -24.28 -21.19
CA ALA A 162 -32.10 -25.50 -21.41
C ALA A 162 -30.67 -25.31 -20.92
N PHE A 163 -30.03 -26.39 -20.49
CA PHE A 163 -28.64 -26.32 -20.04
C PHE A 163 -27.69 -25.91 -21.17
N LEU A 164 -26.63 -25.19 -20.80
CA LEU A 164 -25.54 -24.81 -21.70
C LEU A 164 -24.22 -25.19 -21.04
N LEU A 165 -23.46 -26.04 -21.72
CA LEU A 165 -22.18 -26.55 -21.21
C LEU A 165 -21.04 -25.87 -21.96
N GLU A 166 -20.16 -25.21 -21.22
CA GLU A 166 -18.92 -24.65 -21.79
C GLU A 166 -17.78 -25.61 -21.49
N VAL A 167 -16.95 -25.88 -22.49
CA VAL A 167 -15.86 -26.85 -22.39
C VAL A 167 -14.55 -26.30 -22.95
N ASP A 168 -13.48 -26.37 -22.17
CA ASP A 168 -12.18 -26.00 -22.71
C ASP A 168 -11.09 -26.93 -22.22
N PRO A 169 -10.51 -27.71 -23.14
CA PRO A 169 -9.47 -28.68 -22.78
C PRO A 169 -8.31 -28.01 -22.06
N ALA A 170 -7.74 -28.69 -21.08
CA ALA A 170 -6.64 -28.14 -20.30
C ALA A 170 -5.75 -29.27 -19.80
N TYR A 171 -4.51 -28.93 -19.44
CA TYR A 171 -3.61 -29.92 -18.87
C TYR A 171 -3.32 -29.66 -17.39
N ARG A 172 -2.97 -30.71 -16.66
CA ARG A 172 -2.67 -30.59 -15.24
C ARG A 172 -1.32 -31.24 -14.96
N ILE A 173 -0.44 -30.57 -14.23
CA ILE A 173 0.86 -31.15 -13.87
C ILE A 173 0.88 -31.62 -12.41
N LEU A 174 1.18 -32.90 -12.21
CA LEU A 174 1.13 -33.51 -10.88
C LEU A 174 2.45 -34.16 -10.47
N CYS A 175 2.76 -34.03 -9.20
CA CYS A 175 3.94 -34.65 -8.62
C CYS A 175 3.53 -35.57 -7.47
N GLU A 176 3.71 -36.87 -7.66
CA GLU A 176 3.43 -37.84 -6.62
C GLU A 176 4.73 -38.24 -5.93
N MET A 177 5.38 -37.28 -5.30
CA MET A 177 6.73 -37.45 -4.80
C MET A 177 7.04 -36.49 -3.67
N SER A 178 7.74 -36.95 -2.65
CA SER A 178 8.20 -36.06 -1.59
C SER A 178 9.38 -35.26 -2.11
N LEU A 179 9.72 -34.17 -1.43
CA LEU A 179 10.86 -33.35 -1.83
C LEU A 179 12.13 -34.19 -1.82
N GLU A 180 12.22 -35.09 -0.84
CA GLU A 180 13.40 -35.94 -0.71
C GLU A 180 13.58 -36.90 -1.87
N ALA A 181 12.53 -37.62 -2.22
CA ALA A 181 12.58 -38.55 -3.34
C ALA A 181 12.85 -37.82 -4.65
N TRP A 182 12.32 -36.59 -4.75
CA TRP A 182 12.51 -35.76 -5.92
C TRP A 182 13.96 -35.33 -6.09
N LEU A 183 14.55 -34.80 -5.01
CA LEU A 183 15.94 -34.37 -5.04
C LEU A 183 16.89 -35.55 -5.25
N ALA A 184 16.55 -36.70 -4.66
CA ALA A 184 17.39 -37.89 -4.80
C ALA A 184 17.45 -38.39 -6.25
N GLN A 185 16.49 -37.97 -7.08
CA GLN A 185 16.46 -38.34 -8.49
C GLN A 185 17.35 -37.42 -9.33
N GLY A 186 18.01 -36.47 -8.68
CA GLY A 186 18.98 -35.60 -9.36
C GLY A 186 18.44 -34.25 -9.78
N HIS A 187 17.12 -34.08 -9.71
CA HIS A 187 16.49 -32.80 -10.05
C HIS A 187 16.90 -31.69 -9.08
N PRO A 188 17.05 -30.46 -9.59
CA PRO A 188 17.38 -29.29 -8.76
C PRO A 188 16.20 -28.85 -7.90
N LEU A 189 16.47 -28.04 -6.89
CA LEU A 189 15.42 -27.54 -6.01
C LEU A 189 14.36 -26.79 -6.79
N PRO A 190 13.10 -27.21 -6.66
CA PRO A 190 11.99 -26.47 -7.25
C PRO A 190 11.79 -25.15 -6.52
N LYS A 191 11.30 -24.13 -7.23
CA LYS A 191 11.10 -22.81 -6.62
C LYS A 191 10.00 -22.86 -5.57
N ARG A 192 8.98 -23.66 -5.83
CA ARG A 192 7.85 -23.75 -4.89
C ARG A 192 7.69 -25.17 -4.35
N VAL A 193 7.13 -25.27 -3.14
CA VAL A 193 6.96 -26.54 -2.48
C VAL A 193 5.67 -26.51 -1.65
N ARG A 194 5.13 -27.66 -1.29
CA ARG A 194 3.84 -27.75 -0.59
C ARG A 194 3.90 -28.70 0.61
N ASN A 195 3.19 -28.36 1.69
CA ASN A 195 3.06 -29.27 2.82
C ASN A 195 2.46 -30.60 2.38
N ALA A 196 3.06 -31.70 2.83
CA ALA A 196 2.52 -33.02 2.52
C ALA A 196 1.24 -33.29 3.31
N TYR A 197 1.08 -32.55 4.40
CA TYR A 197 -0.03 -32.75 5.33
C TYR A 197 -1.22 -31.84 5.10
N ASP A 198 -1.01 -30.73 4.38
CA ASP A 198 -2.11 -29.83 4.03
C ASP A 198 -1.91 -29.12 2.69
N ARG A 199 -2.67 -28.06 2.47
CA ARG A 199 -2.67 -27.39 1.16
C ARG A 199 -1.67 -26.24 1.07
N ARG A 200 -1.24 -25.72 2.22
CA ARG A 200 -0.34 -24.55 2.28
C ARG A 200 0.98 -24.77 1.53
N THR A 201 1.34 -23.78 0.72
CA THR A 201 2.54 -23.83 -0.10
C THR A 201 3.54 -22.76 0.31
N TRP A 202 4.82 -23.07 0.19
CA TRP A 202 5.89 -22.13 0.49
C TRP A 202 6.80 -21.95 -0.72
N GLU A 203 7.58 -20.88 -0.69
CA GLU A 203 8.65 -20.65 -1.64
C GLU A 203 9.95 -21.20 -1.06
N LEU A 204 10.53 -22.18 -1.75
CA LEU A 204 11.71 -22.88 -1.24
C LEU A 204 12.99 -22.09 -1.50
N LEU A 205 13.64 -21.67 -0.42
CA LEU A 205 14.85 -20.88 -0.50
C LEU A 205 16.07 -21.74 -0.71
N ARG A 206 16.34 -22.61 0.26
CA ARG A 206 17.55 -23.40 0.25
C ARG A 206 17.41 -24.63 1.11
N LEU A 207 18.44 -25.46 1.10
CA LEU A 207 18.52 -26.59 2.01
C LEU A 207 19.41 -26.23 3.19
N GLY A 208 18.81 -26.09 4.36
CA GLY A 208 19.59 -26.04 5.58
C GLY A 208 20.09 -27.45 5.77
N GLU A 209 21.21 -27.63 6.45
CA GLU A 209 21.72 -28.98 6.62
C GLU A 209 21.99 -29.31 8.09
N GLU A 210 21.72 -28.35 8.97
CA GLU A 210 21.85 -28.57 10.41
C GLU A 210 20.86 -29.63 10.92
N ASP A 211 21.13 -30.16 12.11
CA ASP A 211 20.34 -31.24 12.70
C ASP A 211 18.92 -30.79 13.06
N PRO A 212 17.89 -31.44 12.49
CA PRO A 212 16.48 -31.12 12.75
C PRO A 212 16.02 -31.45 14.17
N LYS A 213 16.83 -32.16 14.93
CA LYS A 213 16.50 -32.47 16.32
C LYS A 213 17.12 -31.44 17.25
N GLU A 214 18.08 -30.68 16.74
CA GLU A 214 18.75 -29.64 17.52
C GLU A 214 18.45 -28.25 16.98
N LEU A 215 17.49 -28.16 16.07
CA LEU A 215 17.07 -26.88 15.50
C LEU A 215 15.88 -26.34 16.31
N PRO A 216 16.13 -25.34 17.16
CA PRO A 216 15.06 -24.82 18.00
C PRO A 216 14.09 -23.94 17.23
N LEU A 217 12.82 -24.00 17.60
CA LEU A 217 11.80 -23.19 16.96
C LEU A 217 11.42 -22.02 17.88
N PRO A 218 10.66 -21.05 17.35
CA PRO A 218 10.21 -20.00 18.26
C PRO A 218 9.15 -20.54 19.21
N GLY A 219 9.57 -21.10 20.34
CA GLY A 219 8.63 -21.66 21.30
C GLY A 219 9.15 -22.85 22.09
N GLY A 220 10.39 -23.25 21.82
CA GLY A 220 11.01 -24.31 22.60
C GLY A 220 11.31 -25.60 21.86
N LEU A 221 10.28 -26.20 21.28
CA LEU A 221 10.42 -27.50 20.62
C LEU A 221 11.37 -27.43 19.42
N SER A 222 12.06 -28.54 19.15
CA SER A 222 12.89 -28.64 17.94
C SER A 222 11.97 -28.90 16.74
N LEU A 223 12.49 -28.71 15.53
CA LEU A 223 11.73 -28.92 14.30
C LEU A 223 11.09 -30.32 14.29
N LEU A 224 11.96 -31.31 14.46
CA LEU A 224 11.59 -32.70 14.41
C LEU A 224 10.43 -33.03 15.34
N ASP A 225 10.61 -32.84 16.65
CA ASP A 225 9.55 -33.19 17.58
C ASP A 225 8.34 -32.25 17.56
N TYR A 226 8.51 -31.05 17.00
CA TYR A 226 7.34 -30.20 16.75
C TYR A 226 6.44 -30.90 15.74
N HIS A 227 7.04 -31.37 14.64
CA HIS A 227 6.23 -32.08 13.64
C HIS A 227 5.76 -33.45 14.11
N ALA A 228 6.59 -34.13 14.90
CA ALA A 228 6.24 -35.42 15.50
C ALA A 228 5.03 -35.31 16.42
N SER A 229 5.06 -34.33 17.33
CA SER A 229 3.95 -34.07 18.23
C SER A 229 2.61 -33.88 17.50
N LYS A 230 2.69 -33.40 16.26
CA LYS A 230 1.49 -33.23 15.45
C LYS A 230 1.19 -34.45 14.59
N GLY A 231 1.88 -35.57 14.87
CA GLY A 231 1.64 -36.82 14.17
C GLY A 231 1.82 -36.74 12.66
N ARG A 232 2.92 -36.15 12.24
CA ARG A 232 3.21 -35.97 10.82
C ARG A 232 4.31 -36.92 10.35
N LEU A 233 5.14 -37.36 11.29
CA LEU A 233 6.20 -38.32 10.96
C LEU A 233 5.63 -39.73 10.94
N GLN A 234 4.39 -39.86 11.41
CA GLN A 234 3.72 -41.14 11.43
C GLN A 234 3.42 -41.62 10.00
N GLY A 235 4.39 -42.30 9.40
CA GLY A 235 4.22 -42.83 8.06
C GLY A 235 5.30 -42.40 7.08
N ARG A 236 6.12 -41.44 7.48
CA ARG A 236 7.20 -40.96 6.63
C ARG A 236 8.46 -40.59 7.41
N GLU A 237 9.56 -40.38 6.70
CA GLU A 237 10.80 -39.97 7.32
C GLU A 237 10.90 -38.44 7.28
N GLY A 238 11.64 -37.88 8.23
CA GLY A 238 11.77 -36.43 8.34
C GLY A 238 12.68 -35.80 7.30
N GLY A 239 13.76 -36.49 6.96
CA GLY A 239 14.70 -35.99 5.96
C GLY A 239 15.44 -34.77 6.44
N ARG A 240 15.95 -33.98 5.50
CA ARG A 240 16.79 -32.83 5.82
C ARG A 240 16.00 -31.56 6.12
N VAL A 241 16.63 -30.62 6.81
CA VAL A 241 16.04 -29.31 7.00
C VAL A 241 15.99 -28.57 5.66
N ALA A 242 14.88 -27.88 5.41
CA ALA A 242 14.74 -27.02 4.25
C ALA A 242 14.35 -25.66 4.78
N TRP A 243 14.78 -24.59 4.12
CA TRP A 243 14.39 -23.25 4.54
C TRP A 243 13.41 -22.66 3.53
N VAL A 244 12.23 -22.28 4.00
CA VAL A 244 11.21 -21.70 3.14
C VAL A 244 10.92 -20.25 3.53
N ALA A 245 10.55 -19.43 2.56
CA ALA A 245 10.24 -18.02 2.84
C ALA A 245 8.88 -17.89 3.51
N ASP A 246 8.83 -17.07 4.55
CA ASP A 246 7.58 -16.80 5.26
C ASP A 246 6.67 -16.00 4.33
N PRO A 247 5.47 -16.53 4.09
CA PRO A 247 4.51 -15.87 3.22
C PRO A 247 4.23 -14.45 3.68
N LYS A 248 4.15 -14.27 5.00
CA LYS A 248 3.84 -12.97 5.60
C LYS A 248 5.02 -12.35 6.34
N ASP A 249 6.23 -12.68 5.90
CA ASP A 249 7.45 -12.08 6.46
C ASP A 249 8.64 -12.38 5.54
N PRO A 250 8.94 -11.44 4.65
CA PRO A 250 10.02 -11.63 3.69
C PRO A 250 11.40 -11.60 4.35
N ARG A 251 11.45 -11.20 5.61
CA ARG A 251 12.72 -11.04 6.31
C ARG A 251 13.09 -12.25 7.17
N LYS A 252 12.10 -13.05 7.56
CA LYS A 252 12.34 -14.16 8.47
C LYS A 252 12.05 -15.53 7.85
N PRO A 253 13.08 -16.16 7.25
CA PRO A 253 12.93 -17.50 6.67
C PRO A 253 12.48 -18.51 7.71
N ILE A 254 11.71 -19.49 7.28
CA ILE A 254 11.13 -20.49 8.16
C ILE A 254 11.75 -21.87 7.92
N PRO A 255 12.07 -22.60 9.01
CA PRO A 255 12.58 -23.98 8.89
C PRO A 255 11.48 -24.99 8.59
N HIS A 256 11.82 -26.08 7.89
CA HIS A 256 10.88 -27.13 7.49
C HIS A 256 11.64 -28.42 7.19
N LEU A 257 10.95 -29.49 6.83
CA LEU A 257 11.59 -30.78 6.59
C LEU A 257 11.26 -31.29 5.20
N THR A 258 12.29 -31.67 4.45
CA THR A 258 12.11 -32.13 3.08
C THR A 258 11.26 -33.41 2.99
N GLY A 259 11.23 -34.18 4.07
CA GLY A 259 10.42 -35.37 4.15
C GLY A 259 8.93 -35.07 4.28
N LEU A 260 8.61 -33.83 4.63
CA LEU A 260 7.22 -33.43 4.78
C LEU A 260 6.81 -32.44 3.69
N LEU A 261 7.74 -32.12 2.80
CA LEU A 261 7.44 -31.24 1.67
C LEU A 261 7.29 -32.04 0.37
N VAL A 262 6.53 -31.47 -0.57
CA VAL A 262 6.27 -32.06 -1.88
C VAL A 262 6.45 -30.99 -2.93
N PRO A 263 7.29 -31.24 -3.95
CA PRO A 263 7.54 -30.17 -4.92
C PRO A 263 6.27 -29.83 -5.68
N VAL A 264 6.02 -28.55 -5.92
CA VAL A 264 4.98 -28.18 -6.87
C VAL A 264 5.66 -27.87 -8.20
N LEU A 265 5.16 -28.47 -9.27
CA LEU A 265 5.89 -28.52 -10.52
C LEU A 265 5.34 -27.57 -11.57
N THR A 266 6.25 -26.84 -12.21
CA THR A 266 5.91 -25.97 -13.33
C THR A 266 6.68 -26.45 -14.54
N LEU A 267 6.57 -25.72 -15.64
CA LEU A 267 7.29 -26.08 -16.86
C LEU A 267 8.80 -25.97 -16.66
N GLU A 268 9.22 -25.07 -15.77
CA GLU A 268 10.62 -24.87 -15.44
C GLU A 268 11.29 -26.11 -14.82
N ASP A 269 10.49 -26.95 -14.17
CA ASP A 269 11.02 -28.10 -13.44
C ASP A 269 11.08 -29.40 -14.25
N LEU A 270 10.38 -29.45 -15.38
CA LEU A 270 10.41 -30.63 -16.25
C LEU A 270 11.21 -30.36 -17.52
N SER A 276 10.19 -29.95 -22.49
CA SER A 276 10.32 -30.33 -23.88
C SER A 276 8.96 -30.63 -24.51
N LEU A 277 7.92 -30.71 -23.69
CA LEU A 277 6.56 -30.97 -24.17
C LEU A 277 5.71 -29.70 -24.15
N ALA A 278 5.35 -29.20 -25.32
CA ALA A 278 4.49 -28.02 -25.43
C ALA A 278 3.02 -28.40 -25.25
N LEU A 279 2.27 -27.56 -24.52
CA LEU A 279 0.94 -27.93 -24.05
C LEU A 279 -0.21 -27.13 -24.69
N SER A 280 0.10 -26.31 -25.68
CA SER A 280 -0.94 -25.63 -26.44
C SER A 280 -1.50 -26.56 -27.51
N LEU A 281 -2.67 -26.23 -28.04
CA LEU A 281 -3.28 -27.01 -29.11
C LEU A 281 -3.64 -26.11 -30.29
N PRO A 282 -3.42 -26.61 -31.53
CA PRO A 282 -3.93 -25.91 -32.72
C PRO A 282 -5.44 -25.88 -32.62
N TRP A 283 -6.11 -24.91 -33.23
CA TRP A 283 -7.54 -24.77 -32.96
C TRP A 283 -8.40 -25.94 -33.43
N GLU A 284 -8.01 -26.61 -34.52
CA GLU A 284 -8.77 -27.77 -35.00
C GLU A 284 -8.78 -28.92 -33.99
N GLU A 285 -7.60 -29.24 -33.45
CA GLU A 285 -7.48 -30.26 -32.43
C GLU A 285 -8.24 -29.87 -31.15
N ARG A 286 -8.08 -28.61 -30.73
CA ARG A 286 -8.76 -28.16 -29.53
C ARG A 286 -10.27 -28.32 -29.68
N ARG A 287 -10.79 -27.90 -30.84
CA ARG A 287 -12.22 -28.00 -31.11
C ARG A 287 -12.69 -29.46 -31.10
N ARG A 288 -11.90 -30.34 -31.73
CA ARG A 288 -12.19 -31.77 -31.74
C ARG A 288 -12.31 -32.34 -30.31
N ARG A 289 -11.27 -32.15 -29.53
CA ARG A 289 -11.28 -32.57 -28.12
C ARG A 289 -12.46 -31.97 -27.34
N THR A 290 -12.77 -30.71 -27.62
CA THR A 290 -13.88 -30.00 -27.00
C THR A 290 -15.20 -30.72 -27.25
N ARG A 291 -15.43 -31.13 -28.51
CA ARG A 291 -16.65 -31.84 -28.87
C ARG A 291 -16.73 -33.23 -28.24
N GLU A 292 -15.60 -33.94 -28.27
CA GLU A 292 -15.53 -35.26 -27.64
C GLU A 292 -15.89 -35.18 -26.16
N ILE A 293 -15.25 -34.25 -25.47
CA ILE A 293 -15.49 -34.09 -24.03
C ILE A 293 -16.91 -33.62 -23.73
N ALA A 294 -17.45 -32.74 -24.58
CA ALA A 294 -18.84 -32.32 -24.44
C ALA A 294 -19.79 -33.52 -24.50
N SER A 295 -19.62 -34.40 -25.50
CA SER A 295 -20.55 -35.53 -25.59
C SER A 295 -20.36 -36.55 -24.46
N TRP A 296 -19.10 -36.80 -24.09
CA TRP A 296 -18.79 -37.65 -22.94
C TRP A 296 -19.48 -37.15 -21.65
N ILE A 297 -19.34 -35.86 -21.37
CA ILE A 297 -19.96 -35.25 -20.19
C ILE A 297 -21.49 -35.29 -20.27
N GLY A 298 -22.02 -34.92 -21.43
CA GLY A 298 -23.45 -34.96 -21.65
C GLY A 298 -24.04 -36.32 -21.35
N ARG A 299 -23.32 -37.37 -21.74
CA ARG A 299 -23.78 -38.74 -21.56
C ARG A 299 -23.63 -39.23 -20.13
N ARG A 300 -22.48 -38.95 -19.51
CA ARG A 300 -22.24 -39.38 -18.15
C ARG A 300 -23.18 -38.72 -17.15
N LEU A 301 -23.48 -37.44 -17.37
CA LEU A 301 -24.27 -36.67 -16.39
C LEU A 301 -25.77 -36.66 -16.68
N GLY A 302 -26.20 -37.41 -17.70
CA GLY A 302 -27.61 -37.47 -18.06
C GLY A 302 -28.15 -36.13 -18.52
N LEU A 303 -27.33 -35.37 -19.24
CA LEU A 303 -27.73 -34.06 -19.73
C LEU A 303 -28.14 -34.08 -21.21
N GLY A 304 -27.95 -35.22 -21.87
CA GLY A 304 -28.40 -35.40 -23.24
C GLY A 304 -27.29 -35.25 -24.27
N THR A 305 -27.68 -34.94 -25.51
CA THR A 305 -26.71 -34.84 -26.60
C THR A 305 -26.38 -33.38 -26.86
N PRO A 306 -25.08 -33.07 -26.96
CA PRO A 306 -24.61 -31.69 -27.14
C PRO A 306 -24.84 -31.11 -28.54
N GLU A 307 -25.42 -29.92 -28.58
CA GLU A 307 -25.66 -29.20 -29.83
C GLU A 307 -24.85 -27.90 -29.80
N ALA A 308 -23.98 -27.72 -30.79
CA ALA A 308 -23.02 -26.62 -30.76
C ALA A 308 -23.69 -25.25 -31.00
N VAL A 309 -23.31 -24.25 -30.21
CA VAL A 309 -23.90 -22.93 -30.39
C VAL A 309 -23.19 -22.12 -31.47
N ARG A 310 -23.97 -21.51 -32.36
CA ARG A 310 -23.44 -20.66 -33.43
C ARG A 310 -23.68 -19.19 -33.14
N ALA A 311 -22.74 -18.35 -33.56
CA ALA A 311 -22.92 -16.92 -33.41
C ALA A 311 -22.51 -16.23 -34.69
N GLN A 312 -23.21 -15.15 -35.02
CA GLN A 312 -22.88 -14.36 -36.19
C GLN A 312 -21.60 -13.57 -35.89
N ALA A 313 -20.64 -13.63 -36.81
CA ALA A 313 -19.38 -12.93 -36.61
C ALA A 313 -19.06 -12.01 -37.78
N TYR A 314 -18.35 -10.91 -37.51
CA TYR A 314 -18.01 -9.95 -38.55
C TYR A 314 -16.51 -9.79 -38.66
N ARG A 315 -16.00 -9.73 -39.89
CA ARG A 315 -14.57 -9.55 -40.10
C ARG A 315 -14.24 -8.06 -40.29
N LEU A 316 -13.49 -7.52 -39.34
CA LEU A 316 -13.14 -6.11 -39.34
C LEU A 316 -12.06 -5.82 -40.37
N SER A 317 -12.04 -4.61 -40.91
CA SER A 317 -11.02 -4.25 -41.89
C SER A 317 -9.62 -4.33 -41.26
N ILE A 318 -8.62 -4.57 -42.11
CA ILE A 318 -7.24 -4.70 -41.66
C ILE A 318 -6.61 -3.31 -41.52
N PRO A 319 -6.00 -3.03 -40.36
CA PRO A 319 -5.45 -1.67 -40.19
C PRO A 319 -4.23 -1.39 -41.07
N LYS A 320 -4.06 -0.13 -41.45
CA LYS A 320 -2.95 0.29 -42.28
C LYS A 320 -1.88 0.96 -41.43
N LEU A 321 -0.85 0.19 -41.07
CA LEU A 321 0.23 0.70 -40.24
C LEU A 321 1.19 1.56 -41.05
N MET A 322 1.61 2.67 -40.46
CA MET A 322 2.52 3.59 -41.13
C MET A 322 3.80 3.86 -40.37
N GLY A 323 4.92 3.78 -41.08
CA GLY A 323 6.17 4.37 -40.63
C GLY A 323 6.28 5.66 -41.42
N ARG A 324 7.46 5.94 -41.97
CA ARG A 324 7.61 7.05 -42.91
C ARG A 324 6.68 6.79 -44.10
N ARG A 325 6.55 5.53 -44.46
CA ARG A 325 5.51 5.06 -45.39
C ARG A 325 4.93 3.74 -44.90
N ALA A 326 4.09 3.12 -45.72
CA ALA A 326 3.37 1.91 -45.32
C ALA A 326 4.28 0.82 -44.78
N VAL A 327 3.83 0.13 -43.73
CA VAL A 327 4.55 -1.01 -43.20
C VAL A 327 3.55 -2.11 -42.86
N SER A 328 4.03 -3.34 -42.74
CA SER A 328 3.19 -4.41 -42.23
C SER A 328 3.52 -4.74 -40.78
N LYS A 329 4.73 -4.38 -40.37
CA LYS A 329 5.15 -4.61 -39.00
C LYS A 329 6.05 -3.48 -38.54
N PRO A 330 6.17 -3.28 -37.21
CA PRO A 330 6.99 -2.18 -36.71
C PRO A 330 8.47 -2.34 -37.02
N ALA A 331 8.96 -3.58 -37.10
CA ALA A 331 10.33 -3.82 -37.53
C ALA A 331 10.61 -3.27 -38.94
N ASP A 332 9.58 -3.06 -39.74
CA ASP A 332 9.76 -2.50 -41.09
C ASP A 332 10.22 -1.05 -41.05
N ALA A 333 9.85 -0.33 -39.99
CA ALA A 333 10.27 1.06 -39.82
C ALA A 333 11.79 1.16 -39.76
N LEU A 334 12.46 0.07 -39.35
CA LEU A 334 13.92 0.04 -39.34
C LEU A 334 14.52 0.19 -40.74
N ARG A 335 13.84 -0.32 -41.77
CA ARG A 335 14.35 -0.20 -43.14
C ARG A 335 13.74 1.00 -43.85
N VAL A 336 12.49 1.29 -43.55
CA VAL A 336 11.68 2.23 -44.31
C VAL A 336 11.60 3.63 -43.67
N GLY A 337 11.96 3.73 -42.39
CA GLY A 337 11.90 5.00 -41.68
C GLY A 337 10.72 5.05 -40.73
N PHE A 338 10.85 5.85 -39.68
CA PHE A 338 9.84 5.95 -38.64
C PHE A 338 8.76 6.95 -38.99
N TYR A 339 7.61 6.80 -38.34
CA TYR A 339 6.49 7.71 -38.52
C TYR A 339 6.88 9.17 -38.23
N ARG A 340 7.48 9.40 -37.08
CA ARG A 340 7.99 10.73 -36.76
C ARG A 340 9.39 10.62 -36.18
N ALA A 341 10.35 11.19 -36.89
CA ALA A 341 11.72 11.12 -36.46
C ALA A 341 12.15 12.45 -35.84
N GLN A 342 13.00 12.37 -34.85
CA GLN A 342 13.55 13.56 -34.21
C GLN A 342 15.04 13.33 -33.97
N GLU A 343 15.78 14.42 -33.81
CA GLU A 343 17.21 14.33 -33.54
C GLU A 343 17.44 13.63 -32.22
N THR A 344 18.10 12.47 -32.27
CA THR A 344 18.30 11.69 -31.06
C THR A 344 19.74 11.32 -30.81
N ALA A 345 20.03 11.07 -29.53
CA ALA A 345 21.35 10.63 -29.11
C ALA A 345 21.19 9.44 -28.17
N LEU A 346 21.90 8.36 -28.47
CA LEU A 346 21.79 7.15 -27.66
C LEU A 346 23.17 6.76 -27.16
N ALA A 347 23.23 6.12 -26.00
CA ALA A 347 24.53 5.74 -25.44
C ALA A 347 24.66 4.23 -25.32
N LEU A 348 25.89 3.72 -25.39
CA LEU A 348 26.13 2.31 -25.20
C LEU A 348 26.85 2.04 -23.88
N LEU A 349 26.32 1.10 -23.10
CA LEU A 349 26.95 0.66 -21.88
C LEU A 349 27.25 -0.82 -21.98
N ARG A 350 28.55 -1.14 -22.00
CA ARG A 350 28.99 -2.53 -22.06
C ARG A 350 29.38 -3.08 -20.69
N LEU A 351 28.67 -4.11 -20.25
CA LEU A 351 28.99 -4.80 -19.00
C LEU A 351 29.68 -6.14 -19.27
N ASP A 352 30.30 -6.28 -20.43
CA ASP A 352 30.80 -7.57 -20.87
C ASP A 352 32.33 -7.63 -21.06
N GLY A 353 32.99 -6.48 -20.90
CA GLY A 353 34.44 -6.41 -21.00
C GLY A 353 34.96 -6.17 -22.41
N ALA A 354 34.08 -5.76 -23.32
CA ALA A 354 34.50 -5.47 -24.68
C ALA A 354 34.40 -3.97 -24.94
N GLN A 355 34.75 -3.53 -26.13
CA GLN A 355 34.84 -2.10 -26.43
C GLN A 355 33.55 -1.51 -27.00
N GLY A 356 33.66 -0.83 -28.14
CA GLY A 356 32.60 0.03 -28.63
C GLY A 356 31.33 -0.61 -29.16
N TRP A 357 30.65 0.13 -30.03
CA TRP A 357 29.41 -0.35 -30.67
C TRP A 357 29.68 -1.53 -31.58
N PRO A 358 28.89 -2.60 -31.44
CA PRO A 358 28.94 -3.67 -32.45
C PRO A 358 28.60 -3.05 -33.80
N GLU A 359 29.29 -3.45 -34.86
CA GLU A 359 29.14 -2.75 -36.13
C GLU A 359 27.75 -2.88 -36.77
N PHE A 360 27.14 -4.06 -36.71
CA PHE A 360 25.82 -4.25 -37.31
C PHE A 360 24.73 -3.41 -36.65
N LEU A 361 24.83 -3.23 -35.33
CA LEU A 361 23.87 -2.38 -34.61
C LEU A 361 24.00 -0.94 -35.04
N ARG A 362 25.23 -0.45 -35.12
CA ARG A 362 25.49 0.92 -35.55
C ARG A 362 24.97 1.14 -36.96
N ARG A 363 25.27 0.17 -37.84
CA ARG A 363 24.80 0.23 -39.23
C ARG A 363 23.28 0.30 -39.32
N ALA A 364 22.59 -0.60 -38.61
CA ALA A 364 21.14 -0.60 -38.59
C ALA A 364 20.53 0.72 -38.06
N LEU A 365 21.06 1.23 -36.95
CA LEU A 365 20.59 2.52 -36.44
C LEU A 365 20.77 3.65 -37.45
N LEU A 366 21.97 3.73 -38.01
CA LEU A 366 22.28 4.71 -39.07
C LEU A 366 21.33 4.61 -40.26
N ARG A 367 21.07 3.40 -40.74
CA ARG A 367 20.15 3.19 -41.85
C ARG A 367 18.74 3.67 -41.52
N ALA A 368 18.27 3.31 -40.34
CA ALA A 368 16.95 3.73 -39.87
C ALA A 368 16.81 5.25 -39.85
N PHE A 369 17.81 5.92 -39.29
CA PHE A 369 17.75 7.37 -39.19
C PHE A 369 18.02 8.06 -40.52
N GLY A 370 18.69 7.36 -41.43
CA GLY A 370 18.91 7.88 -42.77
C GLY A 370 17.59 7.89 -43.53
N ALA A 371 16.88 6.77 -43.45
CA ALA A 371 15.57 6.67 -44.09
C ALA A 371 14.60 7.68 -43.48
N SER A 372 14.71 7.90 -42.17
CA SER A 372 13.80 8.81 -41.47
C SER A 372 14.15 10.29 -41.69
N GLY A 373 15.34 10.57 -42.20
CA GLY A 373 15.78 11.94 -42.41
C GLY A 373 16.11 12.69 -41.13
N ALA A 374 16.41 11.95 -40.06
CA ALA A 374 16.78 12.56 -38.79
C ALA A 374 18.23 12.24 -38.44
N SER A 375 18.85 13.10 -37.64
CA SER A 375 20.24 12.92 -37.27
C SER A 375 20.40 12.08 -36.00
N LEU A 376 21.39 11.19 -36.02
CA LEU A 376 21.63 10.28 -34.91
C LEU A 376 23.00 10.57 -34.31
N ARG A 377 23.08 10.54 -32.99
CA ARG A 377 24.37 10.66 -32.31
C ARG A 377 24.60 9.44 -31.41
N LEU A 378 25.71 8.74 -31.63
CA LEU A 378 26.03 7.58 -30.81
C LEU A 378 27.14 7.89 -29.81
N HIS A 379 26.85 7.62 -28.53
CA HIS A 379 27.78 7.86 -27.44
C HIS A 379 28.17 6.55 -26.81
N THR A 380 29.29 6.57 -26.09
CA THR A 380 29.70 5.40 -25.32
C THR A 380 29.93 5.81 -23.87
N LEU A 381 29.30 5.07 -22.97
CA LEU A 381 29.55 5.23 -21.53
C LEU A 381 30.74 4.39 -21.13
N HIS A 382 31.80 5.05 -20.67
CA HIS A 382 33.03 4.31 -20.35
C HIS A 382 33.04 3.86 -18.88
N ALA A 383 32.33 4.60 -18.04
CA ALA A 383 32.24 4.26 -16.62
C ALA A 383 31.35 3.04 -16.35
N HIS A 384 31.63 2.35 -15.25
CA HIS A 384 30.97 1.12 -14.89
C HIS A 384 30.10 1.37 -13.66
N PRO A 385 28.96 0.68 -13.56
CA PRO A 385 28.04 0.86 -12.42
C PRO A 385 28.62 0.42 -11.07
N SER A 386 29.65 -0.41 -11.10
CA SER A 386 30.30 -0.86 -9.87
C SER A 386 31.08 0.25 -9.18
N GLN A 387 31.14 1.42 -9.81
CA GLN A 387 31.92 2.52 -9.26
C GLN A 387 31.05 3.46 -8.43
N GLY A 388 29.85 2.99 -8.12
CA GLY A 388 28.94 3.69 -7.23
C GLY A 388 28.49 5.05 -7.73
N LEU A 389 28.92 6.10 -7.06
CA LEU A 389 28.39 7.44 -7.29
C LEU A 389 29.04 8.15 -8.48
N ALA A 390 30.30 7.85 -8.73
CA ALA A 390 30.99 8.41 -9.88
C ALA A 390 30.34 7.95 -11.18
N PHE A 391 29.72 6.76 -11.13
CA PHE A 391 28.96 6.25 -12.25
C PHE A 391 27.76 7.16 -12.53
N ARG A 392 27.05 7.54 -11.47
CA ARG A 392 25.96 8.49 -11.57
C ARG A 392 26.47 9.80 -12.17
N GLU A 393 27.68 10.19 -11.77
CA GLU A 393 28.32 11.38 -12.34
C GLU A 393 28.48 11.28 -13.86
N ALA A 394 28.95 10.12 -14.33
CA ALA A 394 29.10 9.90 -15.77
C ALA A 394 27.75 9.91 -16.48
N LEU A 395 26.74 9.31 -15.86
CA LEU A 395 25.37 9.37 -16.38
C LEU A 395 24.91 10.81 -16.56
N ARG A 396 25.06 11.61 -15.52
CA ARG A 396 24.67 13.02 -15.61
C ARG A 396 25.42 13.73 -16.72
N LYS A 397 26.71 13.44 -16.87
CA LYS A 397 27.47 13.98 -17.99
C LYS A 397 26.85 13.59 -19.34
N ALA A 398 26.44 12.34 -19.46
CA ALA A 398 25.85 11.86 -20.72
C ALA A 398 24.53 12.57 -21.02
N LYS A 399 23.63 12.62 -20.03
CA LYS A 399 22.35 13.29 -20.21
C LYS A 399 22.58 14.76 -20.57
N GLU A 400 23.53 15.38 -19.90
CA GLU A 400 23.94 16.75 -20.19
C GLU A 400 24.35 16.87 -21.64
N GLU A 401 25.09 15.89 -22.15
CA GLU A 401 25.54 15.89 -23.54
C GLU A 401 24.45 15.54 -24.55
N GLY A 402 23.23 15.28 -24.06
CA GLY A 402 22.09 15.09 -24.96
C GLY A 402 21.55 13.68 -25.09
N VAL A 403 22.18 12.71 -24.43
CA VAL A 403 21.77 11.31 -24.51
C VAL A 403 20.35 11.09 -23.98
N GLN A 404 19.54 10.34 -24.72
CA GLN A 404 18.14 10.14 -24.38
C GLN A 404 17.83 8.77 -23.80
N ALA A 405 18.62 7.78 -24.20
CA ALA A 405 18.42 6.42 -23.71
C ALA A 405 19.72 5.62 -23.84
N VAL A 406 19.82 4.53 -23.07
CA VAL A 406 21.03 3.74 -23.14
C VAL A 406 20.75 2.28 -23.50
N LEU A 407 21.60 1.73 -24.36
CA LEU A 407 21.58 0.34 -24.71
C LEU A 407 22.63 -0.33 -23.85
N VAL A 408 22.23 -1.33 -23.08
CA VAL A 408 23.13 -2.04 -22.19
C VAL A 408 23.40 -3.43 -22.76
N LEU A 409 24.63 -3.68 -23.21
CA LEU A 409 25.03 -5.02 -23.68
C LEU A 409 25.62 -5.81 -22.53
N THR A 410 24.90 -6.80 -22.03
CA THR A 410 25.34 -7.48 -20.81
C THR A 410 25.06 -8.97 -20.85
N PRO A 411 25.86 -9.77 -20.10
CA PRO A 411 25.47 -11.16 -19.92
C PRO A 411 24.17 -11.18 -19.13
N PRO A 412 23.41 -12.28 -19.20
CA PRO A 412 22.11 -12.34 -18.52
C PRO A 412 22.23 -11.96 -17.05
N MET A 413 21.35 -11.07 -16.59
CA MET A 413 21.42 -10.54 -15.24
C MET A 413 20.37 -11.18 -14.36
N ALA A 414 20.72 -11.38 -13.09
CA ALA A 414 19.72 -11.75 -12.09
C ALA A 414 18.71 -10.61 -11.95
N TRP A 415 17.46 -10.97 -11.71
CA TRP A 415 16.37 -10.01 -11.54
C TRP A 415 16.74 -8.81 -10.65
N GLU A 416 17.41 -9.07 -9.53
CA GLU A 416 17.74 -8.02 -8.56
C GLU A 416 18.72 -7.01 -9.15
N ASP A 417 19.76 -7.53 -9.80
CA ASP A 417 20.76 -6.69 -10.45
C ASP A 417 20.18 -5.90 -11.62
N ARG A 418 19.30 -6.54 -12.37
CA ARG A 418 18.62 -5.90 -13.49
C ARG A 418 17.79 -4.72 -12.98
N ASN A 419 16.94 -5.00 -11.99
CA ASN A 419 16.12 -3.96 -11.38
C ASN A 419 16.95 -2.79 -10.88
N ARG A 420 18.05 -3.12 -10.20
CA ARG A 420 18.92 -2.07 -9.64
C ARG A 420 19.53 -1.20 -10.73
N LEU A 421 20.05 -1.82 -11.79
CA LEU A 421 20.65 -1.09 -12.89
C LEU A 421 19.62 -0.17 -13.56
N LYS A 422 18.47 -0.76 -13.87
CA LYS A 422 17.37 -0.02 -14.46
C LYS A 422 17.05 1.22 -13.64
N ALA A 423 16.75 1.02 -12.36
CA ALA A 423 16.42 2.10 -11.43
C ALA A 423 17.49 3.20 -11.37
N LEU A 424 18.75 2.77 -11.28
CA LEU A 424 19.87 3.71 -11.27
C LEU A 424 19.85 4.61 -12.49
N LEU A 425 19.67 4.01 -13.66
CA LEU A 425 19.63 4.80 -14.90
C LEU A 425 18.40 5.73 -14.94
N LEU A 426 17.25 5.20 -14.54
CA LEU A 426 16.01 5.97 -14.45
C LEU A 426 16.15 7.23 -13.60
N ARG A 427 16.85 7.11 -12.47
CA ARG A 427 16.99 8.26 -11.57
C ARG A 427 17.71 9.44 -12.22
N GLU A 428 18.51 9.17 -13.25
CA GLU A 428 19.08 10.24 -14.05
C GLU A 428 18.28 10.50 -15.32
N GLY A 429 17.06 9.99 -15.36
CA GLY A 429 16.17 10.22 -16.48
C GLY A 429 16.57 9.50 -17.76
N LEU A 430 17.32 8.41 -17.62
CA LEU A 430 17.77 7.64 -18.78
C LEU A 430 17.12 6.26 -18.81
N PRO A 431 16.10 6.10 -19.66
CA PRO A 431 15.56 4.76 -19.91
C PRO A 431 16.65 3.89 -20.51
N SER A 432 16.55 2.58 -20.31
CA SER A 432 17.53 1.65 -20.83
C SER A 432 16.89 0.43 -21.49
N GLN A 433 17.60 -0.12 -22.48
CA GLN A 433 17.22 -1.36 -23.12
C GLN A 433 18.34 -2.36 -22.94
N ILE A 434 18.03 -3.53 -22.39
CA ILE A 434 19.06 -4.54 -22.21
C ILE A 434 19.09 -5.46 -23.44
N LEU A 435 20.30 -5.81 -23.85
CA LEU A 435 20.50 -6.84 -24.87
C LEU A 435 21.57 -7.81 -24.32
N ASN A 436 21.22 -9.09 -24.26
CA ASN A 436 22.09 -10.10 -23.68
C ASN A 436 23.24 -10.50 -24.61
N VAL A 437 24.42 -10.70 -24.02
CA VAL A 437 25.69 -10.51 -24.73
C VAL A 437 26.25 -11.64 -25.58
N PRO A 438 25.87 -12.90 -25.32
CA PRO A 438 26.18 -13.78 -26.45
C PRO A 438 25.31 -13.31 -27.62
N LEU A 439 25.91 -12.59 -28.56
CA LEU A 439 25.13 -11.96 -29.62
C LEU A 439 25.67 -12.26 -31.01
N ARG A 440 24.80 -12.78 -31.86
CA ARG A 440 25.17 -13.10 -33.23
C ARG A 440 24.37 -12.23 -34.20
N GLU A 441 25.06 -11.66 -35.19
CA GLU A 441 24.45 -10.78 -36.17
C GLU A 441 23.23 -11.39 -36.86
N GLU A 442 23.24 -12.71 -37.05
CA GLU A 442 22.12 -13.40 -37.70
C GLU A 442 20.93 -13.65 -36.78
N GLU A 443 21.08 -13.33 -35.50
CA GLU A 443 19.96 -13.40 -34.57
C GLU A 443 19.14 -12.12 -34.70
N ARG A 444 18.62 -11.87 -35.90
CA ARG A 444 18.06 -10.57 -36.25
C ARG A 444 16.81 -10.14 -35.50
N HIS A 445 15.90 -11.08 -35.24
CA HIS A 445 14.65 -10.74 -34.58
C HIS A 445 14.92 -10.15 -33.19
N ARG A 446 15.77 -10.82 -32.43
CA ARG A 446 16.13 -10.37 -31.10
C ARG A 446 16.73 -8.97 -31.07
N TRP A 447 17.80 -8.73 -31.82
CA TRP A 447 18.45 -7.43 -31.77
C TRP A 447 17.68 -6.30 -32.44
N GLU A 448 16.88 -6.62 -33.46
CA GLU A 448 16.00 -5.62 -34.04
C GLU A 448 14.91 -5.21 -33.03
N ASN A 449 14.39 -6.18 -32.29
CA ASN A 449 13.42 -5.90 -31.24
C ASN A 449 14.02 -5.07 -30.11
N ALA A 450 15.28 -5.33 -29.77
CA ALA A 450 15.98 -4.53 -28.78
C ALA A 450 16.15 -3.12 -29.30
N LEU A 451 16.43 -2.99 -30.59
CA LEU A 451 16.55 -1.67 -31.21
C LEU A 451 15.23 -0.90 -31.14
N LEU A 452 14.12 -1.59 -31.41
CA LEU A 452 12.80 -0.97 -31.31
C LEU A 452 12.48 -0.52 -29.89
N GLY A 453 12.85 -1.36 -28.93
CA GLY A 453 12.67 -1.03 -27.52
C GLY A 453 13.45 0.23 -27.20
N LEU A 454 14.72 0.20 -27.59
CA LEU A 454 15.64 1.31 -27.42
C LEU A 454 15.06 2.61 -27.96
N LEU A 455 14.50 2.57 -29.17
CA LEU A 455 14.00 3.76 -29.83
C LEU A 455 12.71 4.28 -29.20
N ALA A 456 11.80 3.38 -28.85
CA ALA A 456 10.60 3.79 -28.12
C ALA A 456 10.96 4.42 -26.76
N LYS A 457 12.03 3.92 -26.13
CA LYS A 457 12.47 4.44 -24.85
C LYS A 457 13.14 5.81 -24.97
N ALA A 458 13.53 6.18 -26.18
CA ALA A 458 14.12 7.50 -26.42
C ALA A 458 13.05 8.47 -26.89
N GLY A 459 11.81 8.01 -26.98
CA GLY A 459 10.71 8.89 -27.31
C GLY A 459 10.37 9.00 -28.79
N LEU A 460 10.93 8.12 -29.62
CA LEU A 460 10.55 8.11 -31.04
C LEU A 460 9.18 7.48 -31.24
N GLN A 461 8.46 7.94 -32.26
CA GLN A 461 7.25 7.26 -32.70
C GLN A 461 7.54 6.42 -33.92
N VAL A 462 7.64 5.11 -33.74
CA VAL A 462 8.02 4.24 -34.85
C VAL A 462 6.87 4.04 -35.86
N VAL A 463 5.68 3.70 -35.37
CA VAL A 463 4.51 3.53 -36.22
C VAL A 463 3.24 4.22 -35.72
N ALA A 464 2.28 4.41 -36.62
CA ALA A 464 0.99 5.01 -36.28
C ALA A 464 -0.08 4.42 -37.19
N LEU A 465 -1.34 4.63 -36.83
CA LEU A 465 -2.46 4.16 -37.65
C LEU A 465 -2.92 5.26 -38.60
N SER A 466 -3.71 4.86 -39.60
CA SER A 466 -4.16 5.79 -40.64
C SER A 466 -5.67 5.87 -40.78
N GLY A 467 -6.39 5.03 -40.04
CA GLY A 467 -7.84 4.96 -40.17
C GLY A 467 -8.61 6.15 -39.60
N ALA A 468 -9.94 6.02 -39.62
CA ALA A 468 -10.84 7.02 -39.07
C ALA A 468 -11.57 6.42 -37.87
N TYR A 469 -11.32 6.97 -36.70
CA TYR A 469 -11.85 6.41 -35.47
C TYR A 469 -12.71 7.41 -34.73
N PRO A 470 -13.77 6.93 -34.06
CA PRO A 470 -14.66 7.81 -33.28
C PRO A 470 -13.92 8.63 -32.22
N ALA A 471 -12.88 8.06 -31.62
CA ALA A 471 -12.17 8.74 -30.55
C ALA A 471 -10.72 9.05 -30.91
N GLU A 472 -10.29 10.28 -30.67
CA GLU A 472 -8.92 10.68 -31.00
C GLU A 472 -7.99 10.67 -29.78
N LEU A 473 -8.49 10.16 -28.65
CA LEU A 473 -7.64 9.86 -27.51
C LEU A 473 -8.09 8.52 -26.95
N ALA A 474 -7.17 7.59 -26.81
CA ALA A 474 -7.51 6.30 -26.21
C ALA A 474 -6.64 6.10 -24.98
N VAL A 475 -7.27 5.76 -23.85
CA VAL A 475 -6.51 5.60 -22.61
C VAL A 475 -6.80 4.27 -21.90
N GLY A 476 -5.74 3.59 -21.49
CA GLY A 476 -5.88 2.35 -20.77
C GLY A 476 -5.52 2.47 -19.31
N PHE A 477 -6.26 1.74 -18.48
CA PHE A 477 -6.09 1.76 -17.04
C PHE A 477 -5.82 0.35 -16.53
N ASP A 478 -4.84 0.22 -15.65
CA ASP A 478 -4.56 -1.08 -15.03
C ASP A 478 -3.97 -0.91 -13.63
N ALA A 479 -3.93 -2.00 -12.86
CA ALA A 479 -3.26 -2.01 -11.58
C ALA A 479 -2.24 -3.13 -11.53
N GLY A 480 -1.10 -2.87 -10.89
CA GLY A 480 -0.03 -3.85 -10.82
C GLY A 480 0.67 -3.85 -9.48
N GLY A 481 1.54 -4.84 -9.26
CA GLY A 481 2.22 -4.98 -7.98
C GLY A 481 1.70 -6.19 -7.23
N ARG A 482 2.50 -6.72 -6.31
CA ARG A 482 2.14 -7.96 -5.63
C ARG A 482 2.27 -7.90 -4.11
N GLU A 483 2.57 -6.72 -3.57
CA GLU A 483 2.61 -6.55 -2.12
C GLU A 483 1.23 -6.20 -1.55
N SER A 484 1.18 -5.72 -0.31
CA SER A 484 -0.08 -5.42 0.33
C SER A 484 -0.79 -4.24 -0.32
N PHE A 485 -0.12 -3.63 -1.30
CA PHE A 485 -0.63 -2.47 -2.00
C PHE A 485 -0.34 -2.62 -3.49
N ARG A 486 -1.01 -1.83 -4.33
CA ARG A 486 -0.76 -1.84 -5.76
C ARG A 486 -0.54 -0.45 -6.32
N PHE A 487 -0.27 -0.39 -7.62
CA PHE A 487 -0.12 0.87 -8.33
C PHE A 487 -1.16 0.91 -9.43
N GLY A 488 -2.01 1.92 -9.40
CA GLY A 488 -3.00 2.13 -10.43
C GLY A 488 -2.44 3.14 -11.40
N GLY A 489 -2.41 2.77 -12.68
CA GLY A 489 -1.83 3.62 -13.70
C GLY A 489 -2.61 3.68 -14.99
N ALA A 490 -2.21 4.63 -15.84
CA ALA A 490 -2.85 4.89 -17.11
C ALA A 490 -1.81 5.21 -18.17
N ALA A 491 -2.09 4.77 -19.39
CA ALA A 491 -1.25 5.11 -20.53
C ALA A 491 -2.16 5.47 -21.69
N CYS A 492 -1.71 6.32 -22.59
CA CYS A 492 -2.58 6.78 -23.67
C CYS A 492 -1.91 6.85 -25.03
N ALA A 493 -2.77 6.81 -26.04
CA ALA A 493 -2.41 7.04 -27.43
C ALA A 493 -3.21 8.26 -27.81
N VAL A 494 -2.52 9.36 -28.11
CA VAL A 494 -3.18 10.62 -28.45
C VAL A 494 -3.11 10.91 -29.95
N GLY A 495 -4.14 11.59 -30.46
CA GLY A 495 -4.25 11.85 -31.88
C GLY A 495 -5.06 10.76 -32.56
N GLY A 496 -5.72 11.11 -33.67
CA GLY A 496 -6.52 10.15 -34.41
C GLY A 496 -5.71 9.00 -34.99
N ASP A 497 -4.39 9.15 -34.98
CA ASP A 497 -3.47 8.17 -35.54
C ASP A 497 -2.70 7.39 -34.47
N GLY A 498 -2.94 7.74 -33.21
CA GLY A 498 -2.12 7.26 -32.10
C GLY A 498 -0.71 7.78 -32.25
N GLY A 499 -0.59 8.96 -32.85
CA GLY A 499 0.69 9.55 -33.21
C GLY A 499 1.60 9.89 -32.05
N HIS A 500 1.10 9.79 -30.83
CA HIS A 500 1.89 9.96 -29.63
C HIS A 500 1.47 8.97 -28.57
N LEU A 501 2.45 8.37 -27.91
CA LEU A 501 2.16 7.43 -26.84
C LEU A 501 2.77 7.98 -25.55
N LEU A 502 1.96 8.07 -24.50
CA LEU A 502 2.37 8.69 -23.24
C LEU A 502 1.98 7.82 -22.05
N TRP A 503 2.75 7.88 -20.98
CA TRP A 503 2.36 7.29 -19.71
C TRP A 503 2.17 8.41 -18.70
N THR A 504 1.42 8.14 -17.64
CA THR A 504 1.31 9.07 -16.52
C THR A 504 1.79 8.41 -15.23
N LEU A 505 2.37 9.22 -14.34
CA LEU A 505 2.79 8.77 -13.02
C LEU A 505 1.65 8.01 -12.33
N PRO A 506 1.90 6.74 -11.94
CA PRO A 506 0.87 5.94 -11.27
C PRO A 506 0.64 6.39 -9.82
N GLU A 507 -0.36 5.79 -9.16
CA GLU A 507 -0.65 6.10 -7.77
C GLU A 507 -0.73 4.82 -6.95
N ALA A 508 -0.25 4.87 -5.72
CA ALA A 508 -0.35 3.73 -4.82
C ALA A 508 -1.79 3.63 -4.30
N GLN A 509 -2.32 2.41 -4.28
CA GLN A 509 -3.68 2.18 -3.82
C GLN A 509 -3.71 0.88 -3.04
N ALA A 510 -4.75 0.66 -2.24
CA ALA A 510 -4.82 -0.54 -1.40
C ALA A 510 -4.91 -1.82 -2.21
N GLY A 511 -5.75 -1.81 -3.24
CA GLY A 511 -5.95 -3.00 -4.05
C GLY A 511 -6.16 -2.78 -5.54
N GLU A 512 -7.13 -3.49 -6.11
CA GLU A 512 -7.37 -3.46 -7.55
C GLU A 512 -8.18 -2.22 -7.92
N ARG A 513 -9.07 -1.82 -7.04
CA ARG A 513 -9.90 -0.65 -7.30
C ARG A 513 -9.08 0.64 -7.38
N ILE A 514 -9.20 1.36 -8.49
CA ILE A 514 -8.58 2.66 -8.61
C ILE A 514 -9.55 3.70 -8.04
N PRO A 515 -9.10 4.49 -7.05
CA PRO A 515 -9.98 5.52 -6.46
C PRO A 515 -10.51 6.49 -7.51
N GLN A 516 -11.74 6.95 -7.34
CA GLN A 516 -12.39 7.82 -8.33
C GLN A 516 -11.55 9.05 -8.68
N GLU A 517 -11.05 9.74 -7.65
CA GLU A 517 -10.25 10.94 -7.85
C GLU A 517 -8.95 10.59 -8.57
N VAL A 518 -8.42 9.40 -8.32
CA VAL A 518 -7.21 8.96 -8.99
C VAL A 518 -7.48 8.75 -10.49
N VAL A 519 -8.62 8.12 -10.78
CA VAL A 519 -9.01 7.86 -12.17
C VAL A 519 -9.14 9.16 -12.92
N TRP A 520 -9.84 10.11 -12.30
CA TRP A 520 -10.00 11.42 -12.93
C TRP A 520 -8.67 12.14 -13.10
N ASP A 521 -7.80 12.10 -12.10
CA ASP A 521 -6.50 12.77 -12.22
C ASP A 521 -5.62 12.21 -13.35
N LEU A 522 -5.58 10.88 -13.47
CA LEU A 522 -4.82 10.22 -14.55
C LEU A 522 -5.38 10.56 -15.93
N LEU A 523 -6.70 10.43 -16.05
CA LEU A 523 -7.39 10.81 -17.28
C LEU A 523 -7.09 12.27 -17.62
N GLU A 524 -7.19 13.15 -16.62
CA GLU A 524 -6.99 14.58 -16.83
C GLU A 524 -5.60 14.82 -17.37
N GLU A 525 -4.61 14.09 -16.85
CA GLU A 525 -3.27 14.19 -17.39
C GLU A 525 -3.20 13.77 -18.86
N THR A 526 -3.96 12.74 -19.24
CA THR A 526 -3.95 12.36 -20.66
C THR A 526 -4.66 13.39 -21.54
N LEU A 527 -5.73 13.99 -21.02
CA LEU A 527 -6.40 15.08 -21.71
C LEU A 527 -5.43 16.23 -21.93
N TRP A 528 -4.59 16.48 -20.92
CA TRP A 528 -3.68 17.61 -20.97
C TRP A 528 -2.58 17.32 -21.99
N ALA A 529 -2.18 16.05 -22.07
CA ALA A 529 -1.24 15.62 -23.11
C ALA A 529 -1.81 15.90 -24.51
N PHE A 530 -3.06 15.51 -24.72
CA PHE A 530 -3.72 15.82 -25.99
C PHE A 530 -3.77 17.34 -26.21
N ARG A 531 -3.96 18.09 -25.13
CA ARG A 531 -4.06 19.54 -25.25
C ARG A 531 -2.73 20.10 -25.74
N ARG A 532 -1.64 19.60 -25.18
CA ARG A 532 -0.32 20.08 -25.56
C ARG A 532 0.05 19.68 -26.98
N LYS A 533 -0.39 18.49 -27.40
CA LYS A 533 -0.09 18.06 -28.76
C LYS A 533 -0.93 18.78 -29.83
N ALA A 534 -2.24 18.79 -29.62
CA ALA A 534 -3.20 19.21 -30.63
C ALA A 534 -3.66 20.66 -30.52
N GLY A 535 -3.43 21.29 -29.36
CA GLY A 535 -3.86 22.67 -29.17
C GLY A 535 -5.37 22.78 -29.02
N ARG A 536 -6.01 21.69 -28.57
CA ARG A 536 -7.45 21.67 -28.34
C ARG A 536 -7.82 20.45 -27.52
N LEU A 537 -9.07 20.37 -27.08
CA LEU A 537 -9.56 19.17 -26.38
C LEU A 537 -10.10 18.14 -27.38
N PRO A 538 -9.98 16.85 -27.05
CA PRO A 538 -10.52 15.83 -27.96
C PRO A 538 -12.04 15.83 -27.92
N SER A 539 -12.68 15.59 -29.07
CA SER A 539 -14.13 15.53 -29.13
C SER A 539 -14.70 14.33 -28.39
N ARG A 540 -13.92 13.25 -28.36
CA ARG A 540 -14.35 12.01 -27.75
C ARG A 540 -13.14 11.18 -27.33
N VAL A 541 -13.22 10.56 -26.16
CA VAL A 541 -12.15 9.68 -25.70
C VAL A 541 -12.67 8.26 -25.56
N LEU A 542 -11.77 7.30 -25.74
CA LEU A 542 -12.06 5.90 -25.53
C LEU A 542 -11.37 5.43 -24.26
N LEU A 543 -12.17 5.02 -23.28
CA LEU A 543 -11.66 4.60 -21.97
C LEU A 543 -11.65 3.08 -21.90
N LEU A 544 -10.46 2.51 -21.75
CA LEU A 544 -10.29 1.08 -21.67
C LEU A 544 -9.82 0.69 -20.27
N ARG A 545 -10.62 -0.12 -19.59
CA ARG A 545 -10.28 -0.60 -18.27
C ARG A 545 -9.85 -2.05 -18.42
N ASP A 546 -8.68 -2.41 -17.90
CA ASP A 546 -8.27 -3.81 -17.93
C ASP A 546 -9.07 -4.58 -16.91
N GLY A 547 -9.77 -5.61 -17.36
CA GLY A 547 -10.63 -6.37 -16.47
C GLY A 547 -11.93 -5.66 -16.19
N ARG A 548 -12.63 -6.10 -15.15
CA ARG A 548 -13.93 -5.55 -14.81
C ARG A 548 -13.80 -4.13 -14.27
N VAL A 549 -14.87 -3.35 -14.42
CA VAL A 549 -14.94 -2.03 -13.80
C VAL A 549 -15.62 -2.17 -12.45
N PRO A 550 -14.86 -1.93 -11.36
CA PRO A 550 -15.47 -2.01 -10.03
C PRO A 550 -16.56 -0.94 -9.92
N GLN A 551 -17.60 -1.21 -9.14
CA GLN A 551 -18.75 -0.33 -8.97
C GLN A 551 -18.39 1.16 -8.89
N ASP A 552 -18.90 1.95 -9.84
CA ASP A 552 -18.78 3.40 -9.83
C ASP A 552 -17.36 3.95 -9.82
N GLU A 553 -16.39 3.13 -10.21
CA GLU A 553 -14.99 3.55 -10.28
C GLU A 553 -14.79 4.78 -11.19
N PHE A 554 -15.61 4.88 -12.24
CA PHE A 554 -15.43 5.92 -13.24
C PHE A 554 -16.41 7.09 -13.15
N ALA A 555 -17.34 7.01 -12.20
CA ALA A 555 -18.42 8.00 -12.09
C ALA A 555 -17.91 9.45 -12.07
N LEU A 556 -16.91 9.71 -11.24
CA LEU A 556 -16.34 11.05 -11.11
C LEU A 556 -15.65 11.48 -12.41
N ALA A 557 -14.91 10.55 -13.01
CA ALA A 557 -14.25 10.83 -14.29
C ALA A 557 -15.28 11.13 -15.37
N LEU A 558 -16.33 10.31 -15.43
CA LEU A 558 -17.36 10.48 -16.44
C LEU A 558 -18.04 11.84 -16.33
N GLU A 559 -18.44 12.22 -15.10
CA GLU A 559 -19.06 13.54 -14.89
C GLU A 559 -18.08 14.67 -15.24
N ALA A 560 -16.84 14.52 -14.80
CA ALA A 560 -15.81 15.50 -15.13
C ALA A 560 -15.69 15.72 -16.66
N LEU A 561 -15.69 14.63 -17.42
CA LEU A 561 -15.68 14.71 -18.89
C LEU A 561 -16.92 15.41 -19.41
N ALA A 562 -18.08 15.09 -18.85
CA ALA A 562 -19.31 15.73 -19.28
C ALA A 562 -19.31 17.24 -19.01
N ARG A 563 -18.61 17.67 -17.96
CA ARG A 563 -18.54 19.09 -17.64
C ARG A 563 -17.62 19.85 -18.60
N GLU A 564 -16.72 19.11 -19.24
CA GLU A 564 -15.82 19.69 -20.23
C GLU A 564 -16.36 19.58 -21.66
N GLY A 565 -17.50 18.91 -21.81
CA GLY A 565 -18.09 18.69 -23.13
C GLY A 565 -17.38 17.62 -23.95
N ILE A 566 -16.67 16.72 -23.27
CA ILE A 566 -15.99 15.63 -23.97
C ILE A 566 -16.84 14.36 -23.88
N ALA A 567 -17.11 13.75 -25.04
CA ALA A 567 -17.88 12.52 -25.08
C ALA A 567 -16.94 11.36 -24.82
N TYR A 568 -17.49 10.22 -24.40
CA TYR A 568 -16.68 9.10 -23.98
C TYR A 568 -17.32 7.77 -24.28
N ASP A 569 -16.50 6.73 -24.29
CA ASP A 569 -16.97 5.37 -24.18
C ASP A 569 -16.10 4.66 -23.14
N LEU A 570 -16.73 3.96 -22.21
CA LEU A 570 -16.04 3.19 -21.18
C LEU A 570 -16.16 1.72 -21.54
N VAL A 571 -15.04 1.04 -21.74
CA VAL A 571 -15.06 -0.36 -22.15
C VAL A 571 -14.27 -1.27 -21.23
N SER A 572 -14.97 -2.24 -20.62
CA SER A 572 -14.32 -3.26 -19.82
C SER A 572 -13.70 -4.28 -20.79
N VAL A 573 -12.39 -4.46 -20.68
CA VAL A 573 -11.65 -5.39 -21.52
C VAL A 573 -11.14 -6.59 -20.72
N ARG A 574 -11.82 -7.72 -20.88
CA ARG A 574 -11.51 -8.92 -20.11
C ARG A 574 -10.70 -9.94 -20.89
N LYS A 575 -9.52 -10.24 -20.36
CA LYS A 575 -8.55 -11.14 -20.98
C LYS A 575 -8.95 -12.62 -20.90
N SER A 576 -9.82 -12.94 -19.95
CA SER A 576 -10.34 -14.30 -19.81
C SER A 576 -11.86 -14.27 -19.65
N GLY A 577 -12.51 -15.42 -19.82
CA GLY A 577 -13.95 -15.50 -19.70
C GLY A 577 -14.66 -15.38 -21.03
N GLY A 578 -13.90 -15.07 -22.07
CA GLY A 578 -14.46 -14.92 -23.40
C GLY A 578 -14.67 -16.22 -24.13
N GLY A 579 -14.40 -17.34 -23.46
CA GLY A 579 -14.54 -18.65 -24.08
C GLY A 579 -13.60 -18.86 -25.25
N ARG A 580 -14.08 -19.59 -26.26
CA ARG A 580 -13.28 -19.92 -27.43
C ARG A 580 -14.11 -19.66 -28.69
N VAL A 581 -13.44 -19.30 -29.78
CA VAL A 581 -14.13 -19.04 -31.05
C VAL A 581 -13.56 -19.84 -32.23
N TYR A 582 -14.40 -20.63 -32.89
CA TYR A 582 -13.97 -21.48 -34.01
C TYR A 582 -14.75 -21.20 -35.30
N PRO A 583 -14.10 -21.20 -36.47
CA PRO A 583 -14.90 -20.94 -37.66
C PRO A 583 -15.81 -22.11 -37.99
N VAL A 584 -17.02 -21.83 -38.47
CA VAL A 584 -17.89 -22.91 -38.91
C VAL A 584 -17.32 -23.56 -40.16
N GLN A 585 -16.79 -22.72 -41.06
CA GLN A 585 -16.14 -23.21 -42.27
C GLN A 585 -14.87 -22.42 -42.57
N GLY A 586 -13.91 -23.09 -43.19
CA GLY A 586 -12.71 -22.42 -43.66
C GLY A 586 -11.69 -22.13 -42.59
N ARG A 587 -10.86 -21.12 -42.83
CA ARG A 587 -9.75 -20.82 -41.94
C ARG A 587 -10.15 -19.90 -40.80
N LEU A 588 -9.42 -19.99 -39.70
CA LEU A 588 -9.57 -19.05 -38.61
C LEU A 588 -8.74 -17.83 -38.94
N ALA A 589 -9.39 -16.67 -39.05
CA ALA A 589 -8.71 -15.43 -39.41
C ALA A 589 -8.72 -14.43 -38.26
N ASP A 590 -7.83 -13.46 -38.36
CA ASP A 590 -7.70 -12.44 -37.34
C ASP A 590 -8.78 -11.37 -37.46
N GLY A 591 -9.01 -10.63 -36.36
CA GLY A 591 -9.92 -9.50 -36.38
C GLY A 591 -11.38 -9.89 -36.44
N LEU A 592 -11.77 -10.84 -35.60
CA LEU A 592 -13.17 -11.28 -35.59
C LEU A 592 -13.93 -10.55 -34.49
N TYR A 593 -15.04 -9.95 -34.88
CA TYR A 593 -15.93 -9.25 -33.95
C TYR A 593 -17.21 -10.08 -33.77
N VAL A 594 -17.48 -10.55 -32.56
CA VAL A 594 -18.64 -11.42 -32.33
C VAL A 594 -19.56 -10.85 -31.27
N PRO A 595 -20.66 -10.20 -31.69
CA PRO A 595 -21.54 -9.61 -30.67
C PRO A 595 -22.33 -10.70 -29.94
N LEU A 596 -22.58 -10.48 -28.65
CA LEU A 596 -23.36 -11.39 -27.82
C LEU A 596 -24.58 -10.65 -27.25
N GLU A 597 -24.81 -10.83 -25.95
CA GLU A 597 -25.93 -10.17 -25.27
C GLU A 597 -25.78 -8.65 -25.28
N ASP A 598 -26.73 -7.95 -24.66
CA ASP A 598 -26.72 -6.50 -24.62
C ASP A 598 -25.40 -5.91 -24.09
N LYS A 599 -24.78 -5.06 -24.90
CA LYS A 599 -23.56 -4.32 -24.52
C LYS A 599 -22.27 -5.14 -24.46
N THR A 600 -22.35 -6.44 -24.66
CA THR A 600 -21.14 -7.25 -24.60
C THR A 600 -20.81 -7.88 -25.96
N PHE A 601 -19.53 -8.17 -26.19
CA PHE A 601 -19.11 -8.82 -27.42
C PHE A 601 -17.71 -9.42 -27.26
N LEU A 602 -17.37 -10.38 -28.11
CA LEU A 602 -16.04 -10.96 -28.13
C LEU A 602 -15.25 -10.33 -29.23
N LEU A 603 -13.93 -10.32 -29.07
CA LEU A 603 -13.06 -9.78 -30.09
C LEU A 603 -11.79 -10.61 -30.17
N LEU A 604 -11.67 -11.36 -31.26
CA LEU A 604 -10.43 -12.08 -31.54
C LEU A 604 -9.51 -11.10 -32.24
N THR A 605 -8.45 -10.71 -31.53
CA THR A 605 -7.54 -9.67 -32.02
C THR A 605 -6.26 -10.21 -32.68
N VAL A 606 -5.70 -11.30 -32.15
CA VAL A 606 -4.48 -11.88 -32.70
C VAL A 606 -4.61 -13.38 -32.97
N HIS A 607 -4.19 -13.80 -34.16
CA HIS A 607 -4.06 -15.22 -34.49
C HIS A 607 -3.17 -15.39 -35.72
N ARG A 608 -2.34 -16.43 -35.70
CA ARG A 608 -1.61 -16.87 -36.88
C ARG A 608 -1.54 -18.39 -36.87
N ASP A 609 -1.32 -18.99 -38.02
CA ASP A 609 -1.13 -20.44 -38.11
C ASP A 609 0.05 -20.87 -37.25
N PHE A 610 0.04 -22.14 -36.85
CA PHE A 610 1.12 -22.74 -36.02
C PHE A 610 1.23 -22.17 -34.60
N ARG A 611 0.28 -21.32 -34.22
CA ARG A 611 0.15 -20.91 -32.82
C ARG A 611 -0.85 -21.84 -32.15
N GLY A 612 -1.01 -21.69 -30.84
CA GLY A 612 -2.09 -22.38 -30.14
C GLY A 612 -3.44 -21.74 -30.47
N THR A 613 -4.50 -22.21 -29.83
CA THR A 613 -5.82 -21.63 -30.06
C THR A 613 -5.89 -20.21 -29.48
N PRO A 614 -6.35 -19.25 -30.29
CA PRO A 614 -6.47 -17.88 -29.77
C PRO A 614 -7.44 -17.79 -28.59
N ARG A 615 -7.29 -16.73 -27.81
CA ARG A 615 -8.13 -16.48 -26.66
C ARG A 615 -8.75 -15.10 -26.84
N PRO A 616 -9.94 -15.05 -27.46
CA PRO A 616 -10.69 -13.82 -27.71
C PRO A 616 -10.86 -12.98 -26.45
N LEU A 617 -10.80 -11.67 -26.62
CA LEU A 617 -11.11 -10.76 -25.56
C LEU A 617 -12.63 -10.77 -25.38
N LYS A 618 -13.08 -10.52 -24.16
CA LYS A 618 -14.50 -10.29 -23.90
C LYS A 618 -14.68 -8.85 -23.47
N LEU A 619 -15.53 -8.11 -24.16
CA LEU A 619 -15.63 -6.67 -23.97
C LEU A 619 -17.03 -6.27 -23.57
N VAL A 620 -17.14 -5.38 -22.59
CA VAL A 620 -18.43 -4.89 -22.13
C VAL A 620 -18.48 -3.38 -22.22
N HIS A 621 -19.47 -2.86 -22.94
CA HIS A 621 -19.63 -1.43 -23.12
C HIS A 621 -20.38 -0.86 -21.92
N GLU A 622 -19.63 -0.32 -20.97
CA GLU A 622 -20.17 0.11 -19.67
C GLU A 622 -20.91 1.45 -19.73
N ALA A 623 -20.38 2.37 -20.54
CA ALA A 623 -21.00 3.68 -20.73
C ALA A 623 -20.58 4.31 -22.06
N GLY A 624 -21.50 5.09 -22.63
CA GLY A 624 -21.27 5.74 -23.91
C GLY A 624 -22.20 5.18 -24.96
N ASP A 625 -22.33 5.86 -26.09
CA ASP A 625 -23.31 5.45 -27.09
C ASP A 625 -22.73 5.17 -28.47
N THR A 626 -21.42 5.00 -28.57
CA THR A 626 -20.81 4.59 -29.82
C THR A 626 -21.30 3.19 -30.15
N PRO A 627 -21.64 2.93 -31.43
CA PRO A 627 -22.06 1.58 -31.84
C PRO A 627 -21.00 0.55 -31.50
N LEU A 628 -21.43 -0.63 -31.10
CA LEU A 628 -20.51 -1.71 -30.70
C LEU A 628 -19.44 -2.01 -31.76
N GLU A 629 -19.83 -1.99 -33.03
CA GLU A 629 -18.90 -2.32 -34.10
C GLU A 629 -17.77 -1.28 -34.25
N ALA A 630 -18.09 0.00 -34.10
CA ALA A 630 -17.07 1.04 -34.23
C ALA A 630 -16.07 0.94 -33.08
N LEU A 631 -16.58 0.60 -31.90
CA LEU A 631 -15.72 0.32 -30.75
C LEU A 631 -14.79 -0.83 -31.06
N ALA A 632 -15.37 -1.94 -31.52
CA ALA A 632 -14.60 -3.14 -31.82
C ALA A 632 -13.51 -2.84 -32.84
N HIS A 633 -13.90 -2.13 -33.89
CA HIS A 633 -12.99 -1.65 -34.92
C HIS A 633 -11.80 -0.88 -34.35
N GLN A 634 -12.07 0.17 -33.58
CA GLN A 634 -10.98 0.96 -32.99
C GLN A 634 -10.08 0.15 -32.04
N ILE A 635 -10.68 -0.69 -31.18
CA ILE A 635 -9.89 -1.51 -30.25
C ILE A 635 -8.97 -2.49 -31.01
N PHE A 636 -9.55 -3.18 -32.01
CA PHE A 636 -8.77 -4.05 -32.89
C PHE A 636 -7.62 -3.29 -33.53
N HIS A 637 -7.90 -2.12 -34.11
CA HIS A 637 -6.84 -1.33 -34.74
C HIS A 637 -5.72 -0.92 -33.78
N LEU A 638 -6.09 -0.40 -32.61
CA LEU A 638 -5.12 0.01 -31.60
C LEU A 638 -4.26 -1.14 -31.16
N THR A 639 -4.76 -2.36 -31.33
CA THR A 639 -3.91 -3.51 -31.02
C THR A 639 -2.63 -3.53 -31.90
N ARG A 640 -2.66 -2.83 -33.03
CA ARG A 640 -1.54 -2.83 -33.96
C ARG A 640 -0.55 -1.68 -33.77
N LEU A 641 -0.87 -0.76 -32.86
CA LEU A 641 -0.09 0.45 -32.62
C LEU A 641 1.17 0.21 -31.78
N TYR A 642 1.26 -0.95 -31.16
CA TYR A 642 2.36 -1.20 -30.22
C TYR A 642 3.73 -1.23 -30.90
N PRO A 643 4.63 -0.32 -30.50
CA PRO A 643 5.88 -0.07 -31.22
C PRO A 643 7.02 -1.01 -30.85
N ALA A 644 6.96 -1.64 -29.69
CA ALA A 644 8.14 -2.33 -29.17
C ALA A 644 8.16 -3.82 -29.52
N SER A 645 7.09 -4.32 -30.11
CA SER A 645 7.10 -5.70 -30.60
C SER A 645 7.19 -5.68 -32.12
N GLY A 646 8.36 -6.00 -32.65
CA GLY A 646 8.63 -5.85 -34.06
C GLY A 646 7.87 -6.76 -34.99
N PHE A 647 7.54 -7.97 -34.54
CA PHE A 647 7.07 -9.03 -35.44
C PHE A 647 5.74 -9.67 -35.03
N ALA A 648 5.19 -9.26 -33.89
CA ALA A 648 3.92 -9.83 -33.45
C ALA A 648 3.12 -8.85 -32.61
N PHE A 649 1.89 -8.57 -33.05
CA PHE A 649 1.01 -7.65 -32.33
C PHE A 649 0.47 -8.22 -31.01
N PRO A 650 0.32 -7.36 -29.99
CA PRO A 650 -0.19 -7.83 -28.70
C PRO A 650 -1.70 -8.06 -28.78
N ARG A 651 -2.23 -8.92 -27.92
CA ARG A 651 -3.67 -9.17 -27.93
C ARG A 651 -4.46 -7.93 -27.49
N LEU A 652 -3.95 -7.23 -26.48
CA LEU A 652 -4.58 -6.04 -25.94
C LEU A 652 -4.26 -4.80 -26.76
N PRO A 653 -5.21 -3.86 -26.86
CA PRO A 653 -4.93 -2.61 -27.60
C PRO A 653 -3.79 -1.85 -26.91
N ALA A 654 -3.05 -1.05 -27.67
CA ALA A 654 -1.82 -0.44 -27.19
C ALA A 654 -1.90 0.31 -25.85
N PRO A 655 -2.96 1.11 -25.62
CA PRO A 655 -2.95 1.80 -24.32
C PRO A 655 -3.00 0.83 -23.14
N LEU A 656 -3.74 -0.28 -23.26
CA LEU A 656 -3.76 -1.26 -22.18
C LEU A 656 -2.49 -2.10 -22.05
N HIS A 657 -1.88 -2.47 -23.18
CA HIS A 657 -0.61 -3.18 -23.11
C HIS A 657 0.46 -2.29 -22.45
N LEU A 658 0.42 -1.01 -22.81
CA LEU A 658 1.34 -0.04 -22.21
C LEU A 658 1.07 0.15 -20.72
N ALA A 659 -0.19 0.31 -20.34
CA ALA A 659 -0.57 0.53 -18.94
C ALA A 659 -0.17 -0.66 -18.09
N ASP A 660 -0.44 -1.85 -18.61
CA ASP A 660 -0.05 -3.08 -17.95
C ASP A 660 1.46 -3.10 -17.69
N ARG A 661 2.24 -2.85 -18.73
CA ARG A 661 3.68 -2.86 -18.54
C ARG A 661 4.18 -1.76 -17.59
N LEU A 662 3.51 -0.60 -17.63
CA LEU A 662 3.85 0.54 -16.79
C LEU A 662 3.70 0.17 -15.31
N VAL A 663 2.50 -0.26 -14.93
CA VAL A 663 2.28 -0.61 -13.53
C VAL A 663 3.11 -1.82 -13.12
N LYS A 664 3.39 -2.72 -14.06
CA LYS A 664 4.24 -3.88 -13.75
C LYS A 664 5.66 -3.44 -13.37
N GLU A 665 6.24 -2.57 -14.20
CA GLU A 665 7.59 -2.08 -13.95
C GLU A 665 7.67 -1.23 -12.68
N VAL A 666 6.63 -0.42 -12.42
CA VAL A 666 6.63 0.39 -11.19
C VAL A 666 6.53 -0.50 -9.96
N GLY A 667 5.71 -1.53 -10.07
CA GLY A 667 5.58 -2.52 -9.02
C GLY A 667 6.91 -3.23 -8.80
N ARG A 668 7.75 -3.29 -9.83
CA ARG A 668 9.05 -3.94 -9.70
C ARG A 668 10.13 -3.02 -9.11
N LEU A 669 10.26 -1.81 -9.64
CA LEU A 669 11.36 -0.92 -9.31
C LEU A 669 10.99 0.04 -8.16
N GLY A 670 9.83 0.66 -8.29
CA GLY A 670 9.41 1.68 -7.35
C GLY A 670 9.04 2.94 -8.12
N ILE A 671 8.35 3.85 -7.47
CA ILE A 671 7.88 5.02 -8.16
C ILE A 671 8.86 6.16 -7.94
N ARG A 672 9.82 5.95 -7.05
CA ARG A 672 10.73 7.02 -6.64
C ARG A 672 11.75 7.41 -7.69
N HIS A 673 11.85 6.63 -8.76
CA HIS A 673 12.92 6.84 -9.73
C HIS A 673 12.46 7.65 -10.93
N LEU A 674 11.17 7.96 -11.00
CA LEU A 674 10.57 8.45 -12.24
C LEU A 674 10.45 9.96 -12.42
N LYS A 675 10.91 10.73 -11.44
CA LYS A 675 10.67 12.17 -11.44
C LYS A 675 11.28 12.90 -12.64
N GLU A 676 12.41 12.42 -13.15
CA GLU A 676 13.10 13.07 -14.26
C GLU A 676 12.98 12.35 -15.61
N VAL A 677 12.05 11.41 -15.70
CA VAL A 677 11.87 10.62 -16.92
C VAL A 677 10.69 11.16 -17.74
N ASP A 678 10.98 11.59 -18.96
CA ASP A 678 9.95 12.19 -19.82
C ASP A 678 8.81 11.21 -20.10
N ARG A 679 7.58 11.70 -20.02
CA ARG A 679 6.43 10.82 -20.21
C ARG A 679 6.23 10.36 -21.65
N GLU A 680 7.06 10.89 -22.56
CA GLU A 680 7.08 10.44 -23.94
C GLU A 680 8.02 9.24 -24.08
N LYS A 681 8.88 9.04 -23.09
CA LYS A 681 9.82 7.93 -23.10
C LYS A 681 9.22 6.68 -22.46
N LEU A 682 8.97 5.66 -23.27
CA LEU A 682 8.36 4.43 -22.79
C LEU A 682 9.40 3.50 -22.13
N PHE A 683 9.82 3.86 -20.92
CA PHE A 683 10.90 3.15 -20.22
C PHE A 683 10.55 1.70 -19.85
N PHE A 684 9.26 1.40 -19.84
CA PHE A 684 8.77 0.10 -19.38
C PHE A 684 8.62 -0.98 -20.45
N VAL A 685 8.82 -0.63 -21.72
CA VAL A 685 8.56 -1.60 -22.79
C VAL A 685 9.65 -2.70 -22.86
N GLY B 5 26.42 25.27 31.49
CA GLY B 5 27.13 24.28 32.29
C GLY B 5 26.24 23.19 32.86
N LYS B 6 26.65 22.65 34.01
CA LYS B 6 25.94 21.55 34.65
C LYS B 6 24.70 22.01 35.42
N THR B 7 23.68 21.15 35.43
CA THR B 7 22.48 21.39 36.24
C THR B 7 21.81 20.07 36.55
N GLU B 8 21.48 19.82 37.82
CA GLU B 8 20.81 18.58 38.17
C GLU B 8 19.32 18.66 37.83
N VAL B 9 18.75 17.54 37.38
CA VAL B 9 17.31 17.48 37.11
C VAL B 9 16.65 16.26 37.77
N PHE B 10 15.34 16.33 37.96
CA PHE B 10 14.53 15.19 38.35
C PHE B 10 13.89 14.60 37.11
N LEU B 11 13.80 13.28 37.07
CA LEU B 11 12.98 12.62 36.07
C LEU B 11 11.68 12.24 36.77
N ASN B 12 10.61 12.04 36.02
CA ASN B 12 9.35 11.57 36.61
C ASN B 12 9.37 10.08 36.92
N ARG B 13 10.49 9.64 37.50
CA ARG B 13 10.64 8.27 37.98
C ARG B 13 10.99 8.37 39.45
N PHE B 14 10.55 7.38 40.22
CA PHE B 14 10.73 7.38 41.65
C PHE B 14 11.21 6.00 42.10
N ALA B 15 12.36 5.95 42.75
CA ALA B 15 12.86 4.69 43.29
C ALA B 15 12.02 4.19 44.46
N LEU B 16 11.67 2.92 44.42
CA LEU B 16 11.01 2.26 45.54
C LEU B 16 11.99 1.22 46.12
N ARG B 17 11.50 0.30 46.93
CA ARG B 17 12.42 -0.59 47.66
C ARG B 17 13.22 -1.50 46.74
N PRO B 18 14.44 -1.89 47.17
CA PRO B 18 15.18 -2.92 46.44
C PRO B 18 14.37 -4.21 46.40
N LEU B 19 14.46 -4.95 45.30
CA LEU B 19 13.88 -6.28 45.22
C LEU B 19 14.50 -7.18 46.27
N ASN B 20 13.68 -7.98 46.95
CA ASN B 20 14.14 -8.90 47.99
C ASN B 20 14.69 -10.19 47.39
N PRO B 21 15.37 -11.04 48.20
CA PRO B 21 15.98 -12.25 47.63
C PRO B 21 15.01 -13.18 46.91
N GLU B 22 13.77 -13.26 47.36
CA GLU B 22 12.74 -14.04 46.69
C GLU B 22 12.46 -13.54 45.28
N GLU B 23 12.15 -12.24 45.16
CA GLU B 23 11.84 -11.63 43.87
C GLU B 23 12.98 -11.75 42.86
N LEU B 24 14.21 -11.69 43.34
CA LEU B 24 15.38 -11.87 42.48
C LEU B 24 15.52 -13.32 41.98
N ARG B 25 14.77 -14.24 42.56
CA ARG B 25 14.78 -15.63 42.14
C ARG B 25 13.37 -16.11 41.80
N PRO B 26 12.82 -15.64 40.66
CA PRO B 26 11.49 -16.12 40.29
C PRO B 26 11.48 -17.61 39.96
N TRP B 27 10.32 -18.22 40.13
CA TRP B 27 10.10 -19.59 39.74
C TRP B 27 10.08 -19.69 38.21
N ARG B 28 10.84 -20.65 37.70
CA ARG B 28 10.99 -20.86 36.26
C ARG B 28 10.10 -22.03 35.83
N LEU B 29 9.31 -21.85 34.79
CA LEU B 29 8.38 -22.90 34.36
C LEU B 29 8.42 -23.20 32.87
N GLU B 30 8.48 -24.49 32.55
CA GLU B 30 8.38 -24.97 31.18
C GLU B 30 6.92 -25.13 30.81
N VAL B 31 6.54 -24.61 29.64
CA VAL B 31 5.18 -24.74 29.12
C VAL B 31 5.11 -25.77 28.00
N VAL B 32 4.29 -26.80 28.19
CA VAL B 32 4.01 -27.73 27.12
C VAL B 32 2.57 -27.51 26.65
N LEU B 33 2.41 -27.29 25.35
CA LEU B 33 1.10 -27.10 24.74
C LEU B 33 0.74 -28.22 23.79
N ASP B 34 -0.48 -28.73 23.92
CA ASP B 34 -0.98 -29.78 23.03
C ASP B 34 -2.31 -29.35 22.41
N PRO B 35 -2.34 -29.13 21.09
CA PRO B 35 -1.20 -29.30 20.17
C PRO B 35 -0.21 -28.14 20.25
N PRO B 36 1.02 -28.36 19.77
CA PRO B 36 1.96 -27.25 19.64
C PRO B 36 1.44 -26.23 18.62
N PRO B 37 1.34 -24.96 19.03
CA PRO B 37 0.76 -23.92 18.17
C PRO B 37 1.67 -23.63 16.98
N GLY B 38 1.13 -23.04 15.91
CA GLY B 38 1.95 -22.64 14.78
C GLY B 38 2.82 -21.44 15.10
N ARG B 39 3.69 -21.05 14.16
CA ARG B 39 4.63 -19.96 14.40
C ARG B 39 3.94 -18.65 14.78
N GLU B 40 2.69 -18.47 14.35
CA GLU B 40 1.97 -17.22 14.60
C GLU B 40 1.19 -17.21 15.92
N GLU B 41 1.05 -18.36 16.56
CA GLU B 41 0.19 -18.47 17.72
C GLU B 41 0.98 -18.60 19.02
N VAL B 42 2.25 -18.98 18.90
CA VAL B 42 3.10 -19.29 20.05
C VAL B 42 3.18 -18.16 21.08
N TYR B 43 3.52 -16.95 20.66
CA TYR B 43 3.69 -15.86 21.61
C TYR B 43 2.39 -15.41 22.31
N PRO B 44 1.32 -15.13 21.55
CA PRO B 44 0.08 -14.78 22.25
C PRO B 44 -0.44 -15.91 23.15
N LEU B 45 -0.25 -17.16 22.73
CA LEU B 45 -0.74 -18.28 23.52
C LEU B 45 0.08 -18.45 24.80
N LEU B 46 1.36 -18.17 24.69
CA LEU B 46 2.24 -18.17 25.86
C LEU B 46 1.75 -17.11 26.85
N ALA B 47 1.39 -15.94 26.31
CA ALA B 47 0.86 -14.87 27.16
C ALA B 47 -0.43 -15.30 27.86
N GLN B 48 -1.30 -15.98 27.11
CA GLN B 48 -2.56 -16.47 27.68
C GLN B 48 -2.31 -17.49 28.78
N VAL B 49 -1.35 -18.39 28.57
CA VAL B 49 -0.97 -19.38 29.57
C VAL B 49 -0.48 -18.68 30.85
N ALA B 50 0.36 -17.67 30.67
CA ALA B 50 0.81 -16.85 31.80
C ALA B 50 -0.37 -16.25 32.57
N ARG B 51 -1.38 -15.77 31.84
CA ARG B 51 -2.55 -15.23 32.52
C ARG B 51 -3.38 -16.28 33.26
N ARG B 52 -3.70 -17.38 32.59
CA ARG B 52 -4.55 -18.41 33.16
C ARG B 52 -3.86 -19.16 34.29
N ALA B 53 -2.54 -19.06 34.35
CA ALA B 53 -1.78 -19.72 35.40
C ALA B 53 -2.00 -19.03 36.75
N GLY B 54 -2.17 -17.72 36.72
CA GLY B 54 -2.48 -16.96 37.92
C GLY B 54 -1.27 -16.33 38.58
N GLY B 55 -1.51 -15.54 39.62
CA GLY B 55 -0.46 -14.86 40.34
C GLY B 55 0.33 -13.91 39.46
N VAL B 56 1.43 -13.39 40.00
CA VAL B 56 2.29 -12.50 39.23
C VAL B 56 3.18 -13.34 38.30
N THR B 57 2.68 -13.61 37.10
CA THR B 57 3.36 -14.51 36.17
C THR B 57 3.49 -13.94 34.76
N VAL B 58 4.71 -13.98 34.21
CA VAL B 58 4.97 -13.47 32.86
C VAL B 58 5.72 -14.51 32.02
N ARG B 59 5.77 -14.28 30.70
CA ARG B 59 6.55 -15.14 29.84
C ARG B 59 8.04 -14.83 29.99
N MET B 60 8.87 -15.85 30.11
CA MET B 60 10.32 -15.70 30.07
C MET B 60 10.91 -16.66 29.05
N GLY B 61 11.42 -16.10 27.95
CA GLY B 61 11.91 -16.92 26.85
C GLY B 61 10.78 -17.74 26.27
N ASP B 62 11.01 -19.05 26.17
CA ASP B 62 9.99 -19.96 25.64
C ASP B 62 9.08 -20.46 26.76
N GLY B 63 9.33 -20.00 27.98
CA GLY B 63 8.56 -20.46 29.13
C GLY B 63 7.97 -19.35 29.99
N LEU B 64 7.98 -19.57 31.30
CA LEU B 64 7.31 -18.69 32.26
C LEU B 64 8.23 -18.34 33.45
N ALA B 65 7.97 -17.17 34.03
CA ALA B 65 8.58 -16.77 35.29
C ALA B 65 7.46 -16.29 36.22
N SER B 66 7.53 -16.66 37.49
CA SER B 66 6.49 -16.27 38.44
C SER B 66 7.04 -15.86 39.80
N TRP B 67 6.40 -14.87 40.41
CA TRP B 67 6.71 -14.50 41.79
C TRP B 67 5.77 -15.21 42.77
N SER B 68 4.92 -16.08 42.22
CA SER B 68 4.00 -16.87 43.03
C SER B 68 4.42 -18.33 42.93
N PRO B 69 4.45 -19.03 44.08
CA PRO B 69 4.91 -20.43 44.13
C PRO B 69 4.06 -21.37 43.27
N PRO B 70 4.65 -22.49 42.82
CA PRO B 70 3.98 -23.51 42.02
C PRO B 70 2.74 -24.12 42.68
N GLU B 71 2.55 -23.87 43.98
CA GLU B 71 1.40 -24.42 44.70
C GLU B 71 0.14 -23.59 44.53
N VAL B 72 0.29 -22.30 44.23
CA VAL B 72 -0.85 -21.44 44.00
C VAL B 72 -1.07 -21.18 42.51
N LEU B 73 -0.16 -21.69 41.69
CA LEU B 73 -0.30 -21.59 40.23
C LEU B 73 -1.21 -22.68 39.71
N VAL B 74 -1.95 -22.38 38.64
CA VAL B 74 -2.72 -23.42 37.95
C VAL B 74 -1.84 -24.10 36.91
N LEU B 75 -1.28 -25.25 37.29
CA LEU B 75 -0.23 -25.90 36.52
C LEU B 75 -0.72 -26.66 35.28
N GLU B 76 -2.04 -26.79 35.12
CA GLU B 76 -2.60 -27.47 33.95
C GLU B 76 -4.00 -27.01 33.62
N GLY B 77 -4.27 -26.81 32.33
CA GLY B 77 -5.60 -26.34 31.93
C GLY B 77 -5.81 -26.31 30.43
N THR B 78 -6.78 -25.52 29.98
CA THR B 78 -7.05 -25.38 28.55
C THR B 78 -7.26 -23.92 28.14
N LEU B 79 -6.86 -23.60 26.92
CA LEU B 79 -7.13 -22.29 26.33
C LEU B 79 -7.99 -22.46 25.10
N ALA B 80 -8.68 -21.39 24.73
CA ALA B 80 -9.40 -21.33 23.47
C ALA B 80 -9.00 -20.04 22.77
N ARG B 81 -8.28 -20.17 21.67
CA ARG B 81 -7.92 -19.01 20.87
C ARG B 81 -8.26 -19.24 19.40
N MET B 82 -8.96 -18.27 18.81
CA MET B 82 -9.41 -18.33 17.42
C MET B 82 -9.98 -19.69 17.03
N GLY B 83 -10.81 -20.25 17.91
CA GLY B 83 -11.45 -21.52 17.64
C GLY B 83 -10.68 -22.72 18.15
N GLN B 84 -9.35 -22.68 18.00
CA GLN B 84 -8.54 -23.82 18.41
C GLN B 84 -8.42 -23.91 19.93
N THR B 85 -8.63 -25.11 20.46
CA THR B 85 -8.48 -25.39 21.88
C THR B 85 -7.15 -26.06 22.16
N TYR B 86 -6.39 -25.50 23.10
CA TYR B 86 -5.10 -26.06 23.46
C TYR B 86 -5.12 -26.55 24.91
N ALA B 87 -4.29 -27.53 25.21
CA ALA B 87 -4.12 -28.01 26.58
C ALA B 87 -2.73 -27.65 27.07
N TYR B 88 -2.66 -26.93 28.17
CA TYR B 88 -1.35 -26.54 28.72
C TYR B 88 -0.97 -27.31 29.98
N ARG B 89 0.30 -27.64 30.06
CA ARG B 89 0.88 -28.23 31.27
C ARG B 89 2.18 -27.53 31.63
N LEU B 90 2.31 -27.14 32.89
CA LEU B 90 3.48 -26.39 33.37
C LEU B 90 4.39 -27.24 34.25
N TYR B 91 5.61 -27.50 33.78
CA TYR B 91 6.60 -28.24 34.58
C TYR B 91 7.55 -27.25 35.24
N PRO B 92 7.55 -27.18 36.57
CA PRO B 92 8.51 -26.30 37.24
C PRO B 92 9.93 -26.76 36.97
N LYS B 93 10.85 -25.81 36.81
CA LYS B 93 12.24 -26.14 36.55
C LYS B 93 13.18 -25.32 37.42
N GLY B 94 12.89 -25.32 38.72
CA GLY B 94 13.73 -24.62 39.68
C GLY B 94 13.43 -23.13 39.76
N ARG B 95 14.40 -22.38 40.30
CA ARG B 95 14.28 -20.94 40.42
C ARG B 95 15.49 -20.27 39.78
N ARG B 96 15.24 -19.22 39.00
CA ARG B 96 16.33 -18.61 38.24
C ARG B 96 16.80 -17.30 38.85
N PRO B 97 18.00 -17.30 39.47
CA PRO B 97 18.61 -16.08 40.00
C PRO B 97 18.80 -15.06 38.89
N LEU B 98 17.97 -14.03 38.88
CA LEU B 98 17.99 -13.03 37.81
C LEU B 98 18.79 -11.80 38.20
N ASP B 99 19.84 -11.51 37.43
CA ASP B 99 20.75 -10.42 37.72
C ASP B 99 20.26 -9.12 37.08
N PRO B 100 19.98 -8.10 37.91
CA PRO B 100 19.44 -6.84 37.39
C PRO B 100 20.47 -6.07 36.55
N LYS B 101 21.74 -6.41 36.70
CA LYS B 101 22.80 -5.75 35.94
C LYS B 101 22.81 -6.21 34.48
N ASP B 102 22.32 -7.43 34.24
CA ASP B 102 22.21 -7.97 32.88
C ASP B 102 20.86 -7.60 32.30
N PRO B 103 20.87 -6.91 31.14
CA PRO B 103 19.66 -6.34 30.52
C PRO B 103 18.58 -7.39 30.21
N GLY B 104 18.99 -8.53 29.66
CA GLY B 104 18.06 -9.59 29.30
C GLY B 104 17.22 -10.07 30.46
N GLU B 105 17.85 -10.22 31.62
CA GLU B 105 17.18 -10.70 32.81
C GLU B 105 16.46 -9.56 33.54
N ARG B 106 17.04 -8.36 33.46
CA ARG B 106 16.41 -7.18 34.03
C ARG B 106 15.04 -7.01 33.41
N SER B 107 14.95 -7.25 32.11
CA SER B 107 13.67 -7.15 31.41
C SER B 107 12.60 -8.08 31.97
N VAL B 108 13.01 -9.28 32.39
CA VAL B 108 12.08 -10.24 32.97
C VAL B 108 11.61 -9.75 34.34
N LEU B 109 12.55 -9.21 35.12
CA LEU B 109 12.19 -8.63 36.41
C LEU B 109 11.22 -7.45 36.23
N SER B 110 11.45 -6.66 35.18
CA SER B 110 10.61 -5.49 34.89
C SER B 110 9.22 -5.87 34.42
N ALA B 111 9.13 -6.94 33.63
CA ALA B 111 7.81 -7.43 33.19
C ALA B 111 7.03 -7.97 34.38
N LEU B 112 7.73 -8.69 35.27
CA LEU B 112 7.10 -9.09 36.53
C LEU B 112 6.65 -7.87 37.34
N ALA B 113 7.47 -6.82 37.37
CA ALA B 113 7.10 -5.61 38.12
C ALA B 113 5.84 -4.97 37.56
N ARG B 114 5.73 -4.91 36.24
CA ARG B 114 4.55 -4.34 35.60
C ARG B 114 3.31 -5.15 35.91
N ARG B 115 3.48 -6.47 35.92
CA ARG B 115 2.36 -7.35 36.23
C ARG B 115 1.91 -7.15 37.67
N LEU B 116 2.88 -7.01 38.57
CA LEU B 116 2.60 -6.66 39.96
C LEU B 116 1.77 -5.39 40.02
N LEU B 117 2.19 -4.37 39.28
CA LEU B 117 1.45 -3.10 39.27
C LEU B 117 0.01 -3.32 38.83
N GLN B 118 -0.19 -4.08 37.75
CA GLN B 118 -1.54 -4.37 37.27
C GLN B 118 -2.39 -5.02 38.34
N GLU B 119 -1.84 -6.05 39.00
CA GLU B 119 -2.57 -6.73 40.06
C GLU B 119 -2.99 -5.78 41.17
N ARG B 120 -2.06 -4.90 41.57
CA ARG B 120 -2.36 -3.95 42.62
C ARG B 120 -3.44 -2.96 42.19
N LEU B 121 -3.41 -2.53 40.93
CA LEU B 121 -4.37 -1.57 40.42
C LEU B 121 -5.76 -2.15 40.27
N ARG B 122 -5.83 -3.45 39.97
CA ARG B 122 -7.12 -4.11 39.82
C ARG B 122 -7.87 -4.15 41.14
N ARG B 123 -7.12 -4.12 42.24
CA ARG B 123 -7.72 -4.18 43.58
C ARG B 123 -7.95 -2.80 44.19
N LEU B 124 -7.74 -1.74 43.40
CA LEU B 124 -7.98 -0.38 43.88
C LEU B 124 -9.47 -0.09 43.97
N GLU B 125 -9.93 0.32 45.14
CA GLU B 125 -11.34 0.60 45.37
C GLU B 125 -11.69 2.07 45.15
N GLY B 126 -12.80 2.32 44.47
CA GLY B 126 -13.30 3.67 44.26
C GLY B 126 -12.42 4.55 43.39
N VAL B 127 -11.84 3.96 42.35
CA VAL B 127 -10.90 4.64 41.46
C VAL B 127 -11.20 4.21 40.03
N TRP B 128 -11.13 5.13 39.07
CA TRP B 128 -11.34 4.75 37.67
C TRP B 128 -10.04 4.23 37.05
N VAL B 129 -9.96 2.92 36.79
CA VAL B 129 -8.73 2.33 36.25
C VAL B 129 -8.87 1.88 34.81
N GLU B 130 -7.93 2.30 33.96
CA GLU B 130 -7.84 1.80 32.59
C GLU B 130 -6.41 1.38 32.29
N GLY B 131 -6.16 0.08 32.35
CA GLY B 131 -4.81 -0.42 32.21
C GLY B 131 -3.94 0.13 33.31
N LEU B 132 -2.82 0.75 32.94
CA LEU B 132 -1.89 1.30 33.93
C LEU B 132 -2.15 2.78 34.20
N ALA B 133 -3.29 3.27 33.74
CA ALA B 133 -3.70 4.64 34.07
C ALA B 133 -4.72 4.60 35.19
N VAL B 134 -4.60 5.57 36.10
CA VAL B 134 -5.52 5.70 37.20
C VAL B 134 -6.11 7.11 37.21
N TYR B 135 -7.42 7.20 37.28
CA TYR B 135 -8.11 8.50 37.35
C TYR B 135 -8.89 8.61 38.66
N ARG B 136 -8.78 9.79 39.26
CA ARG B 136 -9.09 9.96 40.69
C ARG B 136 -9.99 11.14 41.05
N ARG B 137 -9.77 12.29 40.42
CA ARG B 137 -10.53 13.49 40.76
C ARG B 137 -11.20 14.11 39.56
N GLU B 138 -12.47 14.48 39.72
CA GLU B 138 -13.21 15.18 38.67
C GLU B 138 -12.60 16.56 38.47
N HIS B 139 -12.17 16.85 37.25
CA HIS B 139 -11.50 18.12 36.98
C HIS B 139 -12.47 19.17 36.42
N ALA B 140 -13.44 18.69 35.64
CA ALA B 140 -14.45 19.55 35.04
C ALA B 140 -15.68 18.69 34.79
N ARG B 141 -16.82 19.36 34.67
CA ARG B 141 -18.11 18.70 34.64
C ARG B 141 -18.98 19.50 33.69
N GLY B 142 -19.92 18.81 33.04
CA GLY B 142 -20.93 19.48 32.25
C GLY B 142 -22.10 18.52 32.15
N PRO B 143 -23.26 19.03 31.69
CA PRO B 143 -24.43 18.15 31.58
C PRO B 143 -24.16 16.96 30.66
N GLY B 144 -23.88 15.82 31.26
CA GLY B 144 -23.68 14.59 30.53
C GLY B 144 -22.23 14.23 30.26
N TRP B 145 -21.30 14.98 30.84
CA TRP B 145 -19.88 14.66 30.65
C TRP B 145 -19.01 15.11 31.81
N ARG B 146 -17.83 14.51 31.93
CA ARG B 146 -16.87 14.96 32.93
C ARG B 146 -15.44 14.62 32.53
N VAL B 147 -14.51 15.41 33.01
CA VAL B 147 -13.09 15.17 32.82
C VAL B 147 -12.47 14.71 34.14
N LEU B 148 -11.84 13.55 34.13
CA LEU B 148 -11.19 13.01 35.32
C LEU B 148 -9.68 13.22 35.24
N GLY B 149 -9.09 13.59 36.37
CA GLY B 149 -7.65 13.82 36.44
C GLY B 149 -6.99 12.64 37.10
N GLY B 150 -5.76 12.33 36.70
CA GLY B 150 -5.06 11.19 37.26
C GLY B 150 -3.66 11.07 36.69
N ALA B 151 -3.21 9.84 36.42
CA ALA B 151 -1.91 9.64 35.80
C ALA B 151 -1.77 8.30 35.09
N VAL B 152 -0.90 8.27 34.09
CA VAL B 152 -0.43 7.02 33.53
C VAL B 152 0.79 6.57 34.33
N LEU B 153 0.77 5.31 34.74
CA LEU B 153 1.78 4.75 35.64
C LEU B 153 2.57 3.65 34.94
N ASP B 154 3.77 3.38 35.45
CA ASP B 154 4.52 2.19 35.03
C ASP B 154 5.44 1.78 36.18
N LEU B 155 5.86 0.52 36.19
CA LEU B 155 6.73 0.00 37.24
C LEU B 155 7.74 -0.90 36.55
N TRP B 156 9.02 -0.63 36.73
CA TRP B 156 10.03 -1.55 36.25
C TRP B 156 11.15 -1.77 37.26
N VAL B 157 12.20 -2.48 36.84
CA VAL B 157 13.30 -2.77 37.73
C VAL B 157 14.57 -2.05 37.25
N SER B 158 15.21 -1.34 38.17
CA SER B 158 16.43 -0.61 37.86
C SER B 158 17.61 -1.55 37.80
N ASP B 159 18.68 -1.12 37.13
CA ASP B 159 19.88 -1.94 37.04
C ASP B 159 20.55 -2.09 38.41
N SER B 160 20.14 -1.27 39.38
CA SER B 160 20.59 -1.44 40.76
C SER B 160 19.69 -2.40 41.52
N GLY B 161 18.72 -2.98 40.82
CA GLY B 161 17.85 -3.99 41.39
C GLY B 161 16.76 -3.46 42.31
N ALA B 162 16.20 -2.30 41.99
CA ALA B 162 15.15 -1.70 42.80
C ALA B 162 13.95 -1.35 41.92
N PHE B 163 12.75 -1.35 42.52
CA PHE B 163 11.54 -0.93 41.79
C PHE B 163 11.59 0.55 41.43
N LEU B 164 11.31 0.85 40.16
CA LEU B 164 11.19 2.21 39.65
C LEU B 164 9.75 2.50 39.23
N LEU B 165 9.12 3.49 39.85
CA LEU B 165 7.74 3.89 39.54
C LEU B 165 7.76 5.10 38.62
N GLU B 166 7.16 5.00 37.45
CA GLU B 166 7.05 6.14 36.56
C GLU B 166 5.63 6.68 36.66
N VAL B 167 5.52 8.00 36.76
CA VAL B 167 4.24 8.68 36.91
C VAL B 167 4.15 9.87 35.94
N ASP B 168 3.08 9.95 35.16
CA ASP B 168 2.84 11.17 34.39
C ASP B 168 1.35 11.52 34.41
N PRO B 169 1.01 12.68 35.01
CA PRO B 169 -0.39 13.11 35.13
C PRO B 169 -1.09 13.19 33.77
N ALA B 170 -2.37 12.82 33.73
CA ALA B 170 -3.13 12.85 32.50
C ALA B 170 -4.63 12.99 32.79
N TYR B 171 -5.37 13.51 31.82
CA TYR B 171 -6.82 13.63 31.92
C TYR B 171 -7.58 12.66 31.03
N ARG B 172 -8.83 12.44 31.39
CA ARG B 172 -9.66 11.51 30.66
C ARG B 172 -11.03 12.15 30.45
N ILE B 173 -11.48 12.19 29.21
CA ILE B 173 -12.81 12.74 28.91
C ILE B 173 -13.83 11.60 28.85
N LEU B 174 -14.83 11.69 29.72
CA LEU B 174 -15.82 10.62 29.86
C LEU B 174 -17.23 11.12 29.61
N CYS B 175 -17.99 10.35 28.85
CA CYS B 175 -19.41 10.63 28.64
C CYS B 175 -20.27 9.65 29.44
N GLU B 176 -21.27 10.17 30.13
CA GLU B 176 -22.19 9.32 30.89
C GLU B 176 -23.61 9.48 30.37
N MET B 177 -23.78 9.28 29.07
CA MET B 177 -25.03 9.59 28.41
C MET B 177 -25.08 8.96 27.03
N SER B 178 -26.24 8.40 26.66
CA SER B 178 -26.40 7.82 25.32
C SER B 178 -26.55 8.94 24.29
N LEU B 179 -26.49 8.59 23.01
CA LEU B 179 -26.62 9.58 21.95
C LEU B 179 -27.98 10.28 22.00
N GLU B 180 -29.03 9.51 22.26
CA GLU B 180 -30.37 10.07 22.43
C GLU B 180 -30.39 11.14 23.50
N ALA B 181 -29.93 10.76 24.70
CA ALA B 181 -29.97 11.65 25.84
C ALA B 181 -28.96 12.81 25.73
N TRP B 182 -27.97 12.64 24.86
CA TRP B 182 -26.99 13.70 24.62
C TRP B 182 -27.55 14.74 23.66
N LEU B 183 -28.27 14.28 22.64
CA LEU B 183 -28.93 15.19 21.73
C LEU B 183 -30.10 15.89 22.42
N ALA B 184 -30.72 15.19 23.36
CA ALA B 184 -31.81 15.78 24.16
C ALA B 184 -31.35 16.99 24.98
N GLN B 185 -30.07 16.99 25.37
CA GLN B 185 -29.49 18.12 26.10
C GLN B 185 -29.18 19.30 25.18
N GLY B 186 -29.38 19.10 23.88
CA GLY B 186 -29.25 20.20 22.92
C GLY B 186 -27.88 20.31 22.28
N HIS B 187 -27.00 19.37 22.61
CA HIS B 187 -25.64 19.37 22.09
C HIS B 187 -25.61 18.98 20.61
N PRO B 188 -24.69 19.59 19.84
CA PRO B 188 -24.54 19.29 18.42
C PRO B 188 -24.15 17.83 18.18
N LEU B 189 -24.29 17.35 16.94
CA LEU B 189 -23.88 16.00 16.59
C LEU B 189 -22.38 15.78 16.78
N PRO B 190 -22.01 14.81 17.63
CA PRO B 190 -20.59 14.45 17.73
C PRO B 190 -20.12 13.74 16.45
N LYS B 191 -18.88 13.98 16.06
CA LYS B 191 -18.35 13.39 14.84
C LYS B 191 -18.14 11.88 15.00
N ARG B 192 -17.89 11.43 16.23
CA ARG B 192 -17.62 10.02 16.46
C ARG B 192 -18.45 9.43 17.62
N VAL B 193 -18.87 8.19 17.43
CA VAL B 193 -19.80 7.54 18.31
C VAL B 193 -19.31 6.11 18.61
N ARG B 194 -19.73 5.51 19.71
CA ARG B 194 -19.31 4.15 20.08
C ARG B 194 -20.52 3.30 20.45
N ASN B 195 -20.46 2.01 20.17
CA ASN B 195 -21.49 1.08 20.58
C ASN B 195 -21.69 1.10 22.10
N ALA B 196 -22.94 1.09 22.54
CA ALA B 196 -23.23 0.98 23.96
C ALA B 196 -22.90 -0.43 24.43
N TYR B 197 -22.92 -1.37 23.48
CA TYR B 197 -22.76 -2.79 23.77
C TYR B 197 -21.33 -3.33 23.68
N ASP B 198 -20.46 -2.64 22.95
CA ASP B 198 -19.04 -3.00 22.98
C ASP B 198 -18.12 -1.81 22.77
N ARG B 199 -16.90 -2.08 22.28
CA ARG B 199 -15.88 -1.06 22.21
C ARG B 199 -15.68 -0.51 20.80
N ARG B 200 -16.47 -0.99 19.85
CA ARG B 200 -16.32 -0.56 18.46
C ARG B 200 -16.90 0.82 18.17
N THR B 201 -16.18 1.61 17.37
CA THR B 201 -16.60 2.98 17.10
C THR B 201 -16.95 3.25 15.64
N TRP B 202 -17.72 4.31 15.43
CA TRP B 202 -18.16 4.69 14.10
C TRP B 202 -18.03 6.18 13.95
N GLU B 203 -17.96 6.65 12.69
CA GLU B 203 -18.09 8.07 12.44
C GLU B 203 -19.56 8.37 12.18
N LEU B 204 -20.11 9.32 12.94
CA LEU B 204 -21.51 9.68 12.79
C LEU B 204 -21.71 10.66 11.65
N LEU B 205 -22.64 10.33 10.74
CA LEU B 205 -22.90 11.14 9.57
C LEU B 205 -24.13 12.03 9.77
N ARG B 206 -25.27 11.40 10.01
CA ARG B 206 -26.53 12.12 10.18
C ARG B 206 -27.59 11.25 10.86
N LEU B 207 -28.73 11.84 11.17
CA LEU B 207 -29.82 11.11 11.81
C LEU B 207 -30.86 10.66 10.78
N GLY B 208 -31.84 9.88 11.24
CA GLY B 208 -32.86 9.33 10.37
C GLY B 208 -34.19 9.07 11.05
N GLU B 209 -35.27 9.29 10.32
CA GLU B 209 -36.61 9.18 10.87
C GLU B 209 -37.36 7.95 10.37
N GLU B 210 -36.69 7.16 9.53
CA GLU B 210 -37.25 5.90 9.08
C GLU B 210 -37.33 4.92 10.25
N ASP B 211 -38.33 4.05 10.22
CA ASP B 211 -38.60 3.16 11.34
C ASP B 211 -37.58 2.02 11.48
N PRO B 212 -37.04 1.85 12.70
CA PRO B 212 -36.10 0.79 13.06
C PRO B 212 -36.66 -0.63 12.88
N LYS B 213 -37.97 -0.81 13.07
CA LYS B 213 -38.57 -2.13 12.86
C LYS B 213 -38.77 -2.44 11.37
N GLU B 214 -38.73 -1.40 10.53
CA GLU B 214 -38.97 -1.56 9.11
C GLU B 214 -37.71 -1.47 8.24
N LEU B 215 -36.61 -1.00 8.83
CA LEU B 215 -35.36 -0.86 8.09
C LEU B 215 -34.80 -2.21 7.65
N PRO B 216 -34.67 -2.42 6.34
CA PRO B 216 -34.14 -3.69 5.84
C PRO B 216 -32.62 -3.74 5.91
N LEU B 217 -32.09 -4.82 6.48
CA LEU B 217 -30.64 -5.04 6.57
C LEU B 217 -30.23 -6.16 5.62
N PRO B 218 -29.01 -6.06 5.05
CA PRO B 218 -28.49 -7.11 4.15
C PRO B 218 -28.51 -8.46 4.83
N GLY B 219 -29.40 -9.34 4.38
CA GLY B 219 -29.54 -10.65 5.00
C GLY B 219 -30.97 -10.94 5.39
N GLY B 220 -31.80 -9.89 5.42
CA GLY B 220 -33.22 -10.06 5.67
C GLY B 220 -33.74 -9.37 6.93
N LEU B 221 -32.97 -9.45 8.00
CA LEU B 221 -33.38 -8.93 9.31
C LEU B 221 -33.72 -7.44 9.28
N SER B 222 -34.49 -6.98 10.27
CA SER B 222 -34.74 -5.56 10.45
C SER B 222 -33.71 -4.99 11.42
N LEU B 223 -33.55 -3.67 11.40
CA LEU B 223 -32.61 -3.02 12.31
C LEU B 223 -32.94 -3.37 13.75
N LEU B 224 -34.22 -3.26 14.10
CA LEU B 224 -34.65 -3.43 15.48
C LEU B 224 -34.40 -4.83 16.03
N ASP B 225 -34.99 -5.85 15.41
CA ASP B 225 -34.88 -7.20 15.94
C ASP B 225 -33.55 -7.89 15.61
N TYR B 226 -32.69 -7.21 14.86
CA TYR B 226 -31.30 -7.66 14.77
C TYR B 226 -30.60 -7.42 16.10
N HIS B 227 -30.67 -6.17 16.57
CA HIS B 227 -30.09 -5.79 17.85
C HIS B 227 -30.83 -6.48 18.99
N ALA B 228 -32.14 -6.70 18.79
CA ALA B 228 -32.94 -7.40 19.77
C ALA B 228 -32.60 -8.89 19.82
N SER B 229 -32.07 -9.41 18.72
CA SER B 229 -31.72 -10.82 18.65
C SER B 229 -30.41 -11.13 19.38
N LYS B 230 -29.69 -10.08 19.76
CA LYS B 230 -28.40 -10.25 20.42
C LYS B 230 -28.40 -9.70 21.84
N GLY B 231 -29.58 -9.58 22.43
CA GLY B 231 -29.73 -9.16 23.81
C GLY B 231 -29.35 -7.72 24.08
N ARG B 232 -29.32 -6.91 23.04
CA ARG B 232 -28.95 -5.50 23.16
C ARG B 232 -30.15 -4.64 23.56
N LEU B 233 -31.35 -5.19 23.42
CA LEU B 233 -32.55 -4.49 23.85
C LEU B 233 -33.29 -5.27 24.94
N GLN B 234 -32.52 -5.95 25.79
CA GLN B 234 -33.08 -6.75 26.87
C GLN B 234 -33.73 -5.87 27.92
N GLY B 235 -33.25 -4.63 28.03
CA GLY B 235 -33.78 -3.66 28.94
C GLY B 235 -33.43 -2.25 28.50
N ARG B 236 -33.56 -2.01 27.20
CA ARG B 236 -33.26 -0.71 26.62
C ARG B 236 -34.22 -0.37 25.48
N GLU B 237 -34.51 0.92 25.32
CA GLU B 237 -35.31 1.39 24.21
C GLU B 237 -34.40 1.75 23.03
N GLY B 238 -34.79 1.33 21.83
CA GLY B 238 -33.96 1.48 20.65
C GLY B 238 -33.66 2.91 20.23
N GLY B 239 -34.66 3.77 20.29
CA GLY B 239 -34.48 5.17 19.90
C GLY B 239 -34.63 5.39 18.42
N ARG B 240 -34.07 6.50 17.93
CA ARG B 240 -34.16 6.84 16.52
C ARG B 240 -33.05 6.20 15.70
N VAL B 241 -33.09 6.42 14.39
CA VAL B 241 -32.10 5.83 13.49
C VAL B 241 -30.98 6.81 13.16
N ALA B 242 -29.74 6.35 13.28
CA ALA B 242 -28.57 7.15 12.96
C ALA B 242 -27.82 6.49 11.82
N TRP B 243 -27.16 7.30 11.00
CA TRP B 243 -26.36 6.75 9.92
C TRP B 243 -24.88 6.98 10.16
N VAL B 244 -24.14 5.88 10.21
CA VAL B 244 -22.72 5.92 10.55
C VAL B 244 -21.89 5.28 9.43
N ALA B 245 -20.57 5.40 9.54
CA ALA B 245 -19.68 4.65 8.65
C ALA B 245 -18.28 4.46 9.21
N ASP B 246 -17.51 3.59 8.55
CA ASP B 246 -16.11 3.36 8.90
C ASP B 246 -15.41 2.57 7.80
N PRO B 253 -22.35 4.34 4.38
CA PRO B 253 -23.66 4.54 5.02
C PRO B 253 -24.17 3.25 5.66
N ILE B 254 -24.23 3.23 6.99
CA ILE B 254 -24.72 2.07 7.73
C ILE B 254 -25.72 2.51 8.80
N PRO B 255 -26.88 1.82 8.87
CA PRO B 255 -27.88 2.19 9.87
C PRO B 255 -27.49 1.73 11.27
N HIS B 256 -27.98 2.46 12.27
CA HIS B 256 -27.70 2.15 13.67
C HIS B 256 -28.78 2.83 14.50
N LEU B 257 -28.79 2.57 15.81
CA LEU B 257 -29.81 3.13 16.68
C LEU B 257 -29.22 4.08 17.72
N THR B 258 -29.85 5.24 17.90
CA THR B 258 -29.35 6.22 18.86
C THR B 258 -29.41 5.71 20.30
N GLY B 259 -30.20 4.67 20.53
CA GLY B 259 -30.31 4.09 21.84
C GLY B 259 -29.11 3.21 22.21
N LEU B 260 -28.43 2.70 21.20
CA LEU B 260 -27.29 1.83 21.42
C LEU B 260 -25.98 2.55 21.07
N LEU B 261 -26.07 3.86 20.93
CA LEU B 261 -24.89 4.68 20.65
C LEU B 261 -24.56 5.65 21.79
N VAL B 262 -23.26 5.84 22.02
CA VAL B 262 -22.74 6.77 23.02
C VAL B 262 -21.80 7.75 22.31
N PRO B 263 -21.92 9.05 22.59
CA PRO B 263 -20.95 9.99 22.02
C PRO B 263 -19.54 9.63 22.48
N VAL B 264 -18.54 9.71 21.61
CA VAL B 264 -17.16 9.77 22.13
C VAL B 264 -16.75 11.24 22.10
N LEU B 265 -16.40 11.75 23.26
CA LEU B 265 -16.18 13.17 23.41
C LEU B 265 -14.72 13.52 23.26
N THR B 266 -14.45 14.50 22.42
CA THR B 266 -13.12 15.10 22.31
C THR B 266 -13.23 16.55 22.77
N LEU B 267 -12.12 17.29 22.66
CA LEU B 267 -12.12 18.71 23.00
C LEU B 267 -13.05 19.49 22.08
N GLU B 268 -13.16 19.02 20.84
CA GLU B 268 -14.03 19.63 19.85
C GLU B 268 -15.49 19.58 20.29
N ASP B 269 -15.87 18.51 20.98
CA ASP B 269 -17.26 18.36 21.43
C ASP B 269 -17.56 19.15 22.70
N LEU B 270 -16.52 19.55 23.43
CA LEU B 270 -16.70 20.28 24.68
C LEU B 270 -16.36 21.77 24.55
N HIS B 271 -15.96 22.20 23.35
CA HIS B 271 -15.49 23.56 23.10
C HIS B 271 -16.44 24.64 23.62
N GLU B 272 -17.72 24.51 23.29
CA GLU B 272 -18.73 25.48 23.72
C GLU B 272 -18.92 25.52 25.24
N SER B 276 -12.45 26.39 26.23
CA SER B 276 -12.18 27.28 27.34
C SER B 276 -11.42 26.57 28.46
N LEU B 277 -11.63 25.26 28.56
CA LEU B 277 -11.00 24.47 29.61
C LEU B 277 -9.82 23.67 29.06
N ALA B 278 -8.61 24.16 29.31
CA ALA B 278 -7.40 23.59 28.72
C ALA B 278 -6.78 22.51 29.60
N LEU B 279 -6.13 21.52 28.96
CA LEU B 279 -5.71 20.32 29.67
C LEU B 279 -4.20 20.11 29.78
N SER B 280 -3.41 21.03 29.22
CA SER B 280 -1.97 21.01 29.46
C SER B 280 -1.70 21.64 30.83
N LEU B 281 -0.53 21.34 31.39
CA LEU B 281 -0.17 21.81 32.72
C LEU B 281 1.13 22.59 32.66
N PRO B 282 1.18 23.74 33.36
CA PRO B 282 2.46 24.44 33.54
C PRO B 282 3.43 23.46 34.19
N TRP B 283 4.71 23.56 33.86
CA TRP B 283 5.64 22.55 34.33
C TRP B 283 5.69 22.36 35.85
N GLU B 284 5.66 23.45 36.62
CA GLU B 284 5.72 23.33 38.08
C GLU B 284 4.48 22.62 38.62
N GLU B 285 3.34 22.90 38.00
CA GLU B 285 2.11 22.22 38.36
C GLU B 285 2.21 20.71 38.05
N ARG B 286 2.67 20.36 36.84
CA ARG B 286 2.80 18.94 36.49
C ARG B 286 3.76 18.20 37.42
N ARG B 287 4.87 18.85 37.76
CA ARG B 287 5.86 18.28 38.67
C ARG B 287 5.26 18.02 40.07
N ARG B 288 4.54 19.02 40.56
CA ARG B 288 3.88 18.88 41.86
C ARG B 288 2.89 17.71 41.88
N ARG B 289 2.03 17.65 40.86
CA ARG B 289 1.04 16.59 40.77
C ARG B 289 1.71 15.23 40.60
N THR B 290 2.86 15.23 39.94
CA THR B 290 3.62 14.00 39.70
C THR B 290 4.06 13.41 41.04
N ARG B 291 4.67 14.25 41.88
CA ARG B 291 5.10 13.78 43.20
C ARG B 291 3.92 13.35 44.08
N GLU B 292 2.85 14.16 44.07
CA GLU B 292 1.66 13.84 44.83
C GLU B 292 1.09 12.47 44.48
N ILE B 293 0.97 12.20 43.19
CA ILE B 293 0.45 10.92 42.74
C ILE B 293 1.43 9.79 43.06
N ALA B 294 2.72 10.08 43.00
CA ALA B 294 3.72 9.10 43.40
C ALA B 294 3.51 8.67 44.85
N SER B 295 3.17 9.63 45.73
CA SER B 295 2.92 9.31 47.13
C SER B 295 1.58 8.58 47.32
N TRP B 296 0.56 9.06 46.63
CA TRP B 296 -0.77 8.45 46.69
C TRP B 296 -0.71 6.98 46.30
N ILE B 297 -0.05 6.70 45.18
CA ILE B 297 0.08 5.33 44.70
C ILE B 297 1.04 4.54 45.58
N GLY B 298 2.08 5.21 46.08
CA GLY B 298 3.05 4.59 46.96
C GLY B 298 2.42 4.05 48.23
N ARG B 299 1.38 4.74 48.72
CA ARG B 299 0.67 4.26 49.90
C ARG B 299 -0.15 3.02 49.60
N ARG B 300 -0.37 2.76 48.31
CA ARG B 300 -1.22 1.66 47.88
C ARG B 300 -0.44 0.45 47.34
N LEU B 301 0.82 0.66 47.01
CA LEU B 301 1.64 -0.38 46.39
C LEU B 301 2.27 -1.34 47.40
N GLY B 302 2.67 -0.83 48.57
CA GLY B 302 3.27 -1.65 49.59
C GLY B 302 4.73 -1.92 49.30
N LEU B 303 5.35 -1.02 48.54
CA LEU B 303 6.73 -1.19 48.10
C LEU B 303 7.64 -0.08 48.63
N GLY B 304 7.23 0.58 49.70
CA GLY B 304 8.06 1.61 50.32
C GLY B 304 7.78 3.01 49.84
N THR B 305 8.67 3.93 50.22
CA THR B 305 8.49 5.35 49.97
C THR B 305 9.16 5.74 48.66
N PRO B 306 8.44 6.46 47.79
CA PRO B 306 9.03 6.85 46.51
C PRO B 306 10.08 7.94 46.71
N GLU B 307 11.26 7.74 46.14
CA GLU B 307 12.32 8.75 46.12
C GLU B 307 12.63 9.12 44.68
N ALA B 308 12.47 10.39 44.35
CA ALA B 308 12.61 10.87 42.98
C ALA B 308 14.03 10.66 42.48
N VAL B 309 14.18 10.22 41.24
CA VAL B 309 15.53 10.00 40.73
C VAL B 309 16.10 11.25 40.06
N ARG B 310 17.36 11.52 40.36
CA ARG B 310 18.04 12.68 39.84
C ARG B 310 18.97 12.26 38.70
N ALA B 311 19.35 13.20 37.85
CA ALA B 311 20.32 12.94 36.79
C ALA B 311 21.03 14.24 36.48
N GLN B 312 22.23 14.14 35.93
CA GLN B 312 22.98 15.34 35.57
C GLN B 312 22.59 15.77 34.16
N ALA B 313 22.37 17.07 33.99
CA ALA B 313 21.99 17.64 32.71
C ALA B 313 22.99 18.72 32.34
N TYR B 314 23.05 19.05 31.05
CA TYR B 314 23.98 20.06 30.55
C TYR B 314 23.24 21.04 29.68
N ARG B 315 23.61 22.30 29.74
CA ARG B 315 22.93 23.33 28.97
C ARG B 315 23.72 23.56 27.70
N LEU B 316 23.10 23.26 26.57
CA LEU B 316 23.75 23.41 25.26
C LEU B 316 23.78 24.87 24.82
N SER B 317 24.75 25.20 23.97
CA SER B 317 24.90 26.57 23.48
C SER B 317 23.76 26.95 22.55
N ILE B 318 23.21 28.14 22.75
CA ILE B 318 22.16 28.67 21.88
C ILE B 318 22.69 28.87 20.47
N PRO B 319 21.96 28.34 19.46
CA PRO B 319 22.42 28.42 18.07
C PRO B 319 22.27 29.82 17.48
N LYS B 320 23.10 30.13 16.50
CA LYS B 320 23.08 31.44 15.87
C LYS B 320 22.38 31.38 14.52
N LEU B 321 21.21 32.00 14.45
CA LEU B 321 20.38 31.96 13.26
C LEU B 321 20.66 33.17 12.36
N MET B 322 20.85 32.91 11.06
CA MET B 322 21.16 33.97 10.10
C MET B 322 20.11 34.12 8.99
N GLY B 323 19.50 35.30 8.92
CA GLY B 323 18.81 35.72 7.71
C GLY B 323 19.86 36.43 6.90
N ARG B 324 19.52 37.61 6.38
CA ARG B 324 20.51 38.48 5.78
C ARG B 324 21.57 38.89 6.82
N ARG B 325 21.10 39.07 8.05
CA ARG B 325 21.96 39.30 9.20
C ARG B 325 21.41 38.43 10.31
N ALA B 326 22.05 38.42 11.46
CA ALA B 326 21.60 37.59 12.59
C ALA B 326 20.17 37.91 12.99
N VAL B 327 19.39 36.87 13.29
CA VAL B 327 18.01 37.05 13.72
C VAL B 327 17.71 36.16 14.92
N SER B 328 16.58 36.38 15.60
CA SER B 328 16.21 35.49 16.69
C SER B 328 15.10 34.55 16.28
N LYS B 329 14.43 34.86 15.18
CA LYS B 329 13.35 34.03 14.67
C LYS B 329 13.23 34.27 13.16
N PRO B 330 12.71 33.29 12.41
CA PRO B 330 12.53 33.46 10.96
C PRO B 330 11.63 34.64 10.55
N ALA B 331 10.68 35.06 11.38
CA ALA B 331 9.85 36.23 11.06
C ALA B 331 10.69 37.51 10.92
N ASP B 332 11.85 37.55 11.58
CA ASP B 332 12.70 38.73 11.47
C ASP B 332 13.26 38.88 10.06
N ALA B 333 13.32 37.77 9.32
CA ALA B 333 13.85 37.77 7.97
C ALA B 333 13.00 38.60 7.02
N LEU B 334 11.72 38.76 7.36
CA LEU B 334 10.82 39.62 6.61
C LEU B 334 11.21 41.10 6.70
N ARG B 335 12.01 41.44 7.71
CA ARG B 335 12.40 42.83 7.89
C ARG B 335 13.86 43.07 7.62
N VAL B 336 14.71 42.15 8.05
CA VAL B 336 16.13 42.31 7.87
C VAL B 336 16.57 41.80 6.49
N GLY B 337 15.77 40.91 5.91
CA GLY B 337 16.08 40.32 4.61
C GLY B 337 16.41 38.84 4.75
N PHE B 338 16.38 38.14 3.61
CA PHE B 338 16.62 36.70 3.60
C PHE B 338 18.10 36.32 3.56
N TYR B 339 18.38 35.08 3.99
CA TYR B 339 19.72 34.53 3.97
C TYR B 339 20.26 34.47 2.56
N ARG B 340 19.41 34.07 1.62
CA ARG B 340 19.76 34.05 0.21
C ARG B 340 18.55 34.33 -0.66
N ALA B 341 18.42 35.57 -1.09
CA ALA B 341 17.31 35.96 -1.94
C ALA B 341 17.64 35.71 -3.41
N GLN B 342 16.61 35.45 -4.20
CA GLN B 342 16.77 35.19 -5.62
C GLN B 342 15.57 35.83 -6.32
N GLU B 343 15.69 36.09 -7.62
CA GLU B 343 14.58 36.67 -8.37
C GLU B 343 13.34 35.80 -8.19
N THR B 344 12.23 36.39 -7.76
CA THR B 344 11.02 35.60 -7.53
C THR B 344 9.76 36.20 -8.13
N ALA B 345 8.82 35.32 -8.41
CA ALA B 345 7.51 35.72 -8.92
C ALA B 345 6.50 34.87 -8.19
N LEU B 346 5.51 35.54 -7.61
CA LEU B 346 4.47 34.88 -6.84
C LEU B 346 3.13 35.20 -7.49
N ALA B 347 2.13 34.34 -7.37
CA ALA B 347 0.79 34.70 -7.87
C ALA B 347 -0.25 34.73 -6.76
N LEU B 348 -1.27 35.56 -6.95
CA LEU B 348 -2.38 35.63 -6.03
C LEU B 348 -3.64 35.02 -6.63
N LEU B 349 -4.26 34.11 -5.90
CA LEU B 349 -5.52 33.53 -6.32
C LEU B 349 -6.60 33.79 -5.26
N ARG B 350 -7.68 34.44 -5.66
CA ARG B 350 -8.76 34.77 -4.74
C ARG B 350 -9.98 33.91 -5.01
N LEU B 351 -10.43 33.16 -4.00
CA LEU B 351 -11.63 32.36 -4.14
C LEU B 351 -12.84 33.07 -3.53
N ASP B 352 -12.63 34.28 -3.01
CA ASP B 352 -13.66 35.00 -2.27
C ASP B 352 -14.37 36.12 -3.04
N GLY B 353 -14.13 36.19 -4.35
CA GLY B 353 -14.84 37.14 -5.17
C GLY B 353 -14.31 38.56 -5.05
N ALA B 354 -13.31 38.75 -4.20
CA ALA B 354 -12.64 40.05 -4.11
C ALA B 354 -11.53 40.06 -5.16
N GLN B 355 -10.98 41.25 -5.41
CA GLN B 355 -9.94 41.39 -6.44
C GLN B 355 -8.74 42.19 -5.96
N GLY B 356 -7.54 41.66 -6.20
CA GLY B 356 -6.31 42.36 -5.89
C GLY B 356 -5.63 41.92 -4.61
N TRP B 357 -4.39 42.36 -4.44
CA TRP B 357 -3.65 42.11 -3.22
C TRP B 357 -4.18 42.99 -2.10
N PRO B 358 -4.43 42.41 -0.92
CA PRO B 358 -4.59 43.25 0.26
C PRO B 358 -3.32 44.06 0.40
N GLU B 359 -3.44 45.37 0.54
CA GLU B 359 -2.29 46.26 0.41
C GLU B 359 -1.13 45.92 1.35
N PHE B 360 -1.44 45.56 2.60
CA PHE B 360 -0.40 45.32 3.59
C PHE B 360 0.44 44.07 3.27
N LEU B 361 -0.17 43.09 2.62
CA LEU B 361 0.57 41.91 2.16
C LEU B 361 1.57 42.28 1.07
N ARG B 362 1.12 43.05 0.08
CA ARG B 362 2.02 43.53 -0.96
C ARG B 362 3.14 44.32 -0.31
N ARG B 363 2.79 45.23 0.58
CA ARG B 363 3.77 46.08 1.23
C ARG B 363 4.80 45.26 2.01
N ALA B 364 4.34 44.21 2.68
CA ALA B 364 5.26 43.39 3.46
C ALA B 364 6.21 42.57 2.58
N LEU B 365 5.68 42.03 1.49
CA LEU B 365 6.55 41.31 0.55
C LEU B 365 7.58 42.26 -0.06
N LEU B 366 7.09 43.39 -0.55
CA LEU B 366 7.96 44.37 -1.19
C LEU B 366 9.04 44.82 -0.20
N ARG B 367 8.65 45.06 1.04
CA ARG B 367 9.59 45.46 2.08
C ARG B 367 10.66 44.39 2.30
N ALA B 368 10.25 43.13 2.42
CA ALA B 368 11.19 42.03 2.61
C ALA B 368 12.19 41.89 1.47
N PHE B 369 11.68 41.90 0.24
CA PHE B 369 12.55 41.69 -0.91
C PHE B 369 13.47 42.87 -1.15
N GLY B 370 12.96 44.08 -0.88
CA GLY B 370 13.75 45.28 -0.95
C GLY B 370 14.88 45.27 0.06
N ALA B 371 14.58 44.83 1.28
CA ALA B 371 15.62 44.68 2.29
C ALA B 371 16.62 43.62 1.84
N SER B 372 16.16 42.66 1.05
CA SER B 372 17.04 41.58 0.61
C SER B 372 17.88 41.96 -0.60
N GLY B 373 17.54 43.06 -1.26
CA GLY B 373 18.21 43.46 -2.48
C GLY B 373 17.88 42.54 -3.66
N ALA B 374 16.66 42.04 -3.69
CA ALA B 374 16.21 41.14 -4.75
C ALA B 374 14.88 41.61 -5.32
N SER B 375 14.59 41.18 -6.54
CA SER B 375 13.40 41.66 -7.24
C SER B 375 12.21 40.74 -7.03
N LEU B 376 11.04 41.35 -6.86
CA LEU B 376 9.81 40.58 -6.74
C LEU B 376 8.86 40.94 -7.89
N ARG B 377 8.27 39.92 -8.49
CA ARG B 377 7.20 40.11 -9.45
C ARG B 377 5.94 39.49 -8.87
N LEU B 378 4.87 40.27 -8.83
CA LEU B 378 3.60 39.80 -8.31
C LEU B 378 2.58 39.65 -9.43
N HIS B 379 1.95 38.50 -9.49
CA HIS B 379 0.98 38.20 -10.55
C HIS B 379 -0.36 38.02 -9.90
N THR B 380 -1.41 38.16 -10.70
CA THR B 380 -2.76 37.87 -10.25
C THR B 380 -3.37 36.84 -11.19
N LEU B 381 -3.97 35.81 -10.62
CA LEU B 381 -4.73 34.84 -11.40
C LEU B 381 -6.20 35.24 -11.45
N HIS B 382 -6.64 35.74 -12.60
CA HIS B 382 -8.06 36.00 -12.81
C HIS B 382 -8.73 34.74 -13.31
N ALA B 383 -8.69 33.69 -12.51
CA ALA B 383 -9.35 32.44 -12.87
C ALA B 383 -9.81 31.74 -11.60
N HIS B 384 -10.84 30.91 -11.73
CA HIS B 384 -11.41 30.18 -10.61
C HIS B 384 -11.36 28.69 -10.93
N PRO B 385 -11.10 27.83 -9.92
CA PRO B 385 -11.03 26.38 -10.14
C PRO B 385 -12.30 25.80 -10.74
N SER B 386 -13.43 26.45 -10.51
CA SER B 386 -14.71 26.01 -11.08
C SER B 386 -14.77 26.14 -12.61
N GLN B 387 -13.73 26.72 -13.22
CA GLN B 387 -13.67 26.84 -14.67
C GLN B 387 -13.21 25.55 -15.35
N GLY B 388 -12.87 24.54 -14.55
CA GLY B 388 -12.41 23.28 -15.09
C GLY B 388 -11.02 23.40 -15.71
N LEU B 389 -10.86 22.89 -16.93
CA LEU B 389 -9.54 22.89 -17.57
C LEU B 389 -9.04 24.30 -17.91
N ALA B 390 -9.95 25.25 -18.01
CA ALA B 390 -9.54 26.63 -18.24
C ALA B 390 -8.70 27.15 -17.07
N PHE B 391 -9.07 26.73 -15.86
CA PHE B 391 -8.31 27.10 -14.68
C PHE B 391 -6.88 26.59 -14.81
N ARG B 392 -6.74 25.31 -15.14
CA ARG B 392 -5.42 24.72 -15.29
C ARG B 392 -4.63 25.39 -16.40
N GLU B 393 -5.32 25.83 -17.45
CA GLU B 393 -4.67 26.56 -18.52
C GLU B 393 -4.08 27.88 -18.00
N ALA B 394 -4.86 28.58 -17.19
CA ALA B 394 -4.36 29.79 -16.52
C ALA B 394 -3.14 29.48 -15.65
N LEU B 395 -3.18 28.32 -14.96
CA LEU B 395 -2.03 27.88 -14.17
C LEU B 395 -0.78 27.67 -15.04
N ARG B 396 -0.96 26.97 -16.16
CA ARG B 396 0.13 26.68 -17.09
C ARG B 396 0.76 27.97 -17.58
N LYS B 397 -0.08 28.94 -17.92
CA LYS B 397 0.40 30.22 -18.42
C LYS B 397 1.18 30.92 -17.33
N ALA B 398 0.64 30.91 -16.11
CA ALA B 398 1.31 31.52 -14.96
C ALA B 398 2.72 30.95 -14.76
N LYS B 399 2.82 29.63 -14.67
CA LYS B 399 4.12 28.96 -14.47
C LYS B 399 5.08 29.29 -15.62
N GLU B 400 4.57 29.25 -16.84
CA GLU B 400 5.36 29.56 -18.03
C GLU B 400 5.89 30.99 -17.98
N GLU B 401 5.11 31.89 -17.37
CA GLU B 401 5.50 33.29 -17.24
C GLU B 401 6.45 33.54 -16.06
N GLY B 402 6.83 32.46 -15.36
CA GLY B 402 7.83 32.57 -14.30
C GLY B 402 7.36 32.40 -12.86
N VAL B 403 6.05 32.27 -12.66
CA VAL B 403 5.50 32.15 -11.32
C VAL B 403 6.02 30.91 -10.56
N GLN B 404 6.34 31.08 -9.28
CA GLN B 404 6.98 30.00 -8.53
C GLN B 404 6.06 29.37 -7.48
N ALA B 405 5.10 30.13 -6.98
CA ALA B 405 4.19 29.64 -5.97
C ALA B 405 2.97 30.54 -5.94
N VAL B 406 1.87 30.04 -5.37
CA VAL B 406 0.67 30.88 -5.33
C VAL B 406 0.06 30.99 -3.93
N LEU B 407 -0.36 32.20 -3.58
CA LEU B 407 -1.07 32.48 -2.34
C LEU B 407 -2.57 32.45 -2.62
N VAL B 408 -3.29 31.60 -1.89
CA VAL B 408 -4.73 31.43 -2.09
C VAL B 408 -5.49 32.08 -0.94
N LEU B 409 -6.20 33.16 -1.24
CA LEU B 409 -6.99 33.83 -0.23
C LEU B 409 -8.38 33.22 -0.28
N THR B 410 -8.78 32.54 0.78
CA THR B 410 -10.06 31.85 0.71
C THR B 410 -10.74 31.67 2.05
N PRO B 411 -12.08 31.69 2.08
CA PRO B 411 -12.77 31.28 3.32
C PRO B 411 -12.38 29.83 3.62
N PRO B 412 -12.46 29.42 4.90
CA PRO B 412 -11.98 28.09 5.29
C PRO B 412 -12.57 26.98 4.41
N MET B 413 -11.73 26.07 3.91
CA MET B 413 -12.20 25.02 3.01
C MET B 413 -12.39 23.70 3.73
N ALA B 414 -13.36 22.89 3.31
CA ALA B 414 -13.44 21.52 3.78
C ALA B 414 -12.17 20.79 3.31
N TRP B 415 -11.76 19.75 4.04
CA TRP B 415 -10.49 19.07 3.72
C TRP B 415 -10.40 18.58 2.28
N GLU B 416 -11.50 18.04 1.78
CA GLU B 416 -11.56 17.44 0.45
C GLU B 416 -11.28 18.48 -0.62
N ASP B 417 -11.91 19.63 -0.47
CA ASP B 417 -11.73 20.75 -1.39
C ASP B 417 -10.31 21.32 -1.31
N ARG B 418 -9.83 21.49 -0.08
CA ARG B 418 -8.47 21.96 0.14
C ARG B 418 -7.47 21.04 -0.56
N ASN B 419 -7.58 19.74 -0.33
CA ASN B 419 -6.71 18.75 -0.97
C ASN B 419 -6.81 18.76 -2.51
N ARG B 420 -8.03 18.83 -3.03
CA ARG B 420 -8.19 18.84 -4.48
C ARG B 420 -7.50 20.05 -5.09
N LEU B 421 -7.67 21.21 -4.45
CA LEU B 421 -7.07 22.45 -4.94
C LEU B 421 -5.57 22.37 -4.91
N LYS B 422 -5.04 21.92 -3.78
CA LYS B 422 -3.59 21.84 -3.62
C LYS B 422 -2.97 20.88 -4.63
N ALA B 423 -3.60 19.72 -4.83
CA ALA B 423 -3.09 18.72 -5.77
C ALA B 423 -3.12 19.29 -7.19
N LEU B 424 -4.23 19.95 -7.53
CA LEU B 424 -4.36 20.57 -8.83
C LEU B 424 -3.21 21.54 -9.11
N LEU B 425 -2.95 22.46 -8.18
CA LEU B 425 -1.84 23.39 -8.37
C LEU B 425 -0.51 22.65 -8.50
N LEU B 426 -0.33 21.63 -7.66
CA LEU B 426 0.88 20.82 -7.68
C LEU B 426 1.12 20.19 -9.06
N ARG B 427 0.06 19.83 -9.78
CA ARG B 427 0.24 19.18 -11.08
C ARG B 427 0.82 20.13 -12.14
N GLU B 428 0.58 21.43 -11.99
CA GLU B 428 1.22 22.42 -12.86
C GLU B 428 2.52 22.95 -12.25
N GLY B 429 3.02 22.25 -11.25
CA GLY B 429 4.31 22.57 -10.65
C GLY B 429 4.27 23.74 -9.69
N LEU B 430 3.07 24.10 -9.22
CA LEU B 430 2.92 25.27 -8.36
C LEU B 430 2.57 24.93 -6.91
N PRO B 431 3.55 25.05 -6.00
CA PRO B 431 3.22 24.98 -4.57
C PRO B 431 2.30 26.14 -4.20
N SER B 432 1.47 25.93 -3.19
CA SER B 432 0.51 26.94 -2.80
C SER B 432 0.48 27.13 -1.30
N GLN B 433 0.15 28.35 -0.89
CA GLN B 433 -0.03 28.67 0.50
C GLN B 433 -1.44 29.19 0.67
N ILE B 434 -2.23 28.56 1.53
CA ILE B 434 -3.57 29.07 1.83
C ILE B 434 -3.52 30.09 2.98
N LEU B 435 -4.36 31.12 2.86
CA LEU B 435 -4.55 32.12 3.89
C LEU B 435 -6.04 32.42 3.92
N ASN B 436 -6.65 32.16 5.08
CA ASN B 436 -8.09 32.31 5.22
C ASN B 436 -8.54 33.77 5.37
N VAL B 437 -9.76 34.00 4.92
CA VAL B 437 -10.37 35.31 4.89
C VAL B 437 -11.66 35.15 5.70
N PRO B 438 -12.11 36.21 6.41
CA PRO B 438 -11.60 37.57 6.47
C PRO B 438 -10.25 37.66 7.17
N LEU B 439 -9.49 38.67 6.76
CA LEU B 439 -8.13 38.85 7.22
C LEU B 439 -7.96 40.31 7.53
N ARG B 440 -7.59 40.60 8.78
CA ARG B 440 -7.33 41.97 9.18
C ARG B 440 -5.83 42.17 9.33
N GLU B 441 -5.36 43.41 9.10
CA GLU B 441 -3.93 43.69 9.17
C GLU B 441 -3.36 43.41 10.55
N GLU B 442 -4.19 43.57 11.57
CA GLU B 442 -3.75 43.38 12.96
C GLU B 442 -3.43 41.93 13.29
N GLU B 443 -3.88 40.99 12.45
CA GLU B 443 -3.57 39.57 12.64
C GLU B 443 -2.21 39.23 12.04
N ARG B 444 -1.20 39.96 12.48
CA ARG B 444 0.14 39.91 11.92
C ARG B 444 0.82 38.55 11.98
N HIS B 445 0.60 37.79 13.05
CA HIS B 445 1.27 36.49 13.19
C HIS B 445 0.79 35.49 12.14
N ARG B 446 -0.53 35.41 11.98
CA ARG B 446 -1.12 34.55 10.97
C ARG B 446 -0.64 34.90 9.55
N TRP B 447 -0.73 36.17 9.17
CA TRP B 447 -0.36 36.49 7.79
C TRP B 447 1.15 36.49 7.49
N GLU B 448 1.98 36.83 8.47
CA GLU B 448 3.41 36.71 8.28
C GLU B 448 3.84 35.26 8.18
N ASN B 449 3.22 34.38 8.97
CA ASN B 449 3.48 32.96 8.82
C ASN B 449 3.03 32.42 7.45
N ALA B 450 1.89 32.90 6.96
CA ALA B 450 1.49 32.58 5.58
C ALA B 450 2.56 33.02 4.59
N LEU B 451 3.06 34.24 4.75
CA LEU B 451 4.08 34.79 3.86
C LEU B 451 5.36 33.95 3.88
N LEU B 452 5.78 33.51 5.08
CA LEU B 452 6.97 32.67 5.21
C LEU B 452 6.78 31.32 4.54
N GLY B 453 5.59 30.73 4.71
CA GLY B 453 5.27 29.50 4.03
C GLY B 453 5.38 29.67 2.53
N LEU B 454 4.72 30.71 2.02
CA LEU B 454 4.69 31.02 0.60
C LEU B 454 6.11 31.18 0.06
N LEU B 455 6.96 31.85 0.81
CA LEU B 455 8.33 32.04 0.36
C LEU B 455 9.13 30.74 0.32
N ALA B 456 8.98 29.91 1.36
CA ALA B 456 9.66 28.62 1.37
C ALA B 456 9.17 27.72 0.24
N LYS B 457 7.88 27.83 -0.08
CA LYS B 457 7.27 27.07 -1.16
C LYS B 457 7.75 27.56 -2.51
N ALA B 458 8.38 28.73 -2.52
CA ALA B 458 8.91 29.28 -3.76
C ALA B 458 10.36 28.89 -3.92
N GLY B 459 10.92 28.26 -2.89
CA GLY B 459 12.30 27.80 -2.96
C GLY B 459 13.32 28.76 -2.37
N LEU B 460 12.83 29.78 -1.66
CA LEU B 460 13.72 30.75 -1.05
C LEU B 460 14.32 30.22 0.24
N GLN B 461 15.62 30.40 0.43
CA GLN B 461 16.24 30.09 1.70
C GLN B 461 16.15 31.30 2.62
N VAL B 462 15.21 31.28 3.54
CA VAL B 462 14.96 32.45 4.37
C VAL B 462 15.95 32.55 5.53
N VAL B 463 16.17 31.46 6.26
CA VAL B 463 17.22 31.43 7.30
C VAL B 463 18.18 30.24 7.16
N ALA B 464 19.39 30.41 7.71
CA ALA B 464 20.38 29.34 7.85
C ALA B 464 21.12 29.50 9.17
N LEU B 465 21.86 28.47 9.57
CA LEU B 465 22.61 28.46 10.82
C LEU B 465 24.01 29.04 10.61
N SER B 466 24.62 29.49 11.69
CA SER B 466 26.01 29.93 11.65
C SER B 466 26.84 28.85 12.32
N GLY B 467 28.16 29.01 12.31
CA GLY B 467 29.03 28.06 12.96
C GLY B 467 29.16 26.75 12.21
N ALA B 468 30.10 25.92 12.64
CA ALA B 468 30.39 24.67 11.96
C ALA B 468 29.90 23.47 12.75
N TYR B 469 29.57 22.40 12.04
CA TYR B 469 29.05 21.18 12.65
C TYR B 469 29.77 19.95 12.06
N PRO B 470 29.85 18.86 12.84
CA PRO B 470 30.48 17.61 12.41
C PRO B 470 30.00 17.14 11.03
N ALA B 471 28.70 17.06 10.81
CA ALA B 471 28.19 16.59 9.54
C ALA B 471 27.77 17.75 8.64
N GLU B 472 28.21 17.74 7.38
CA GLU B 472 27.81 18.81 6.47
C GLU B 472 26.49 18.54 5.75
N LEU B 473 25.92 17.37 6.02
CA LEU B 473 24.62 17.02 5.44
C LEU B 473 23.82 16.30 6.50
N ALA B 474 22.59 16.74 6.72
CA ALA B 474 21.74 16.05 7.69
C ALA B 474 20.46 15.60 7.02
N VAL B 475 20.08 14.34 7.20
CA VAL B 475 18.84 13.91 6.58
C VAL B 475 17.91 13.11 7.50
N GLY B 476 16.62 13.36 7.36
CA GLY B 476 15.61 12.74 8.19
C GLY B 476 14.69 11.83 7.40
N PHE B 477 14.30 10.74 8.05
CA PHE B 477 13.50 9.70 7.44
C PHE B 477 12.26 9.47 8.26
N ASP B 478 11.10 9.45 7.60
CA ASP B 478 9.86 9.15 8.31
C ASP B 478 8.90 8.39 7.41
N ALA B 479 7.82 7.86 7.99
CA ALA B 479 6.76 7.23 7.19
C ALA B 479 5.37 7.76 7.53
N GLY B 480 4.54 7.96 6.51
CA GLY B 480 3.22 8.52 6.72
C GLY B 480 2.13 7.83 5.92
N GLY B 481 0.88 8.15 6.22
CA GLY B 481 -0.27 7.51 5.58
C GLY B 481 -1.02 6.63 6.55
N ARG B 482 -2.35 6.57 6.41
CA ARG B 482 -3.17 5.85 7.37
C ARG B 482 -3.82 4.63 6.75
N GLU B 483 -3.62 4.44 5.46
CA GLU B 483 -4.20 3.31 4.74
C GLU B 483 -3.40 2.02 4.95
N SER B 484 -3.64 1.03 4.09
CA SER B 484 -2.96 -0.26 4.19
C SER B 484 -1.57 -0.19 3.59
N PHE B 485 -1.13 1.03 3.28
CA PHE B 485 0.19 1.27 2.74
C PHE B 485 0.67 2.65 3.19
N ARG B 486 1.98 2.78 3.38
CA ARG B 486 2.57 4.05 3.79
C ARG B 486 3.46 4.64 2.69
N PHE B 487 3.92 5.85 2.93
CA PHE B 487 4.99 6.44 2.13
C PHE B 487 6.18 6.67 3.06
N GLY B 488 7.31 6.09 2.70
CA GLY B 488 8.57 6.32 3.39
C GLY B 488 9.36 7.38 2.64
N GLY B 489 9.84 8.38 3.37
CA GLY B 489 10.46 9.51 2.71
C GLY B 489 11.55 10.19 3.50
N ALA B 490 12.28 11.06 2.81
CA ALA B 490 13.43 11.73 3.40
C ALA B 490 13.46 13.20 3.03
N ALA B 491 13.98 14.01 3.95
CA ALA B 491 14.22 15.42 3.66
C ALA B 491 15.57 15.76 4.23
N CYS B 492 16.25 16.76 3.67
CA CYS B 492 17.60 17.05 4.11
C CYS B 492 17.92 18.55 4.22
N ALA B 493 18.91 18.84 5.06
CA ALA B 493 19.54 20.15 5.15
C ALA B 493 20.98 19.97 4.68
N VAL B 494 21.38 20.72 3.65
CA VAL B 494 22.68 20.50 3.03
C VAL B 494 23.71 21.57 3.36
N GLY B 495 24.98 21.17 3.33
CA GLY B 495 26.10 22.10 3.46
C GLY B 495 26.25 22.77 4.81
N GLY B 496 27.31 23.56 4.93
CA GLY B 496 27.50 24.43 6.08
C GLY B 496 26.38 25.44 6.09
N ASP B 497 25.89 25.73 7.31
CA ASP B 497 24.72 26.60 7.55
C ASP B 497 23.39 25.89 7.34
N GLY B 498 23.42 24.71 6.72
CA GLY B 498 22.20 24.08 6.26
C GLY B 498 21.63 24.94 5.16
N GLY B 499 22.53 25.43 4.30
CA GLY B 499 22.24 26.45 3.31
C GLY B 499 21.14 26.14 2.31
N HIS B 500 20.69 24.88 2.28
CA HIS B 500 19.59 24.49 1.42
C HIS B 500 18.75 23.42 2.10
N LEU B 501 17.44 23.47 1.88
CA LEU B 501 16.52 22.47 2.40
C LEU B 501 15.82 21.76 1.24
N LEU B 502 15.93 20.43 1.19
CA LEU B 502 15.36 19.70 0.07
C LEU B 502 14.50 18.52 0.52
N TRP B 503 13.65 18.06 -0.40
CA TRP B 503 12.89 16.83 -0.22
C TRP B 503 13.16 15.95 -1.43
N THR B 504 12.75 14.68 -1.37
CA THR B 504 12.83 13.81 -2.53
C THR B 504 11.58 12.97 -2.62
N LEU B 505 11.36 12.33 -3.76
CA LEU B 505 10.14 11.55 -3.94
C LEU B 505 10.09 10.44 -2.91
N PRO B 506 8.96 10.32 -2.20
CA PRO B 506 8.72 9.20 -1.29
C PRO B 506 8.49 7.90 -2.04
N GLU B 507 8.44 6.80 -1.31
CA GLU B 507 8.15 5.50 -1.91
C GLU B 507 7.03 4.82 -1.15
N ALA B 508 6.16 4.13 -1.89
CA ALA B 508 5.07 3.38 -1.26
C ALA B 508 5.63 2.12 -0.65
N GLN B 509 5.28 1.87 0.61
CA GLN B 509 5.75 0.67 1.28
C GLN B 509 4.63 0.02 2.08
N ALA B 510 4.88 -1.21 2.52
CA ALA B 510 3.87 -2.00 3.21
C ALA B 510 3.51 -1.45 4.59
N GLY B 511 4.51 -1.01 5.35
CA GLY B 511 4.29 -0.57 6.71
C GLY B 511 5.23 0.52 7.18
N GLU B 512 5.74 0.35 8.40
CA GLU B 512 6.58 1.38 9.01
C GLU B 512 8.03 1.25 8.59
N ARG B 513 8.50 0.01 8.45
CA ARG B 513 9.85 -0.24 7.95
C ARG B 513 10.01 0.32 6.54
N ILE B 514 11.09 1.06 6.32
CA ILE B 514 11.49 1.47 4.97
C ILE B 514 12.45 0.40 4.46
N PRO B 515 12.21 -0.14 3.25
CA PRO B 515 13.09 -1.20 2.71
C PRO B 515 14.55 -0.72 2.55
N GLN B 516 15.52 -1.61 2.77
CA GLN B 516 16.95 -1.23 2.77
C GLN B 516 17.40 -0.46 1.53
N GLU B 517 16.95 -0.93 0.37
CA GLU B 517 17.28 -0.33 -0.90
C GLU B 517 16.63 1.05 -1.04
N VAL B 518 15.44 1.21 -0.48
CA VAL B 518 14.78 2.51 -0.52
C VAL B 518 15.53 3.51 0.34
N VAL B 519 15.91 3.10 1.54
CA VAL B 519 16.70 3.94 2.43
C VAL B 519 17.92 4.43 1.69
N TRP B 520 18.64 3.48 1.09
CA TRP B 520 19.81 3.86 0.32
C TRP B 520 19.50 4.82 -0.84
N ASP B 521 18.48 4.53 -1.63
CA ASP B 521 18.14 5.39 -2.78
C ASP B 521 17.81 6.83 -2.37
N LEU B 522 17.02 6.97 -1.30
CA LEU B 522 16.67 8.29 -0.80
C LEU B 522 17.94 9.02 -0.34
N LEU B 523 18.78 8.30 0.41
CA LEU B 523 20.04 8.87 0.88
C LEU B 523 20.90 9.34 -0.30
N GLU B 524 21.00 8.51 -1.32
CA GLU B 524 21.79 8.81 -2.51
C GLU B 524 21.26 10.05 -3.20
N GLU B 525 19.94 10.16 -3.27
CA GLU B 525 19.34 11.39 -3.77
C GLU B 525 19.85 12.61 -2.98
N THR B 526 19.86 12.52 -1.65
CA THR B 526 20.35 13.65 -0.85
C THR B 526 21.86 13.93 -1.05
N LEU B 527 22.65 12.88 -1.25
CA LEU B 527 24.08 13.03 -1.53
C LEU B 527 24.35 13.72 -2.87
N TRP B 528 23.54 13.36 -3.87
CA TRP B 528 23.64 13.95 -5.19
C TRP B 528 23.22 15.41 -5.13
N ALA B 529 22.23 15.67 -4.30
CA ALA B 529 21.75 17.02 -4.04
C ALA B 529 22.85 17.88 -3.39
N PHE B 530 23.57 17.30 -2.43
CA PHE B 530 24.68 17.99 -1.83
C PHE B 530 25.75 18.27 -2.87
N ARG B 531 26.06 17.25 -3.68
CA ARG B 531 27.13 17.35 -4.66
C ARG B 531 26.83 18.39 -5.74
N ARG B 532 25.55 18.63 -6.01
CA ARG B 532 25.19 19.68 -6.97
C ARG B 532 25.41 21.07 -6.37
N LYS B 533 25.34 21.18 -5.05
CA LYS B 533 25.45 22.47 -4.38
C LYS B 533 26.85 22.77 -3.84
N ALA B 534 27.81 21.88 -4.11
CA ALA B 534 29.17 22.04 -3.57
C ALA B 534 30.23 21.47 -4.51
N GLY B 535 29.82 20.63 -5.44
CA GLY B 535 30.75 20.08 -6.42
C GLY B 535 31.55 18.91 -5.88
N ARG B 536 31.22 18.46 -4.67
CA ARG B 536 31.85 17.29 -4.08
C ARG B 536 30.86 16.59 -3.15
N LEU B 537 31.23 15.41 -2.67
CA LEU B 537 30.40 14.68 -1.74
C LEU B 537 30.76 15.12 -0.34
N PRO B 538 29.80 15.04 0.60
CA PRO B 538 30.11 15.48 1.97
C PRO B 538 31.02 14.46 2.65
N SER B 539 31.85 14.93 3.57
CA SER B 539 32.77 14.06 4.28
C SER B 539 32.05 13.28 5.38
N ARG B 540 31.00 13.89 5.93
CA ARG B 540 30.25 13.27 7.01
C ARG B 540 28.77 13.61 6.93
N VAL B 541 27.93 12.61 7.13
CA VAL B 541 26.49 12.82 7.11
C VAL B 541 25.88 12.41 8.43
N LEU B 542 24.82 13.12 8.81
CA LEU B 542 24.06 12.80 10.01
C LEU B 542 22.73 12.23 9.57
N LEU B 543 22.49 10.96 9.90
CA LEU B 543 21.24 10.30 9.57
C LEU B 543 20.31 10.29 10.78
N LEU B 544 19.10 10.81 10.59
CA LEU B 544 18.10 10.89 11.64
C LEU B 544 16.85 10.13 11.23
N ARG B 545 16.44 9.19 12.07
CA ARG B 545 15.27 8.37 11.81
C ARG B 545 14.17 8.70 12.81
N ASP B 546 12.97 9.00 12.31
CA ASP B 546 11.82 9.21 13.18
C ASP B 546 11.44 7.92 13.90
N GLY B 547 11.48 7.94 15.23
CA GLY B 547 11.17 6.75 16.00
C GLY B 547 12.30 5.74 16.01
N ARG B 548 11.95 4.48 16.22
CA ARG B 548 12.94 3.42 16.29
C ARG B 548 13.46 3.09 14.90
N VAL B 549 14.72 2.67 14.82
CA VAL B 549 15.27 2.10 13.60
C VAL B 549 14.97 0.62 13.58
N PRO B 550 14.07 0.20 12.68
CA PRO B 550 13.80 -1.23 12.52
C PRO B 550 15.11 -1.98 12.26
N GLN B 551 15.20 -3.19 12.79
CA GLN B 551 16.40 -4.00 12.69
C GLN B 551 16.99 -4.03 11.27
N ASP B 552 18.22 -3.56 11.13
CA ASP B 552 18.98 -3.64 9.88
C ASP B 552 18.49 -2.71 8.75
N GLU B 553 17.62 -1.77 9.08
CA GLU B 553 17.05 -0.88 8.07
C GLU B 553 18.13 -0.07 7.32
N PHE B 554 19.18 0.34 8.01
CA PHE B 554 20.22 1.16 7.38
C PHE B 554 21.48 0.41 6.92
N ALA B 555 21.46 -0.92 6.99
CA ALA B 555 22.66 -1.73 6.71
C ALA B 555 23.25 -1.52 5.32
N LEU B 556 22.42 -1.67 4.29
CA LEU B 556 22.86 -1.44 2.91
C LEU B 556 23.44 -0.03 2.73
N ALA B 557 22.65 0.99 3.10
CA ALA B 557 23.06 2.39 3.05
C ALA B 557 24.38 2.64 3.77
N LEU B 558 24.51 2.09 4.98
CA LEU B 558 25.72 2.25 5.78
C LEU B 558 26.94 1.65 5.07
N GLU B 559 26.77 0.45 4.51
CA GLU B 559 27.84 -0.22 3.75
C GLU B 559 28.28 0.64 2.57
N ALA B 560 27.30 1.18 1.85
CA ALA B 560 27.60 2.04 0.70
C ALA B 560 28.31 3.33 1.11
N LEU B 561 27.90 3.94 2.21
CA LEU B 561 28.59 5.12 2.71
C LEU B 561 30.04 4.77 3.02
N ALA B 562 30.24 3.62 3.66
CA ALA B 562 31.58 3.13 3.95
C ALA B 562 32.41 3.06 2.65
N ARG B 563 31.91 2.31 1.67
CA ARG B 563 32.55 2.21 0.36
C ARG B 563 32.95 3.57 -0.22
N GLU B 564 32.09 4.56 -0.05
CA GLU B 564 32.28 5.85 -0.72
C GLU B 564 33.16 6.81 0.09
N GLY B 565 33.66 6.35 1.23
CA GLY B 565 34.52 7.18 2.06
C GLY B 565 33.78 8.26 2.84
N ILE B 566 32.47 8.13 2.96
CA ILE B 566 31.65 9.08 3.69
C ILE B 566 31.36 8.61 5.11
N ALA B 567 31.83 9.38 6.09
CA ALA B 567 31.59 9.08 7.50
C ALA B 567 30.14 9.37 7.86
N TYR B 568 29.64 8.75 8.92
CA TYR B 568 28.23 8.87 9.27
C TYR B 568 27.94 8.68 10.76
N ASP B 569 26.77 9.14 11.16
CA ASP B 569 26.14 8.72 12.41
C ASP B 569 24.68 8.45 12.13
N LEU B 570 24.14 7.40 12.71
CA LEU B 570 22.72 7.08 12.61
C LEU B 570 22.13 7.34 13.98
N VAL B 571 21.04 8.09 14.06
CA VAL B 571 20.43 8.38 15.35
C VAL B 571 18.91 8.14 15.36
N SER B 572 18.47 7.30 16.29
CA SER B 572 17.05 7.08 16.50
C SER B 572 16.50 8.23 17.34
N VAL B 573 15.49 8.92 16.82
CA VAL B 573 14.87 10.04 17.52
C VAL B 573 13.44 9.70 17.93
N ARG B 574 13.24 9.40 19.22
CA ARG B 574 11.93 8.99 19.73
C ARG B 574 11.21 10.18 20.36
N LYS B 575 9.95 10.36 19.99
CA LYS B 575 9.16 11.51 20.39
C LYS B 575 8.40 11.21 21.66
N SER B 576 8.37 9.92 22.03
CA SER B 576 7.74 9.49 23.26
C SER B 576 8.66 8.51 23.99
N GLY B 577 8.34 8.22 25.25
CA GLY B 577 9.14 7.28 26.02
C GLY B 577 10.35 7.91 26.66
N GLY B 578 10.45 9.23 26.57
CA GLY B 578 11.55 9.97 27.18
C GLY B 578 11.22 10.50 28.56
N GLY B 579 9.98 10.28 29.00
CA GLY B 579 9.53 10.75 30.29
C GLY B 579 9.53 12.27 30.38
N ARG B 580 9.77 12.78 31.58
CA ARG B 580 9.74 14.22 31.82
C ARG B 580 11.03 14.62 32.54
N VAL B 581 11.42 15.88 32.42
CA VAL B 581 12.61 16.37 33.08
C VAL B 581 12.27 17.69 33.76
N TYR B 582 12.64 17.83 35.03
CA TYR B 582 12.33 19.01 35.85
C TYR B 582 13.58 19.55 36.50
N PRO B 583 13.74 20.88 36.56
CA PRO B 583 14.91 21.36 37.30
C PRO B 583 14.82 21.07 38.80
N VAL B 584 15.96 20.74 39.40
CA VAL B 584 16.01 20.58 40.85
C VAL B 584 15.82 21.94 41.51
N GLN B 585 16.48 22.95 40.95
CA GLN B 585 16.37 24.33 41.42
C GLN B 585 16.42 25.26 40.21
N GLY B 586 15.83 26.44 40.35
CA GLY B 586 15.90 27.43 39.31
C GLY B 586 14.87 27.21 38.22
N ARG B 587 15.02 27.96 37.13
CA ARG B 587 14.05 27.99 36.05
C ARG B 587 14.29 26.90 35.01
N LEU B 588 13.25 26.53 34.27
CA LEU B 588 13.36 25.51 33.24
C LEU B 588 13.72 26.12 31.89
N ALA B 589 14.88 25.75 31.36
CA ALA B 589 15.32 26.26 30.07
C ALA B 589 15.42 25.10 29.11
N ASP B 590 15.18 25.35 27.83
CA ASP B 590 15.35 24.29 26.83
C ASP B 590 16.82 24.20 26.43
N GLY B 591 17.14 23.31 25.50
CA GLY B 591 18.53 23.06 25.18
C GLY B 591 19.21 22.24 26.26
N LEU B 592 18.46 21.33 26.89
CA LEU B 592 19.04 20.46 27.91
C LEU B 592 19.41 19.11 27.32
N TYR B 593 20.64 18.69 27.57
CA TYR B 593 21.13 17.40 27.13
C TYR B 593 21.33 16.56 28.38
N VAL B 594 20.75 15.37 28.42
CA VAL B 594 20.80 14.52 29.61
C VAL B 594 21.26 13.12 29.23
N PRO B 595 22.57 12.86 29.31
CA PRO B 595 23.09 11.53 29.00
C PRO B 595 22.59 10.51 30.03
N LEU B 596 22.01 9.41 29.55
CA LEU B 596 21.54 8.35 30.43
C LEU B 596 22.49 7.16 30.35
N GLU B 597 22.04 6.10 29.68
CA GLU B 597 22.88 4.92 29.47
C GLU B 597 23.94 5.22 28.42
N ASP B 598 24.62 4.19 27.95
CA ASP B 598 25.57 4.33 26.86
C ASP B 598 24.78 4.52 25.56
N LYS B 599 25.26 5.42 24.71
CA LYS B 599 24.66 5.64 23.39
C LYS B 599 23.21 6.16 23.47
N THR B 600 22.78 6.59 24.66
CA THR B 600 21.41 7.02 24.85
C THR B 600 21.34 8.31 25.66
N PHE B 601 20.52 9.27 25.21
CA PHE B 601 20.38 10.51 25.96
C PHE B 601 19.04 11.20 25.71
N LEU B 602 18.62 12.03 26.67
CA LEU B 602 17.41 12.84 26.50
C LEU B 602 17.80 14.23 26.00
N LEU B 603 16.90 14.86 25.29
CA LEU B 603 17.18 16.18 24.75
C LEU B 603 15.92 17.02 24.81
N LEU B 604 15.94 18.03 25.68
CA LEU B 604 14.89 19.02 25.73
C LEU B 604 15.26 20.13 24.75
N THR B 605 14.56 20.20 23.62
CA THR B 605 14.88 21.14 22.54
C THR B 605 14.05 22.40 22.59
N VAL B 606 12.81 22.31 23.06
CA VAL B 606 11.94 23.47 23.06
C VAL B 606 11.13 23.57 24.35
N HIS B 607 10.88 24.80 24.77
CA HIS B 607 10.01 25.07 25.91
C HIS B 607 9.52 26.49 25.83
N ARG B 608 8.21 26.66 25.99
CA ARG B 608 7.60 27.97 26.19
C ARG B 608 6.70 27.86 27.42
N ASP B 609 6.84 28.81 28.34
CA ASP B 609 6.15 28.75 29.64
C ASP B 609 4.62 28.64 29.57
N PHE B 610 4.01 29.15 28.51
CA PHE B 610 2.55 29.17 28.39
C PHE B 610 2.01 27.90 27.72
N ARG B 611 2.91 27.09 27.20
CA ARG B 611 2.53 26.01 26.32
C ARG B 611 2.18 24.70 27.03
N GLY B 612 2.75 24.51 28.21
CA GLY B 612 2.60 23.27 28.95
C GLY B 612 3.96 22.76 29.41
N THR B 613 4.04 21.46 29.66
CA THR B 613 5.28 20.85 30.10
C THR B 613 5.99 20.21 28.90
N PRO B 614 7.27 20.54 28.71
CA PRO B 614 8.08 19.93 27.64
C PRO B 614 8.05 18.41 27.72
N ARG B 615 8.10 17.75 26.58
CA ARG B 615 8.28 16.30 26.50
C ARG B 615 9.60 16.09 25.78
N PRO B 616 10.65 15.78 26.55
CA PRO B 616 11.99 15.68 25.94
C PRO B 616 12.05 14.58 24.89
N LEU B 617 12.86 14.78 23.86
CA LEU B 617 13.12 13.72 22.90
C LEU B 617 14.05 12.70 23.52
N LYS B 618 13.86 11.42 23.18
CA LYS B 618 14.78 10.38 23.60
C LYS B 618 15.58 9.87 22.40
N LEU B 619 16.89 10.03 22.46
CA LEU B 619 17.76 9.71 21.33
C LEU B 619 18.69 8.53 21.62
N VAL B 620 18.86 7.68 20.60
CA VAL B 620 19.78 6.54 20.69
C VAL B 620 20.76 6.57 19.52
N HIS B 621 22.05 6.61 19.85
CA HIS B 621 23.13 6.62 18.87
C HIS B 621 23.30 5.19 18.34
N GLU B 622 22.78 4.95 17.14
CA GLU B 622 22.70 3.60 16.60
C GLU B 622 23.98 3.15 15.89
N ALA B 623 24.63 4.06 15.17
CA ALA B 623 25.91 3.75 14.52
C ALA B 623 26.72 5.01 14.34
N GLY B 624 28.04 4.87 14.35
CA GLY B 624 28.94 6.00 14.25
C GLY B 624 29.73 6.20 15.54
N ASP B 625 30.75 7.05 15.50
CA ASP B 625 31.58 7.28 16.69
C ASP B 625 31.73 8.76 17.09
N THR B 626 30.81 9.60 16.64
CA THR B 626 30.74 10.99 17.10
C THR B 626 30.28 11.00 18.56
N PRO B 627 31.01 11.68 19.44
CA PRO B 627 30.63 11.77 20.86
C PRO B 627 29.17 12.24 21.02
N LEU B 628 28.47 11.68 22.00
CA LEU B 628 27.06 11.98 22.22
C LEU B 628 26.75 13.48 22.31
N GLU B 629 27.58 14.22 23.05
CA GLU B 629 27.35 15.66 23.21
C GLU B 629 27.42 16.41 21.87
N ALA B 630 28.29 15.98 20.97
CA ALA B 630 28.42 16.61 19.66
C ALA B 630 27.16 16.38 18.81
N LEU B 631 26.65 15.15 18.84
CA LEU B 631 25.39 14.81 18.18
C LEU B 631 24.24 15.63 18.76
N ALA B 632 24.18 15.72 20.09
CA ALA B 632 23.11 16.46 20.75
C ALA B 632 23.20 17.94 20.40
N HIS B 633 24.42 18.44 20.27
CA HIS B 633 24.63 19.83 19.89
C HIS B 633 24.09 20.09 18.49
N GLN B 634 24.52 19.28 17.51
CA GLN B 634 24.06 19.51 16.14
C GLN B 634 22.55 19.31 16.00
N ILE B 635 22.01 18.29 16.67
CA ILE B 635 20.58 18.03 16.61
C ILE B 635 19.76 19.17 17.25
N PHE B 636 20.20 19.62 18.42
CA PHE B 636 19.57 20.76 19.08
C PHE B 636 19.55 21.96 18.14
N HIS B 637 20.71 22.27 17.54
CA HIS B 637 20.78 23.38 16.60
C HIS B 637 19.86 23.24 15.37
N LEU B 638 19.75 22.03 14.82
CA LEU B 638 18.87 21.83 13.66
C LEU B 638 17.41 22.21 13.89
N THR B 639 16.96 22.23 15.15
CA THR B 639 15.57 22.58 15.43
C THR B 639 15.27 24.05 15.06
N ARG B 640 16.31 24.86 15.03
CA ARG B 640 16.17 26.29 14.77
C ARG B 640 16.16 26.63 13.26
N LEU B 641 16.40 25.62 12.43
CA LEU B 641 16.51 25.83 10.97
C LEU B 641 15.18 25.98 10.22
N TYR B 642 14.10 25.48 10.81
CA TYR B 642 12.81 25.48 10.13
C TYR B 642 12.31 26.88 9.75
N PRO B 643 12.13 27.12 8.45
CA PRO B 643 11.85 28.46 7.90
C PRO B 643 10.38 28.90 7.95
N ALA B 644 9.44 27.95 7.99
CA ALA B 644 8.03 28.30 7.83
C ALA B 644 7.27 28.50 9.12
N SER B 645 7.99 28.52 10.24
CA SER B 645 7.39 28.90 11.50
C SER B 645 8.06 30.16 11.99
N GLY B 646 7.37 31.29 11.84
CA GLY B 646 7.94 32.57 12.22
C GLY B 646 8.33 32.78 13.68
N PHE B 647 7.54 32.24 14.61
CA PHE B 647 7.65 32.67 16.01
C PHE B 647 7.89 31.54 17.03
N ALA B 648 7.96 30.31 16.55
CA ALA B 648 8.19 29.17 17.44
C ALA B 648 9.01 28.11 16.73
N PHE B 649 10.00 27.57 17.41
CA PHE B 649 10.81 26.50 16.84
C PHE B 649 10.15 25.15 17.07
N PRO B 650 10.24 24.25 16.09
CA PRO B 650 9.71 22.90 16.19
C PRO B 650 10.55 22.07 17.16
N ARG B 651 9.94 21.06 17.74
CA ARG B 651 10.61 20.17 18.67
C ARG B 651 11.64 19.28 17.97
N LEU B 652 11.28 18.78 16.79
CA LEU B 652 12.16 17.89 16.03
C LEU B 652 13.15 18.68 15.19
N PRO B 653 14.37 18.16 15.02
CA PRO B 653 15.33 18.81 14.12
C PRO B 653 14.72 18.96 12.72
N ALA B 654 14.97 20.08 12.05
CA ALA B 654 14.33 20.40 10.77
C ALA B 654 14.27 19.29 9.71
N PRO B 655 15.36 18.53 9.51
CA PRO B 655 15.20 17.39 8.60
C PRO B 655 14.04 16.45 8.95
N LEU B 656 13.85 16.17 10.22
CA LEU B 656 12.76 15.27 10.62
C LEU B 656 11.40 15.95 10.54
N HIS B 657 11.33 17.22 10.96
CA HIS B 657 10.08 17.98 10.90
C HIS B 657 9.60 18.07 9.44
N LEU B 658 10.55 18.35 8.56
CA LEU B 658 10.31 18.40 7.13
C LEU B 658 9.88 17.04 6.59
N ALA B 659 10.60 15.99 6.98
CA ALA B 659 10.27 14.67 6.46
C ALA B 659 8.85 14.25 6.89
N ASP B 660 8.52 14.48 8.15
CA ASP B 660 7.19 14.19 8.65
C ASP B 660 6.11 14.94 7.88
N ARG B 661 6.32 16.25 7.64
CA ARG B 661 5.37 17.02 6.84
C ARG B 661 5.25 16.47 5.41
N LEU B 662 6.39 16.15 4.81
CA LEU B 662 6.43 15.58 3.46
C LEU B 662 5.57 14.32 3.35
N VAL B 663 5.85 13.33 4.18
CA VAL B 663 5.11 12.07 4.07
C VAL B 663 3.64 12.21 4.48
N LYS B 664 3.35 13.13 5.39
CA LYS B 664 1.96 13.40 5.77
C LYS B 664 1.18 13.95 4.57
N GLU B 665 1.77 14.92 3.89
CA GLU B 665 1.14 15.53 2.73
C GLU B 665 0.99 14.55 1.58
N VAL B 666 2.01 13.73 1.33
CA VAL B 666 1.88 12.72 0.27
C VAL B 666 0.80 11.70 0.63
N GLY B 667 0.73 11.35 1.91
CA GLY B 667 -0.35 10.52 2.41
C GLY B 667 -1.73 11.12 2.15
N ARG B 668 -1.86 12.44 2.24
CA ARG B 668 -3.16 13.09 1.98
C ARG B 668 -3.48 13.28 0.50
N LEU B 669 -2.49 13.65 -0.31
CA LEU B 669 -2.74 14.09 -1.69
C LEU B 669 -2.44 13.03 -2.73
N GLY B 670 -1.48 12.17 -2.41
CA GLY B 670 -0.98 11.19 -3.36
C GLY B 670 0.34 11.66 -3.94
N ILE B 671 1.07 10.74 -4.54
CA ILE B 671 2.39 11.04 -5.09
C ILE B 671 2.33 11.44 -6.58
N ARG B 672 1.19 11.22 -7.21
CA ARG B 672 1.06 11.40 -8.66
C ARG B 672 1.16 12.86 -9.10
N HIS B 673 1.03 13.80 -8.16
CA HIS B 673 1.01 15.22 -8.50
C HIS B 673 2.40 15.88 -8.50
N LEU B 674 3.43 15.14 -8.09
CA LEU B 674 4.70 15.76 -7.76
C LEU B 674 5.77 15.80 -8.84
N LYS B 675 5.45 15.28 -10.03
CA LYS B 675 6.46 15.14 -11.06
C LYS B 675 7.19 16.44 -11.46
N GLU B 676 6.45 17.55 -11.56
CA GLU B 676 7.04 18.82 -11.98
C GLU B 676 7.29 19.83 -10.86
N VAL B 677 7.33 19.37 -9.62
CA VAL B 677 7.60 20.24 -8.48
C VAL B 677 9.07 20.16 -8.06
N ASP B 678 9.77 21.30 -8.05
CA ASP B 678 11.21 21.29 -7.79
C ASP B 678 11.50 20.90 -6.34
N ARG B 679 12.62 20.21 -6.13
CA ARG B 679 12.92 19.66 -4.83
C ARG B 679 13.32 20.71 -3.77
N GLU B 680 13.61 21.93 -4.19
CA GLU B 680 13.93 23.00 -3.25
C GLU B 680 12.68 23.79 -2.83
N LYS B 681 11.57 23.54 -3.52
CA LYS B 681 10.31 24.14 -3.13
C LYS B 681 9.64 23.27 -2.08
N LEU B 682 9.43 23.82 -0.89
CA LEU B 682 8.89 23.01 0.20
C LEU B 682 7.36 23.08 0.22
N PHE B 683 6.73 22.36 -0.70
CA PHE B 683 5.29 22.48 -0.95
C PHE B 683 4.43 22.05 0.24
N PHE B 684 5.05 21.35 1.19
CA PHE B 684 4.33 20.72 2.29
C PHE B 684 4.40 21.51 3.60
N VAL B 685 5.15 22.62 3.65
CA VAL B 685 5.20 23.40 4.89
C VAL B 685 3.85 24.07 5.24
#